data_4PTA
# 
_entry.id   4PTA 
# 
_audit_conform.dict_name       mmcif_pdbx.dic 
_audit_conform.dict_version    5.387 
_audit_conform.dict_location   http://mmcif.pdb.org/dictionaries/ascii/mmcif_pdbx.dic 
# 
loop_
_database_2.database_id 
_database_2.database_code 
_database_2.pdbx_database_accession 
_database_2.pdbx_DOI 
PDB   4PTA         pdb_00004pta 10.2210/pdb4pta/pdb 
RCSB  RCSB085193   ?            ?                   
WWPDB D_1000085193 ?            ?                   
# 
loop_
_pdbx_audit_revision_history.ordinal 
_pdbx_audit_revision_history.data_content_type 
_pdbx_audit_revision_history.major_revision 
_pdbx_audit_revision_history.minor_revision 
_pdbx_audit_revision_history.revision_date 
1 'Structure model' 1 0 2014-06-25 
2 'Structure model' 1 1 2014-07-23 
3 'Structure model' 1 2 2024-02-28 
# 
_pdbx_audit_revision_details.ordinal             1 
_pdbx_audit_revision_details.revision_ordinal    1 
_pdbx_audit_revision_details.data_content_type   'Structure model' 
_pdbx_audit_revision_details.provider            repository 
_pdbx_audit_revision_details.type                'Initial release' 
_pdbx_audit_revision_details.description         ? 
_pdbx_audit_revision_details.details             ? 
# 
loop_
_pdbx_audit_revision_group.ordinal 
_pdbx_audit_revision_group.revision_ordinal 
_pdbx_audit_revision_group.data_content_type 
_pdbx_audit_revision_group.group 
1 2 'Structure model' 'Database references' 
2 3 'Structure model' 'Data collection'     
3 3 'Structure model' 'Database references' 
# 
loop_
_pdbx_audit_revision_category.ordinal 
_pdbx_audit_revision_category.revision_ordinal 
_pdbx_audit_revision_category.data_content_type 
_pdbx_audit_revision_category.category 
1 3 'Structure model' chem_comp_atom 
2 3 'Structure model' chem_comp_bond 
3 3 'Structure model' database_2     
# 
loop_
_pdbx_audit_revision_item.ordinal 
_pdbx_audit_revision_item.revision_ordinal 
_pdbx_audit_revision_item.data_content_type 
_pdbx_audit_revision_item.item 
1 3 'Structure model' '_database_2.pdbx_DOI'                
2 3 'Structure model' '_database_2.pdbx_database_accession' 
# 
_pdbx_database_status.status_code                     REL 
_pdbx_database_status.entry_id                        4PTA 
_pdbx_database_status.recvd_initial_deposition_date   2014-03-10 
_pdbx_database_status.deposit_site                    RCSB 
_pdbx_database_status.process_site                    RCSB 
_pdbx_database_status.status_code_sf                  REL 
_pdbx_database_status.status_code_mr                  ? 
_pdbx_database_status.SG_entry                        ? 
_pdbx_database_status.status_code_cs                  ? 
_pdbx_database_status.methods_development_category    ? 
_pdbx_database_status.pdb_format_compatible           Y 
_pdbx_database_status.status_code_nmr_data            ? 
# 
loop_
_pdbx_database_related.db_name 
_pdbx_database_related.db_id 
_pdbx_database_related.details 
_pdbx_database_related.content_type 
PDB 4PQK . unspecified 
PDB 4PT7 . unspecified 
PDB 4PQL . unspecified 
# 
_audit_author.name           'Schumacher, M.A.' 
_audit_author.pdbx_ordinal   1 
# 
_citation.id                        primary 
_citation.title                     
'Mechanism of staphylococcal multiresistance plasmid replication origin assembly by the RepA protein.' 
_citation.journal_abbrev            Proc.Natl.Acad.Sci.USA 
_citation.journal_volume            111 
_citation.page_first                9121 
_citation.page_last                 9126 
_citation.year                      2014 
_citation.journal_id_ASTM           PNASA6 
_citation.country                   US 
_citation.journal_id_ISSN           0027-8424 
_citation.journal_id_CSD            0040 
_citation.book_publisher            ? 
_citation.pdbx_database_id_PubMed   24927575 
_citation.pdbx_database_id_DOI      10.1073/pnas.1406065111 
# 
loop_
_citation_author.citation_id 
_citation_author.name 
_citation_author.ordinal 
_citation_author.identifier_ORCID 
primary 'Schumacher, M.A.' 1 ? 
primary 'Tonthat, N.K.'    2 ? 
primary 'Kwong, S.M.'      3 ? 
primary 'Chinnam, N.B.'    4 ? 
primary 'Liu, M.A.'        5 ? 
primary 'Skurray, R.A.'    6 ? 
primary 'Firth, N.'        7 ? 
# 
loop_
_entity.id 
_entity.type 
_entity.src_method 
_entity.pdbx_description 
_entity.formula_weight 
_entity.pdbx_number_of_molecules 
_entity.pdbx_ec 
_entity.pdbx_mutation 
_entity.pdbx_fragment 
_entity.details 
1 polymer man 'Replication initiator protein' 15518.831 1  ? ? ? ? 
2 water   nat water                           18.015    32 ? ? ? ? 
# 
_entity_poly.entity_id                      1 
_entity_poly.type                           'polypeptide(L)' 
_entity_poly.nstd_linkage                   no 
_entity_poly.nstd_monomer                   no 
_entity_poly.pdbx_seq_one_letter_code       
;MSKQFFTVEENYKERFYQLPKVFFTNPNYKDLSNDAKIAYAILRDRLQLSIKNNWIDTEGNIYFIYTVADLEVILNCGNK
KITKIKKELENVDLLIQKRQGLNKPNLLYLLKPAITKNDIYEIDKAENEVE
;
_entity_poly.pdbx_seq_one_letter_code_can   
;MSKQFFTVEENYKERFYQLPKVFFTNPNYKDLSNDAKIAYAILRDRLQLSIKNNWIDTEGNIYFIYTVADLEVILNCGNK
KITKIKKELENVDLLIQKRQGLNKPNLLYLLKPAITKNDIYEIDKAENEVE
;
_entity_poly.pdbx_strand_id                 D 
_entity_poly.pdbx_target_identifier         ? 
# 
_pdbx_entity_nonpoly.entity_id   2 
_pdbx_entity_nonpoly.name        water 
_pdbx_entity_nonpoly.comp_id     HOH 
# 
loop_
_entity_poly_seq.entity_id 
_entity_poly_seq.num 
_entity_poly_seq.mon_id 
_entity_poly_seq.hetero 
1 1   MET n 
1 2   SER n 
1 3   LYS n 
1 4   GLN n 
1 5   PHE n 
1 6   PHE n 
1 7   THR n 
1 8   VAL n 
1 9   GLU n 
1 10  GLU n 
1 11  ASN n 
1 12  TYR n 
1 13  LYS n 
1 14  GLU n 
1 15  ARG n 
1 16  PHE n 
1 17  TYR n 
1 18  GLN n 
1 19  LEU n 
1 20  PRO n 
1 21  LYS n 
1 22  VAL n 
1 23  PHE n 
1 24  PHE n 
1 25  THR n 
1 26  ASN n 
1 27  PRO n 
1 28  ASN n 
1 29  TYR n 
1 30  LYS n 
1 31  ASP n 
1 32  LEU n 
1 33  SER n 
1 34  ASN n 
1 35  ASP n 
1 36  ALA n 
1 37  LYS n 
1 38  ILE n 
1 39  ALA n 
1 40  TYR n 
1 41  ALA n 
1 42  ILE n 
1 43  LEU n 
1 44  ARG n 
1 45  ASP n 
1 46  ARG n 
1 47  LEU n 
1 48  GLN n 
1 49  LEU n 
1 50  SER n 
1 51  ILE n 
1 52  LYS n 
1 53  ASN n 
1 54  ASN n 
1 55  TRP n 
1 56  ILE n 
1 57  ASP n 
1 58  THR n 
1 59  GLU n 
1 60  GLY n 
1 61  ASN n 
1 62  ILE n 
1 63  TYR n 
1 64  PHE n 
1 65  ILE n 
1 66  TYR n 
1 67  THR n 
1 68  VAL n 
1 69  ALA n 
1 70  ASP n 
1 71  LEU n 
1 72  GLU n 
1 73  VAL n 
1 74  ILE n 
1 75  LEU n 
1 76  ASN n 
1 77  CYS n 
1 78  GLY n 
1 79  ASN n 
1 80  LYS n 
1 81  LYS n 
1 82  ILE n 
1 83  THR n 
1 84  LYS n 
1 85  ILE n 
1 86  LYS n 
1 87  LYS n 
1 88  GLU n 
1 89  LEU n 
1 90  GLU n 
1 91  ASN n 
1 92  VAL n 
1 93  ASP n 
1 94  LEU n 
1 95  LEU n 
1 96  ILE n 
1 97  GLN n 
1 98  LYS n 
1 99  ARG n 
1 100 GLN n 
1 101 GLY n 
1 102 LEU n 
1 103 ASN n 
1 104 LYS n 
1 105 PRO n 
1 106 ASN n 
1 107 LEU n 
1 108 LEU n 
1 109 TYR n 
1 110 LEU n 
1 111 LEU n 
1 112 LYS n 
1 113 PRO n 
1 114 ALA n 
1 115 ILE n 
1 116 THR n 
1 117 LYS n 
1 118 ASN n 
1 119 ASP n 
1 120 ILE n 
1 121 TYR n 
1 122 GLU n 
1 123 ILE n 
1 124 ASP n 
1 125 LYS n 
1 126 ALA n 
1 127 GLU n 
1 128 ASN n 
1 129 GLU n 
1 130 VAL n 
1 131 GLU n 
# 
_entity_src_gen.entity_id                          1 
_entity_src_gen.pdbx_src_id                        1 
_entity_src_gen.pdbx_alt_source_flag               sample 
_entity_src_gen.pdbx_seq_type                      ? 
_entity_src_gen.pdbx_beg_seq_num                   ? 
_entity_src_gen.pdbx_end_seq_num                   ? 
_entity_src_gen.gene_src_common_name               ? 
_entity_src_gen.gene_src_genus                     ? 
_entity_src_gen.pdbx_gene_src_gene                 'repA, SAUSA300_pUSA030001' 
_entity_src_gen.gene_src_species                   ? 
_entity_src_gen.gene_src_strain                    USA300 
_entity_src_gen.gene_src_tissue                    ? 
_entity_src_gen.gene_src_tissue_fraction           ? 
_entity_src_gen.gene_src_details                   ? 
_entity_src_gen.pdbx_gene_src_fragment             ? 
_entity_src_gen.pdbx_gene_src_scientific_name      'Staphylococcus aureus subsp. aureus' 
_entity_src_gen.pdbx_gene_src_ncbi_taxonomy_id     367830 
_entity_src_gen.pdbx_gene_src_variant              ? 
_entity_src_gen.pdbx_gene_src_cell_line            ? 
_entity_src_gen.pdbx_gene_src_atcc                 ? 
_entity_src_gen.pdbx_gene_src_organ                ? 
_entity_src_gen.pdbx_gene_src_organelle            ? 
_entity_src_gen.pdbx_gene_src_cell                 ? 
_entity_src_gen.pdbx_gene_src_cellular_location    ? 
_entity_src_gen.host_org_common_name               ? 
_entity_src_gen.pdbx_host_org_scientific_name      'Escherichia coli' 
_entity_src_gen.pdbx_host_org_ncbi_taxonomy_id     562 
_entity_src_gen.host_org_genus                     ? 
_entity_src_gen.pdbx_host_org_gene                 ? 
_entity_src_gen.pdbx_host_org_organ                ? 
_entity_src_gen.host_org_species                   ? 
_entity_src_gen.pdbx_host_org_tissue               ? 
_entity_src_gen.pdbx_host_org_tissue_fraction      ? 
_entity_src_gen.pdbx_host_org_strain               ? 
_entity_src_gen.pdbx_host_org_variant              ? 
_entity_src_gen.pdbx_host_org_cell_line            ? 
_entity_src_gen.pdbx_host_org_atcc                 ? 
_entity_src_gen.pdbx_host_org_culture_collection   ? 
_entity_src_gen.pdbx_host_org_cell                 ? 
_entity_src_gen.pdbx_host_org_organelle            ? 
_entity_src_gen.pdbx_host_org_cellular_location    ? 
_entity_src_gen.pdbx_host_org_vector_type          ? 
_entity_src_gen.pdbx_host_org_vector               ? 
_entity_src_gen.host_org_details                   ? 
_entity_src_gen.expression_system_id               ? 
_entity_src_gen.plasmid_name                       ? 
_entity_src_gen.plasmid_details                    ? 
_entity_src_gen.pdbx_description                   ? 
# 
loop_
_chem_comp.id 
_chem_comp.type 
_chem_comp.mon_nstd_flag 
_chem_comp.name 
_chem_comp.pdbx_synonyms 
_chem_comp.formula 
_chem_comp.formula_weight 
ALA 'L-peptide linking' y ALANINE         ? 'C3 H7 N O2'     89.093  
ARG 'L-peptide linking' y ARGININE        ? 'C6 H15 N4 O2 1' 175.209 
ASN 'L-peptide linking' y ASPARAGINE      ? 'C4 H8 N2 O3'    132.118 
ASP 'L-peptide linking' y 'ASPARTIC ACID' ? 'C4 H7 N O4'     133.103 
CYS 'L-peptide linking' y CYSTEINE        ? 'C3 H7 N O2 S'   121.158 
GLN 'L-peptide linking' y GLUTAMINE       ? 'C5 H10 N2 O3'   146.144 
GLU 'L-peptide linking' y 'GLUTAMIC ACID' ? 'C5 H9 N O4'     147.129 
GLY 'peptide linking'   y GLYCINE         ? 'C2 H5 N O2'     75.067  
HOH non-polymer         . WATER           ? 'H2 O'           18.015  
ILE 'L-peptide linking' y ISOLEUCINE      ? 'C6 H13 N O2'    131.173 
LEU 'L-peptide linking' y LEUCINE         ? 'C6 H13 N O2'    131.173 
LYS 'L-peptide linking' y LYSINE          ? 'C6 H15 N2 O2 1' 147.195 
MET 'L-peptide linking' y METHIONINE      ? 'C5 H11 N O2 S'  149.211 
PHE 'L-peptide linking' y PHENYLALANINE   ? 'C9 H11 N O2'    165.189 
PRO 'L-peptide linking' y PROLINE         ? 'C5 H9 N O2'     115.130 
SER 'L-peptide linking' y SERINE          ? 'C3 H7 N O3'     105.093 
THR 'L-peptide linking' y THREONINE       ? 'C4 H9 N O3'     119.119 
TRP 'L-peptide linking' y TRYPTOPHAN      ? 'C11 H12 N2 O2'  204.225 
TYR 'L-peptide linking' y TYROSINE        ? 'C9 H11 N O3'    181.189 
VAL 'L-peptide linking' y VALINE          ? 'C5 H11 N O2'    117.146 
# 
loop_
_pdbx_poly_seq_scheme.asym_id 
_pdbx_poly_seq_scheme.entity_id 
_pdbx_poly_seq_scheme.seq_id 
_pdbx_poly_seq_scheme.mon_id 
_pdbx_poly_seq_scheme.ndb_seq_num 
_pdbx_poly_seq_scheme.pdb_seq_num 
_pdbx_poly_seq_scheme.auth_seq_num 
_pdbx_poly_seq_scheme.pdb_mon_id 
_pdbx_poly_seq_scheme.auth_mon_id 
_pdbx_poly_seq_scheme.pdb_strand_id 
_pdbx_poly_seq_scheme.pdb_ins_code 
_pdbx_poly_seq_scheme.hetero 
A 1 1   MET 1   1   ?   ?   ?   D . n 
A 1 2   SER 2   2   ?   ?   ?   D . n 
A 1 3   LYS 3   3   ?   ?   ?   D . n 
A 1 4   GLN 4   4   4   GLN GLN D . n 
A 1 5   PHE 5   5   5   PHE PHE D . n 
A 1 6   PHE 6   6   6   PHE PHE D . n 
A 1 7   THR 7   7   7   THR THR D . n 
A 1 8   VAL 8   8   8   VAL VAL D . n 
A 1 9   GLU 9   9   9   GLU GLU D . n 
A 1 10  GLU 10  10  10  GLU GLU D . n 
A 1 11  ASN 11  11  11  ASN ASN D . n 
A 1 12  TYR 12  12  12  TYR TYR D . n 
A 1 13  LYS 13  13  13  LYS LYS D . n 
A 1 14  GLU 14  14  14  GLU GLU D . n 
A 1 15  ARG 15  15  15  ARG ARG D . n 
A 1 16  PHE 16  16  16  PHE PHE D . n 
A 1 17  TYR 17  17  17  TYR TYR D . n 
A 1 18  GLN 18  18  18  GLN GLN D . n 
A 1 19  LEU 19  19  19  LEU LEU D . n 
A 1 20  PRO 20  20  20  PRO PRO D . n 
A 1 21  LYS 21  21  21  LYS LYS D . n 
A 1 22  VAL 22  22  22  VAL VAL D . n 
A 1 23  PHE 23  23  23  PHE PHE D . n 
A 1 24  PHE 24  24  24  PHE PHE D . n 
A 1 25  THR 25  25  25  THR THR D . n 
A 1 26  ASN 26  26  26  ASN ASN D . n 
A 1 27  PRO 27  27  27  PRO PRO D . n 
A 1 28  ASN 28  28  28  ASN ASN D . n 
A 1 29  TYR 29  29  29  TYR TYR D . n 
A 1 30  LYS 30  30  30  LYS LYS D . n 
A 1 31  ASP 31  31  31  ASP ASP D . n 
A 1 32  LEU 32  32  32  LEU LEU D . n 
A 1 33  SER 33  33  33  SER SER D . n 
A 1 34  ASN 34  34  34  ASN ASN D . n 
A 1 35  ASP 35  35  35  ASP ASP D . n 
A 1 36  ALA 36  36  36  ALA ALA D . n 
A 1 37  LYS 37  37  37  LYS LYS D . n 
A 1 38  ILE 38  38  38  ILE ILE D . n 
A 1 39  ALA 39  39  39  ALA ALA D . n 
A 1 40  TYR 40  40  40  TYR TYR D . n 
A 1 41  ALA 41  41  41  ALA ALA D . n 
A 1 42  ILE 42  42  42  ILE ILE D . n 
A 1 43  LEU 43  43  43  LEU LEU D . n 
A 1 44  ARG 44  44  44  ARG ARG D . n 
A 1 45  ASP 45  45  45  ASP ASP D . n 
A 1 46  ARG 46  46  46  ARG ARG D . n 
A 1 47  LEU 47  47  47  LEU LEU D . n 
A 1 48  GLN 48  48  48  GLN GLN D . n 
A 1 49  LEU 49  49  49  LEU LEU D . n 
A 1 50  SER 50  50  50  SER SER D . n 
A 1 51  ILE 51  51  51  ILE ILE D . n 
A 1 52  LYS 52  52  52  LYS LYS D . n 
A 1 53  ASN 53  53  53  ASN ASN D . n 
A 1 54  ASN 54  54  54  ASN ASN D . n 
A 1 55  TRP 55  55  55  TRP TRP D . n 
A 1 56  ILE 56  56  56  ILE ILE D . n 
A 1 57  ASP 57  57  57  ASP ASP D . n 
A 1 58  THR 58  58  58  THR THR D . n 
A 1 59  GLU 59  59  59  GLU GLU D . n 
A 1 60  GLY 60  60  60  GLY GLY D . n 
A 1 61  ASN 61  61  61  ASN ASN D . n 
A 1 62  ILE 62  62  62  ILE ILE D . n 
A 1 63  TYR 63  63  63  TYR TYR D . n 
A 1 64  PHE 64  64  64  PHE PHE D . n 
A 1 65  ILE 65  65  65  ILE ILE D . n 
A 1 66  TYR 66  66  66  TYR TYR D . n 
A 1 67  THR 67  67  67  THR THR D . n 
A 1 68  VAL 68  68  68  VAL VAL D . n 
A 1 69  ALA 69  69  69  ALA ALA D . n 
A 1 70  ASP 70  70  70  ASP ASP D . n 
A 1 71  LEU 71  71  71  LEU LEU D . n 
A 1 72  GLU 72  72  72  GLU GLU D . n 
A 1 73  VAL 73  73  73  VAL VAL D . n 
A 1 74  ILE 74  74  74  ILE ILE D . n 
A 1 75  LEU 75  75  75  LEU LEU D . n 
A 1 76  ASN 76  76  76  ASN ASN D . n 
A 1 77  CYS 77  77  77  CYS CYS D . n 
A 1 78  GLY 78  78  78  GLY GLY D . n 
A 1 79  ASN 79  79  79  ASN ASN D . n 
A 1 80  LYS 80  80  80  LYS LYS D . n 
A 1 81  LYS 81  81  81  LYS LYS D . n 
A 1 82  ILE 82  82  82  ILE ILE D . n 
A 1 83  THR 83  83  83  THR THR D . n 
A 1 84  LYS 84  84  84  LYS LYS D . n 
A 1 85  ILE 85  85  85  ILE ILE D . n 
A 1 86  LYS 86  86  86  LYS LYS D . n 
A 1 87  LYS 87  87  87  LYS LYS D . n 
A 1 88  GLU 88  88  88  GLU GLU D . n 
A 1 89  LEU 89  89  89  LEU LEU D . n 
A 1 90  GLU 90  90  90  GLU GLU D . n 
A 1 91  ASN 91  91  91  ASN ASN D . n 
A 1 92  VAL 92  92  92  VAL VAL D . n 
A 1 93  ASP 93  93  93  ASP ASP D . n 
A 1 94  LEU 94  94  94  LEU LEU D . n 
A 1 95  LEU 95  95  95  LEU LEU D . n 
A 1 96  ILE 96  96  96  ILE ILE D . n 
A 1 97  GLN 97  97  97  GLN GLN D . n 
A 1 98  LYS 98  98  98  LYS LYS D . n 
A 1 99  ARG 99  99  99  ARG ALA D . n 
A 1 100 GLN 100 100 ?   ?   ?   D . n 
A 1 101 GLY 101 101 ?   ?   ?   D . n 
A 1 102 LEU 102 102 ?   ?   ?   D . n 
A 1 103 ASN 103 103 ?   ?   ?   D . n 
A 1 104 LYS 104 104 ?   ?   ?   D . n 
A 1 105 PRO 105 105 105 PRO PRO D . n 
A 1 106 ASN 106 106 106 ASN GLN D . n 
A 1 107 LEU 107 107 107 LEU LEU D . n 
A 1 108 LEU 108 108 108 LEU LEU D . n 
A 1 109 TYR 109 109 109 TYR TYR D . n 
A 1 110 LEU 110 110 110 LEU LEU D . n 
A 1 111 LEU 111 111 111 LEU LEU D . n 
A 1 112 LYS 112 112 112 LYS LYS D . n 
A 1 113 PRO 113 113 113 PRO PRO D . n 
A 1 114 ALA 114 114 114 ALA ALA D . n 
A 1 115 ILE 115 115 115 ILE ILE D . n 
A 1 116 THR 116 116 116 THR THR D . n 
A 1 117 LYS 117 117 117 LYS LYS D . n 
A 1 118 ASN 118 118 118 ASN ASN D . n 
A 1 119 ASP 119 119 119 ASP ASP D . n 
A 1 120 ILE 120 120 120 ILE ILE D . n 
A 1 121 TYR 121 121 121 TYR TYR D . n 
A 1 122 GLU 122 122 122 GLU GLU D . n 
A 1 123 ILE 123 123 123 ILE ILE D . n 
A 1 124 ASP 124 124 124 ASP ASP D . n 
A 1 125 LYS 125 125 125 LYS LYS D . n 
A 1 126 ALA 126 126 126 ALA ALA D . n 
A 1 127 GLU 127 127 127 GLU GLU D . n 
A 1 128 ASN 128 128 128 ASN ASN D . n 
A 1 129 GLU 129 129 129 GLU GLU D . n 
A 1 130 VAL 130 130 ?   ?   ?   D . n 
A 1 131 GLU 131 131 ?   ?   ?   D . n 
# 
loop_
_pdbx_nonpoly_scheme.asym_id 
_pdbx_nonpoly_scheme.entity_id 
_pdbx_nonpoly_scheme.mon_id 
_pdbx_nonpoly_scheme.ndb_seq_num 
_pdbx_nonpoly_scheme.pdb_seq_num 
_pdbx_nonpoly_scheme.auth_seq_num 
_pdbx_nonpoly_scheme.pdb_mon_id 
_pdbx_nonpoly_scheme.auth_mon_id 
_pdbx_nonpoly_scheme.pdb_strand_id 
_pdbx_nonpoly_scheme.pdb_ins_code 
B 2 HOH 1  201 1  HOH HOH D . 
B 2 HOH 2  202 2  HOH HOH D . 
B 2 HOH 3  203 3  HOH HOH D . 
B 2 HOH 4  204 4  HOH HOH D . 
B 2 HOH 5  205 5  HOH HOH D . 
B 2 HOH 6  206 6  HOH HOH D . 
B 2 HOH 7  207 7  HOH HOH D . 
B 2 HOH 8  208 8  HOH HOH D . 
B 2 HOH 9  209 9  HOH HOH D . 
B 2 HOH 10 210 10 HOH HOH D . 
B 2 HOH 11 211 11 HOH HOH D . 
B 2 HOH 12 212 12 HOH HOH D . 
B 2 HOH 13 213 13 HOH HOH D . 
B 2 HOH 14 214 14 HOH HOH D . 
B 2 HOH 15 215 15 HOH HOH D . 
B 2 HOH 16 216 16 HOH HOH D . 
B 2 HOH 17 217 17 HOH HOH D . 
B 2 HOH 18 218 18 HOH HOH D . 
B 2 HOH 19 219 19 HOH HOH D . 
B 2 HOH 20 220 20 HOH HOH D . 
B 2 HOH 21 221 21 HOH HOH D . 
B 2 HOH 22 222 22 HOH HOH D . 
B 2 HOH 23 223 23 HOH HOH D . 
B 2 HOH 24 224 24 HOH HOH D . 
B 2 HOH 25 225 25 HOH HOH D . 
B 2 HOH 26 226 26 HOH HOH D . 
B 2 HOH 27 227 27 HOH HOH D . 
B 2 HOH 28 228 28 HOH HOH D . 
B 2 HOH 29 229 29 HOH HOH D . 
B 2 HOH 30 230 30 HOH HOH D . 
B 2 HOH 31 231 31 HOH HOH D . 
B 2 HOH 32 232 32 HOH HOH D . 
# 
loop_
_pdbx_unobs_or_zero_occ_atoms.id 
_pdbx_unobs_or_zero_occ_atoms.PDB_model_num 
_pdbx_unobs_or_zero_occ_atoms.polymer_flag 
_pdbx_unobs_or_zero_occ_atoms.occupancy_flag 
_pdbx_unobs_or_zero_occ_atoms.auth_asym_id 
_pdbx_unobs_or_zero_occ_atoms.auth_comp_id 
_pdbx_unobs_or_zero_occ_atoms.auth_seq_id 
_pdbx_unobs_or_zero_occ_atoms.PDB_ins_code 
_pdbx_unobs_or_zero_occ_atoms.auth_atom_id 
_pdbx_unobs_or_zero_occ_atoms.label_alt_id 
_pdbx_unobs_or_zero_occ_atoms.label_asym_id 
_pdbx_unobs_or_zero_occ_atoms.label_comp_id 
_pdbx_unobs_or_zero_occ_atoms.label_seq_id 
_pdbx_unobs_or_zero_occ_atoms.label_atom_id 
1 1 Y 1 D ARG 99 ? CG  ? A ARG 99 CG  
2 1 Y 1 D ARG 99 ? CD  ? A ARG 99 CD  
3 1 Y 1 D ARG 99 ? NE  ? A ARG 99 NE  
4 1 Y 1 D ARG 99 ? CZ  ? A ARG 99 CZ  
5 1 Y 1 D ARG 99 ? NH1 ? A ARG 99 NH1 
6 1 Y 1 D ARG 99 ? NH2 ? A ARG 99 NH2 
# 
loop_
_software.name 
_software.classification 
_software.version 
_software.citation_id 
_software.pdbx_ordinal 
ADSC   'data collection' Quantum                      ? 1 
SOLVE  phasing           .                            ? 2 
PHENIX refinement        '(phenix.refine: 1.6.4_486)' ? 3 
MOSFLM 'data reduction'  .                            ? 4 
SCALA  'data scaling'    .                            ? 5 
# 
_cell.entry_id           4PTA 
_cell.length_a           101.460 
_cell.length_b           101.460 
_cell.length_c           62.780 
_cell.angle_alpha        90.00 
_cell.angle_beta         90.00 
_cell.angle_gamma        90.00 
_cell.Z_PDB              16 
_cell.pdbx_unique_axis   ? 
_cell.length_a_esd       ? 
_cell.length_b_esd       ? 
_cell.length_c_esd       ? 
_cell.angle_alpha_esd    ? 
_cell.angle_beta_esd     ? 
_cell.angle_gamma_esd    ? 
# 
_symmetry.entry_id                         4PTA 
_symmetry.space_group_name_H-M             'I 41 2 2' 
_symmetry.pdbx_full_space_group_name_H-M   ? 
_symmetry.cell_setting                     ? 
_symmetry.Int_Tables_number                98 
_symmetry.space_group_name_Hall            ? 
# 
_exptl.entry_id          4PTA 
_exptl.method            'X-RAY DIFFRACTION' 
_exptl.crystals_number   1 
# 
_exptl_crystal.id                    1 
_exptl_crystal.density_meas          ? 
_exptl_crystal.density_Matthews      2.56 
_exptl_crystal.density_percent_sol   51.92 
_exptl_crystal.description           ? 
_exptl_crystal.F_000                 ? 
_exptl_crystal.preparation           ? 
# 
_exptl_crystal_grow.crystal_id      1 
_exptl_crystal_grow.method          'VAPOR DIFFUSION, HANGING DROP' 
_exptl_crystal_grow.temp            275 
_exptl_crystal_grow.temp_details    ? 
_exptl_crystal_grow.pH              5.6 
_exptl_crystal_grow.pdbx_pH_range   ? 
_exptl_crystal_grow.pdbx_details    '1 M Citrate, pH 5.6, VAPOR DIFFUSION, HANGING DROP, temperature 275K' 
# 
_diffrn.id                     1 
_diffrn.ambient_temp           100 
_diffrn.ambient_temp_details   ? 
_diffrn.crystal_id             1 
# 
_diffrn_detector.diffrn_id              1 
_diffrn_detector.detector               CCD 
_diffrn_detector.type                   'ADSC QUANTUM 315r' 
_diffrn_detector.pdbx_collection_date   2012-03-23 
_diffrn_detector.details                mirrors 
# 
_diffrn_radiation.diffrn_id                        1 
_diffrn_radiation.wavelength_id                    1 
_diffrn_radiation.pdbx_monochromatic_or_laue_m_l   M 
_diffrn_radiation.monochromator                    si 
_diffrn_radiation.pdbx_diffrn_protocol             'SINGLE WAVELENGTH' 
_diffrn_radiation.pdbx_scattering_type             x-ray 
# 
_diffrn_radiation_wavelength.id           1 
_diffrn_radiation_wavelength.wavelength   1 
_diffrn_radiation_wavelength.wt           1.0 
# 
_diffrn_source.diffrn_id                   1 
_diffrn_source.source                      SYNCHROTRON 
_diffrn_source.type                        'ALS BEAMLINE 8.3.1' 
_diffrn_source.pdbx_synchrotron_site       ALS 
_diffrn_source.pdbx_synchrotron_beamline   8.3.1 
_diffrn_source.pdbx_wavelength             ? 
_diffrn_source.pdbx_wavelength_list        1 
# 
_reflns.pdbx_diffrn_id               1 
_reflns.pdbx_ordinal                 1 
_reflns.entry_id                     4PTA 
_reflns.observed_criterion_sigma_I   0 
_reflns.observed_criterion_sigma_F   0 
_reflns.d_resolution_low             67 
_reflns.d_resolution_high            2.6 
_reflns.number_obs                   5166 
_reflns.number_all                   5120 
_reflns.percent_possible_obs         99 
_reflns.pdbx_Rmerge_I_obs            0.057 
_reflns.pdbx_Rsym_value              0.060 
_reflns.pdbx_netI_over_sigmaI        13.8 
_reflns.B_iso_Wilson_estimate        ? 
_reflns.pdbx_redundancy              3.5 
_reflns.R_free_details               ? 
_reflns.limit_h_max                  ? 
_reflns.limit_h_min                  ? 
_reflns.limit_k_max                  ? 
_reflns.limit_k_min                  ? 
_reflns.limit_l_max                  ? 
_reflns.limit_l_min                  ? 
_reflns.observed_criterion_F_max     ? 
_reflns.observed_criterion_F_min     ? 
_reflns.pdbx_chi_squared             ? 
_reflns.pdbx_scaling_rejects         ? 
# 
_reflns_shell.pdbx_diffrn_id         1 
_reflns_shell.pdbx_ordinal           1 
_reflns_shell.d_res_high             2.6 
_reflns_shell.d_res_low              2.67 
_reflns_shell.percent_possible_all   91.7 
_reflns_shell.Rmerge_I_obs           0.313 
_reflns_shell.pdbx_Rsym_value        0.332 
_reflns_shell.meanI_over_sigI_obs    2.7 
_reflns_shell.pdbx_redundancy        2.44 
_reflns_shell.percent_possible_obs   ? 
_reflns_shell.number_unique_all      ? 
_reflns_shell.number_measured_all    ? 
_reflns_shell.number_measured_obs    ? 
_reflns_shell.number_unique_obs      ? 
_reflns_shell.pdbx_chi_squared       ? 
# 
_refine.pdbx_refine_id                           'X-RAY DIFFRACTION' 
_refine.entry_id                                 4PTA 
_refine.pdbx_diffrn_id                           1 
_refine.pdbx_TLS_residual_ADP_flag               ? 
_refine.ls_number_reflns_obs                     5116 
_refine.ls_number_reflns_all                     5120 
_refine.pdbx_ls_sigma_I                          ? 
_refine.pdbx_ls_sigma_F                          1.460 
_refine.pdbx_data_cutoff_high_absF               ? 
_refine.pdbx_data_cutoff_low_absF                ? 
_refine.pdbx_data_cutoff_high_rms_absF           ? 
_refine.ls_d_res_low                             23.62 
_refine.ls_d_res_high                            2.6003 
_refine.ls_percent_reflns_obs                    97.0 
_refine.ls_R_factor_obs                          0.231 
_refine.ls_R_factor_all                          ? 
_refine.ls_R_factor_R_work                       0.225 
_refine.ls_R_factor_R_free                       0.281 
_refine.ls_R_factor_R_free_error                 ? 
_refine.ls_R_factor_R_free_error_details         ? 
_refine.ls_percent_reflns_R_free                 9.990 
_refine.ls_number_reflns_R_free                  511 
_refine.ls_number_parameters                     ? 
_refine.ls_number_restraints                     ? 
_refine.occupancy_min                            ? 
_refine.occupancy_max                            ? 
_refine.correlation_coeff_Fo_to_Fc               ? 
_refine.correlation_coeff_Fo_to_Fc_free          ? 
_refine.B_iso_mean                               ? 
_refine.aniso_B[1][1]                            4.52090 
_refine.aniso_B[2][2]                            4.52090 
_refine.aniso_B[3][3]                            -9.04180 
_refine.aniso_B[1][2]                            0.00000 
_refine.aniso_B[1][3]                            -0.00000 
_refine.aniso_B[2][3]                            0.00000 
_refine.solvent_model_details                    'FLAT BULK SOLVENT MODEL' 
_refine.solvent_model_param_ksol                 0.45 
_refine.solvent_model_param_bsol                 63.92 
_refine.pdbx_solvent_vdw_probe_radii             1.00 
_refine.pdbx_solvent_ion_probe_radii             ? 
_refine.pdbx_solvent_shrinkage_radii             0.72 
_refine.pdbx_ls_cross_valid_method               ? 
_refine.details                                  ? 
_refine.pdbx_starting_model                      ? 
_refine.pdbx_method_to_determine_struct          SIRAS 
_refine.pdbx_isotropic_thermal_model             ? 
_refine.pdbx_stereochemistry_target_values       ML 
_refine.pdbx_stereochem_target_val_spec_case     ? 
_refine.pdbx_R_Free_selection_details            ? 
_refine.pdbx_overall_ESU_R                       ? 
_refine.pdbx_overall_ESU_R_Free                  ? 
_refine.overall_SU_ML                            0.390 
_refine.pdbx_overall_phase_error                 28.530 
_refine.overall_SU_B                             ? 
_refine.overall_SU_R_Cruickshank_DPI             ? 
_refine.pdbx_overall_SU_R_free_Cruickshank_DPI   ? 
_refine.pdbx_overall_SU_R_Blow_DPI               ? 
_refine.pdbx_overall_SU_R_free_Blow_DPI          ? 
_refine.ls_redundancy_reflns_obs                 ? 
_refine.B_iso_min                                ? 
_refine.B_iso_max                                ? 
_refine.overall_SU_R_free                        ? 
_refine.ls_wR_factor_R_free                      ? 
_refine.ls_wR_factor_R_work                      ? 
_refine.overall_FOM_free_R_set                   ? 
_refine.overall_FOM_work_R_set                   ? 
# 
_refine_hist.pdbx_refine_id                   'X-RAY DIFFRACTION' 
_refine_hist.cycle_id                         LAST 
_refine_hist.pdbx_number_atoms_protein        1011 
_refine_hist.pdbx_number_atoms_nucleic_acid   0 
_refine_hist.pdbx_number_atoms_ligand         0 
_refine_hist.number_atoms_solvent             32 
_refine_hist.number_atoms_total               1043 
_refine_hist.d_res_high                       2.6003 
_refine_hist.d_res_low                        23.62 
# 
loop_
_refine_ls_restr.type 
_refine_ls_restr.dev_ideal 
_refine_ls_restr.dev_ideal_target 
_refine_ls_restr.weight 
_refine_ls_restr.number 
_refine_ls_restr.pdbx_refine_id 
_refine_ls_restr.pdbx_restraint_function 
f_bond_d           0.003  ? ? 1038 'X-RAY DIFFRACTION' ? 
f_angle_d          0.648  ? ? 1402 'X-RAY DIFFRACTION' ? 
f_dihedral_angle_d 17.507 ? ? 396  'X-RAY DIFFRACTION' ? 
f_chiral_restr     0.042  ? ? 159  'X-RAY DIFFRACTION' ? 
f_plane_restr      0.002  ? ? 177  'X-RAY DIFFRACTION' ? 
# 
loop_
_refine_ls_shell.pdbx_refine_id 
_refine_ls_shell.pdbx_total_number_of_bins_used 
_refine_ls_shell.d_res_high 
_refine_ls_shell.d_res_low 
_refine_ls_shell.number_reflns_R_work 
_refine_ls_shell.R_factor_R_work 
_refine_ls_shell.percent_reflns_obs 
_refine_ls_shell.R_factor_R_free 
_refine_ls_shell.R_factor_R_free_error 
_refine_ls_shell.percent_reflns_R_free 
_refine_ls_shell.number_reflns_R_free 
_refine_ls_shell.number_reflns_all 
_refine_ls_shell.R_factor_all 
_refine_ls_shell.redundancy_reflns_obs 
_refine_ls_shell.number_reflns_obs 
'X-RAY DIFFRACTION' . 2.6003 2.8616  1157 0.3062 100.00 0.4808 . . 128 . . . . 
'X-RAY DIFFRACTION' . 2.8616 3.2747  1169 0.2456 100.00 0.2863 . . 130 . . . . 
'X-RAY DIFFRACTION' . 3.2747 4.1223  1177 0.1891 100.00 0.2549 . . 131 . . . . 
'X-RAY DIFFRACTION' . 4.1223 23.6236 1102 0.2191 89.00  0.2484 . . 122 . . . . 
# 
_struct.entry_id                  4PTA 
_struct.title                     'Structure of MDR initiator' 
_struct.pdbx_model_details        ? 
_struct.pdbx_CASP_flag            ? 
_struct.pdbx_model_type_details   ? 
# 
_struct_keywords.entry_id        4PTA 
_struct_keywords.pdbx_keywords   REPLICATION 
_struct_keywords.text            'initiation, replication, multidrug resistance, PROTEIN BINDING' 
# 
loop_
_struct_asym.id 
_struct_asym.pdbx_blank_PDB_chainid_flag 
_struct_asym.pdbx_modified 
_struct_asym.entity_id 
_struct_asym.details 
A N N 1 ? 
B N N 2 ? 
# 
_struct_ref.id                         1 
_struct_ref.db_name                    UNP 
_struct_ref.db_code                    Q2FDD7_STAA3 
_struct_ref.pdbx_db_accession          Q2FDD7 
_struct_ref.entity_id                  1 
_struct_ref.pdbx_seq_one_letter_code   
;MSKQFFTVEENYKERFYQLPKVFFTNPNYKDLSNDAKIAYAILRDRLQLSIKNNWIDTEGNIYFIYTVADLEVILNCGNK
KITKIKKELENVDLLIQKRQGLNKPNLLYLLKPAITKNDIYEIDKAENEVE
;
_struct_ref.pdbx_align_begin           1 
_struct_ref.pdbx_db_isoform            ? 
# 
_struct_ref_seq.align_id                      1 
_struct_ref_seq.ref_id                        1 
_struct_ref_seq.pdbx_PDB_id_code              4PTA 
_struct_ref_seq.pdbx_strand_id                D 
_struct_ref_seq.seq_align_beg                 1 
_struct_ref_seq.pdbx_seq_align_beg_ins_code   ? 
_struct_ref_seq.seq_align_end                 131 
_struct_ref_seq.pdbx_seq_align_end_ins_code   ? 
_struct_ref_seq.pdbx_db_accession             Q2FDD7 
_struct_ref_seq.db_align_beg                  1 
_struct_ref_seq.pdbx_db_align_beg_ins_code    ? 
_struct_ref_seq.db_align_end                  131 
_struct_ref_seq.pdbx_db_align_end_ins_code    ? 
_struct_ref_seq.pdbx_auth_seq_align_beg       1 
_struct_ref_seq.pdbx_auth_seq_align_end       131 
# 
_pdbx_struct_assembly.id                   1 
_pdbx_struct_assembly.details              author_and_software_defined_assembly 
_pdbx_struct_assembly.method_details       PISA 
_pdbx_struct_assembly.oligomeric_details   tetrameric 
_pdbx_struct_assembly.oligomeric_count     4 
# 
loop_
_pdbx_struct_assembly_prop.biol_id 
_pdbx_struct_assembly_prop.type 
_pdbx_struct_assembly_prop.value 
_pdbx_struct_assembly_prop.details 
1 'ABSA (A^2)' 12830 ? 
1 MORE         -45   ? 
1 'SSA (A^2)'  22640 ? 
# 
_pdbx_struct_assembly_gen.assembly_id       1 
_pdbx_struct_assembly_gen.oper_expression   1,2,3,4 
_pdbx_struct_assembly_gen.asym_id_list      A,B 
# 
loop_
_pdbx_struct_oper_list.id 
_pdbx_struct_oper_list.type 
_pdbx_struct_oper_list.name 
_pdbx_struct_oper_list.symmetry_operation 
_pdbx_struct_oper_list.matrix[1][1] 
_pdbx_struct_oper_list.matrix[1][2] 
_pdbx_struct_oper_list.matrix[1][3] 
_pdbx_struct_oper_list.vector[1] 
_pdbx_struct_oper_list.matrix[2][1] 
_pdbx_struct_oper_list.matrix[2][2] 
_pdbx_struct_oper_list.matrix[2][3] 
_pdbx_struct_oper_list.vector[2] 
_pdbx_struct_oper_list.matrix[3][1] 
_pdbx_struct_oper_list.matrix[3][2] 
_pdbx_struct_oper_list.matrix[3][3] 
_pdbx_struct_oper_list.vector[3] 
1 'identity operation'         1_555  x,y,z    1.0000000000  0.0000000000  0.0000000000  0.0000000000  0.0000000000  1.0000000000  0.0000000000  0.0000000000  0.0000000000  0.0000000000  1.0000000000  0.0000000000   
2 'crystal symmetry operation' 8_555  -y,-x,-z -0.9364694360 -0.2680749044 -0.2261876235 18.1515930724 -0.2680749044 0.1311745070  0.9544260549  18.1182127632 -0.2261876235 0.9544260549  -0.1947050710 -16.3751541896 
3 'crystal symmetry operation' 10_555 -x,-y,z  0.9092653435  0.1149496679  0.4000288851  1.2519056087  0.1149496679  -0.9930793139 0.0240842310  24.8280161138 0.4000288851  0.0240842310  -0.9161860296 -13.1095338212 
4 'crystal symmetry operation' 15_555 y,x,-z   -0.9727959075 0.1531252366  -0.1738412616 13.2886679856 0.1531252366  -0.1380951931 -0.9785102859 8.5273304138  -0.1738412616 -0.9785102859 0.1108911006  9.5906784404 
# 
_struct_biol.id        1 
_struct_biol.details   ? 
# 
loop_
_struct_conf.conf_type_id 
_struct_conf.id 
_struct_conf.pdbx_PDB_helix_id 
_struct_conf.beg_label_comp_id 
_struct_conf.beg_label_asym_id 
_struct_conf.beg_label_seq_id 
_struct_conf.pdbx_beg_PDB_ins_code 
_struct_conf.end_label_comp_id 
_struct_conf.end_label_asym_id 
_struct_conf.end_label_seq_id 
_struct_conf.pdbx_end_PDB_ins_code 
_struct_conf.beg_auth_comp_id 
_struct_conf.beg_auth_asym_id 
_struct_conf.beg_auth_seq_id 
_struct_conf.end_auth_comp_id 
_struct_conf.end_auth_asym_id 
_struct_conf.end_auth_seq_id 
_struct_conf.pdbx_PDB_helix_class 
_struct_conf.details 
_struct_conf.pdbx_PDB_helix_length 
HELX_P HELX_P1 1 THR A 7   ? GLU A 14  ? THR D 7   GLU D 14  1 ? 8  
HELX_P HELX_P2 2 PRO A 20  ? THR A 25  ? PRO D 20  THR D 25  5 ? 6  
HELX_P HELX_P3 3 ASN A 26  ? ASP A 31  ? ASN D 26  ASP D 31  1 ? 6  
HELX_P HELX_P4 4 SER A 33  ? ASP A 45  ? SER D 33  ASP D 45  1 ? 13 
HELX_P HELX_P5 5 ARG A 46  ? ASN A 53  ? ARG D 46  ASN D 53  1 ? 8  
HELX_P HELX_P6 6 THR A 67  ? LEU A 75  ? THR D 67  LEU D 75  1 ? 9  
HELX_P HELX_P7 7 GLY A 78  ? VAL A 92  ? GLY D 78  VAL D 92  1 ? 15 
HELX_P HELX_P8 8 THR A 116 ? ASN A 128 ? THR D 116 ASN D 128 1 ? 13 
# 
_struct_conf_type.id          HELX_P 
_struct_conf_type.criteria    ? 
_struct_conf_type.reference   ? 
# 
_struct_sheet.id               A 
_struct_sheet.type             ? 
_struct_sheet.number_strands   2 
_struct_sheet.details          ? 
# 
_struct_sheet_order.sheet_id     A 
_struct_sheet_order.range_id_1   1 
_struct_sheet_order.range_id_2   2 
_struct_sheet_order.offset       ? 
_struct_sheet_order.sense        anti-parallel 
# 
loop_
_struct_sheet_range.sheet_id 
_struct_sheet_range.id 
_struct_sheet_range.beg_label_comp_id 
_struct_sheet_range.beg_label_asym_id 
_struct_sheet_range.beg_label_seq_id 
_struct_sheet_range.pdbx_beg_PDB_ins_code 
_struct_sheet_range.end_label_comp_id 
_struct_sheet_range.end_label_asym_id 
_struct_sheet_range.end_label_seq_id 
_struct_sheet_range.pdbx_end_PDB_ins_code 
_struct_sheet_range.beg_auth_comp_id 
_struct_sheet_range.beg_auth_asym_id 
_struct_sheet_range.beg_auth_seq_id 
_struct_sheet_range.end_auth_comp_id 
_struct_sheet_range.end_auth_asym_id 
_struct_sheet_range.end_auth_seq_id 
A 1 LEU A 95  ? GLN A 97  ? LEU D 95  GLN D 97  
A 2 LEU A 108 ? LEU A 110 ? LEU D 108 LEU D 110 
# 
_pdbx_struct_sheet_hbond.sheet_id                A 
_pdbx_struct_sheet_hbond.range_id_1              1 
_pdbx_struct_sheet_hbond.range_id_2              2 
_pdbx_struct_sheet_hbond.range_1_label_atom_id   N 
_pdbx_struct_sheet_hbond.range_1_label_comp_id   ILE 
_pdbx_struct_sheet_hbond.range_1_label_asym_id   A 
_pdbx_struct_sheet_hbond.range_1_label_seq_id    96 
_pdbx_struct_sheet_hbond.range_1_PDB_ins_code    ? 
_pdbx_struct_sheet_hbond.range_1_auth_atom_id    N 
_pdbx_struct_sheet_hbond.range_1_auth_comp_id    ILE 
_pdbx_struct_sheet_hbond.range_1_auth_asym_id    D 
_pdbx_struct_sheet_hbond.range_1_auth_seq_id     96 
_pdbx_struct_sheet_hbond.range_2_label_atom_id   O 
_pdbx_struct_sheet_hbond.range_2_label_comp_id   TYR 
_pdbx_struct_sheet_hbond.range_2_label_asym_id   A 
_pdbx_struct_sheet_hbond.range_2_label_seq_id    109 
_pdbx_struct_sheet_hbond.range_2_PDB_ins_code    ? 
_pdbx_struct_sheet_hbond.range_2_auth_atom_id    O 
_pdbx_struct_sheet_hbond.range_2_auth_comp_id    TYR 
_pdbx_struct_sheet_hbond.range_2_auth_asym_id    D 
_pdbx_struct_sheet_hbond.range_2_auth_seq_id     109 
# 
_pdbx_validate_close_contact.id               1 
_pdbx_validate_close_contact.PDB_model_num    1 
_pdbx_validate_close_contact.auth_atom_id_1   O 
_pdbx_validate_close_contact.auth_asym_id_1   D 
_pdbx_validate_close_contact.auth_comp_id_1   HOH 
_pdbx_validate_close_contact.auth_seq_id_1    214 
_pdbx_validate_close_contact.PDB_ins_code_1   ? 
_pdbx_validate_close_contact.label_alt_id_1   ? 
_pdbx_validate_close_contact.auth_atom_id_2   O 
_pdbx_validate_close_contact.auth_asym_id_2   D 
_pdbx_validate_close_contact.auth_comp_id_2   HOH 
_pdbx_validate_close_contact.auth_seq_id_2    217 
_pdbx_validate_close_contact.PDB_ins_code_2   ? 
_pdbx_validate_close_contact.label_alt_id_2   ? 
_pdbx_validate_close_contact.dist             2.16 
# 
loop_
_pdbx_validate_torsion.id 
_pdbx_validate_torsion.PDB_model_num 
_pdbx_validate_torsion.auth_comp_id 
_pdbx_validate_torsion.auth_asym_id 
_pdbx_validate_torsion.auth_seq_id 
_pdbx_validate_torsion.PDB_ins_code 
_pdbx_validate_torsion.label_alt_id 
_pdbx_validate_torsion.phi 
_pdbx_validate_torsion.psi 
1 1 THR D 25 ? ? -134.97 -38.25 
2 1 ASN D 53 ? ? -67.87  4.92   
# 
loop_
_pdbx_unobs_or_zero_occ_residues.id 
_pdbx_unobs_or_zero_occ_residues.PDB_model_num 
_pdbx_unobs_or_zero_occ_residues.polymer_flag 
_pdbx_unobs_or_zero_occ_residues.occupancy_flag 
_pdbx_unobs_or_zero_occ_residues.auth_asym_id 
_pdbx_unobs_or_zero_occ_residues.auth_comp_id 
_pdbx_unobs_or_zero_occ_residues.auth_seq_id 
_pdbx_unobs_or_zero_occ_residues.PDB_ins_code 
_pdbx_unobs_or_zero_occ_residues.label_asym_id 
_pdbx_unobs_or_zero_occ_residues.label_comp_id 
_pdbx_unobs_or_zero_occ_residues.label_seq_id 
1  1 Y 1 D MET 1   ? A MET 1   
2  1 Y 1 D SER 2   ? A SER 2   
3  1 Y 1 D LYS 3   ? A LYS 3   
4  1 Y 1 D GLN 100 ? A GLN 100 
5  1 Y 1 D GLY 101 ? A GLY 101 
6  1 Y 1 D LEU 102 ? A LEU 102 
7  1 Y 1 D ASN 103 ? A ASN 103 
8  1 Y 1 D LYS 104 ? A LYS 104 
9  1 Y 1 D VAL 130 ? A VAL 130 
10 1 Y 1 D GLU 131 ? A GLU 131 
# 
loop_
_chem_comp_atom.comp_id 
_chem_comp_atom.atom_id 
_chem_comp_atom.type_symbol 
_chem_comp_atom.pdbx_aromatic_flag 
_chem_comp_atom.pdbx_stereo_config 
_chem_comp_atom.pdbx_ordinal 
ALA N    N N N 1   
ALA CA   C N S 2   
ALA C    C N N 3   
ALA O    O N N 4   
ALA CB   C N N 5   
ALA OXT  O N N 6   
ALA H    H N N 7   
ALA H2   H N N 8   
ALA HA   H N N 9   
ALA HB1  H N N 10  
ALA HB2  H N N 11  
ALA HB3  H N N 12  
ALA HXT  H N N 13  
ARG N    N N N 14  
ARG CA   C N S 15  
ARG C    C N N 16  
ARG O    O N N 17  
ARG CB   C N N 18  
ARG CG   C N N 19  
ARG CD   C N N 20  
ARG NE   N N N 21  
ARG CZ   C N N 22  
ARG NH1  N N N 23  
ARG NH2  N N N 24  
ARG OXT  O N N 25  
ARG H    H N N 26  
ARG H2   H N N 27  
ARG HA   H N N 28  
ARG HB2  H N N 29  
ARG HB3  H N N 30  
ARG HG2  H N N 31  
ARG HG3  H N N 32  
ARG HD2  H N N 33  
ARG HD3  H N N 34  
ARG HE   H N N 35  
ARG HH11 H N N 36  
ARG HH12 H N N 37  
ARG HH21 H N N 38  
ARG HH22 H N N 39  
ARG HXT  H N N 40  
ASN N    N N N 41  
ASN CA   C N S 42  
ASN C    C N N 43  
ASN O    O N N 44  
ASN CB   C N N 45  
ASN CG   C N N 46  
ASN OD1  O N N 47  
ASN ND2  N N N 48  
ASN OXT  O N N 49  
ASN H    H N N 50  
ASN H2   H N N 51  
ASN HA   H N N 52  
ASN HB2  H N N 53  
ASN HB3  H N N 54  
ASN HD21 H N N 55  
ASN HD22 H N N 56  
ASN HXT  H N N 57  
ASP N    N N N 58  
ASP CA   C N S 59  
ASP C    C N N 60  
ASP O    O N N 61  
ASP CB   C N N 62  
ASP CG   C N N 63  
ASP OD1  O N N 64  
ASP OD2  O N N 65  
ASP OXT  O N N 66  
ASP H    H N N 67  
ASP H2   H N N 68  
ASP HA   H N N 69  
ASP HB2  H N N 70  
ASP HB3  H N N 71  
ASP HD2  H N N 72  
ASP HXT  H N N 73  
CYS N    N N N 74  
CYS CA   C N R 75  
CYS C    C N N 76  
CYS O    O N N 77  
CYS CB   C N N 78  
CYS SG   S N N 79  
CYS OXT  O N N 80  
CYS H    H N N 81  
CYS H2   H N N 82  
CYS HA   H N N 83  
CYS HB2  H N N 84  
CYS HB3  H N N 85  
CYS HG   H N N 86  
CYS HXT  H N N 87  
GLN N    N N N 88  
GLN CA   C N S 89  
GLN C    C N N 90  
GLN O    O N N 91  
GLN CB   C N N 92  
GLN CG   C N N 93  
GLN CD   C N N 94  
GLN OE1  O N N 95  
GLN NE2  N N N 96  
GLN OXT  O N N 97  
GLN H    H N N 98  
GLN H2   H N N 99  
GLN HA   H N N 100 
GLN HB2  H N N 101 
GLN HB3  H N N 102 
GLN HG2  H N N 103 
GLN HG3  H N N 104 
GLN HE21 H N N 105 
GLN HE22 H N N 106 
GLN HXT  H N N 107 
GLU N    N N N 108 
GLU CA   C N S 109 
GLU C    C N N 110 
GLU O    O N N 111 
GLU CB   C N N 112 
GLU CG   C N N 113 
GLU CD   C N N 114 
GLU OE1  O N N 115 
GLU OE2  O N N 116 
GLU OXT  O N N 117 
GLU H    H N N 118 
GLU H2   H N N 119 
GLU HA   H N N 120 
GLU HB2  H N N 121 
GLU HB3  H N N 122 
GLU HG2  H N N 123 
GLU HG3  H N N 124 
GLU HE2  H N N 125 
GLU HXT  H N N 126 
GLY N    N N N 127 
GLY CA   C N N 128 
GLY C    C N N 129 
GLY O    O N N 130 
GLY OXT  O N N 131 
GLY H    H N N 132 
GLY H2   H N N 133 
GLY HA2  H N N 134 
GLY HA3  H N N 135 
GLY HXT  H N N 136 
HOH O    O N N 137 
HOH H1   H N N 138 
HOH H2   H N N 139 
ILE N    N N N 140 
ILE CA   C N S 141 
ILE C    C N N 142 
ILE O    O N N 143 
ILE CB   C N S 144 
ILE CG1  C N N 145 
ILE CG2  C N N 146 
ILE CD1  C N N 147 
ILE OXT  O N N 148 
ILE H    H N N 149 
ILE H2   H N N 150 
ILE HA   H N N 151 
ILE HB   H N N 152 
ILE HG12 H N N 153 
ILE HG13 H N N 154 
ILE HG21 H N N 155 
ILE HG22 H N N 156 
ILE HG23 H N N 157 
ILE HD11 H N N 158 
ILE HD12 H N N 159 
ILE HD13 H N N 160 
ILE HXT  H N N 161 
LEU N    N N N 162 
LEU CA   C N S 163 
LEU C    C N N 164 
LEU O    O N N 165 
LEU CB   C N N 166 
LEU CG   C N N 167 
LEU CD1  C N N 168 
LEU CD2  C N N 169 
LEU OXT  O N N 170 
LEU H    H N N 171 
LEU H2   H N N 172 
LEU HA   H N N 173 
LEU HB2  H N N 174 
LEU HB3  H N N 175 
LEU HG   H N N 176 
LEU HD11 H N N 177 
LEU HD12 H N N 178 
LEU HD13 H N N 179 
LEU HD21 H N N 180 
LEU HD22 H N N 181 
LEU HD23 H N N 182 
LEU HXT  H N N 183 
LYS N    N N N 184 
LYS CA   C N S 185 
LYS C    C N N 186 
LYS O    O N N 187 
LYS CB   C N N 188 
LYS CG   C N N 189 
LYS CD   C N N 190 
LYS CE   C N N 191 
LYS NZ   N N N 192 
LYS OXT  O N N 193 
LYS H    H N N 194 
LYS H2   H N N 195 
LYS HA   H N N 196 
LYS HB2  H N N 197 
LYS HB3  H N N 198 
LYS HG2  H N N 199 
LYS HG3  H N N 200 
LYS HD2  H N N 201 
LYS HD3  H N N 202 
LYS HE2  H N N 203 
LYS HE3  H N N 204 
LYS HZ1  H N N 205 
LYS HZ2  H N N 206 
LYS HZ3  H N N 207 
LYS HXT  H N N 208 
MET N    N N N 209 
MET CA   C N S 210 
MET C    C N N 211 
MET O    O N N 212 
MET CB   C N N 213 
MET CG   C N N 214 
MET SD   S N N 215 
MET CE   C N N 216 
MET OXT  O N N 217 
MET H    H N N 218 
MET H2   H N N 219 
MET HA   H N N 220 
MET HB2  H N N 221 
MET HB3  H N N 222 
MET HG2  H N N 223 
MET HG3  H N N 224 
MET HE1  H N N 225 
MET HE2  H N N 226 
MET HE3  H N N 227 
MET HXT  H N N 228 
PHE N    N N N 229 
PHE CA   C N S 230 
PHE C    C N N 231 
PHE O    O N N 232 
PHE CB   C N N 233 
PHE CG   C Y N 234 
PHE CD1  C Y N 235 
PHE CD2  C Y N 236 
PHE CE1  C Y N 237 
PHE CE2  C Y N 238 
PHE CZ   C Y N 239 
PHE OXT  O N N 240 
PHE H    H N N 241 
PHE H2   H N N 242 
PHE HA   H N N 243 
PHE HB2  H N N 244 
PHE HB3  H N N 245 
PHE HD1  H N N 246 
PHE HD2  H N N 247 
PHE HE1  H N N 248 
PHE HE2  H N N 249 
PHE HZ   H N N 250 
PHE HXT  H N N 251 
PRO N    N N N 252 
PRO CA   C N S 253 
PRO C    C N N 254 
PRO O    O N N 255 
PRO CB   C N N 256 
PRO CG   C N N 257 
PRO CD   C N N 258 
PRO OXT  O N N 259 
PRO H    H N N 260 
PRO HA   H N N 261 
PRO HB2  H N N 262 
PRO HB3  H N N 263 
PRO HG2  H N N 264 
PRO HG3  H N N 265 
PRO HD2  H N N 266 
PRO HD3  H N N 267 
PRO HXT  H N N 268 
SER N    N N N 269 
SER CA   C N S 270 
SER C    C N N 271 
SER O    O N N 272 
SER CB   C N N 273 
SER OG   O N N 274 
SER OXT  O N N 275 
SER H    H N N 276 
SER H2   H N N 277 
SER HA   H N N 278 
SER HB2  H N N 279 
SER HB3  H N N 280 
SER HG   H N N 281 
SER HXT  H N N 282 
THR N    N N N 283 
THR CA   C N S 284 
THR C    C N N 285 
THR O    O N N 286 
THR CB   C N R 287 
THR OG1  O N N 288 
THR CG2  C N N 289 
THR OXT  O N N 290 
THR H    H N N 291 
THR H2   H N N 292 
THR HA   H N N 293 
THR HB   H N N 294 
THR HG1  H N N 295 
THR HG21 H N N 296 
THR HG22 H N N 297 
THR HG23 H N N 298 
THR HXT  H N N 299 
TRP N    N N N 300 
TRP CA   C N S 301 
TRP C    C N N 302 
TRP O    O N N 303 
TRP CB   C N N 304 
TRP CG   C Y N 305 
TRP CD1  C Y N 306 
TRP CD2  C Y N 307 
TRP NE1  N Y N 308 
TRP CE2  C Y N 309 
TRP CE3  C Y N 310 
TRP CZ2  C Y N 311 
TRP CZ3  C Y N 312 
TRP CH2  C Y N 313 
TRP OXT  O N N 314 
TRP H    H N N 315 
TRP H2   H N N 316 
TRP HA   H N N 317 
TRP HB2  H N N 318 
TRP HB3  H N N 319 
TRP HD1  H N N 320 
TRP HE1  H N N 321 
TRP HE3  H N N 322 
TRP HZ2  H N N 323 
TRP HZ3  H N N 324 
TRP HH2  H N N 325 
TRP HXT  H N N 326 
TYR N    N N N 327 
TYR CA   C N S 328 
TYR C    C N N 329 
TYR O    O N N 330 
TYR CB   C N N 331 
TYR CG   C Y N 332 
TYR CD1  C Y N 333 
TYR CD2  C Y N 334 
TYR CE1  C Y N 335 
TYR CE2  C Y N 336 
TYR CZ   C Y N 337 
TYR OH   O N N 338 
TYR OXT  O N N 339 
TYR H    H N N 340 
TYR H2   H N N 341 
TYR HA   H N N 342 
TYR HB2  H N N 343 
TYR HB3  H N N 344 
TYR HD1  H N N 345 
TYR HD2  H N N 346 
TYR HE1  H N N 347 
TYR HE2  H N N 348 
TYR HH   H N N 349 
TYR HXT  H N N 350 
VAL N    N N N 351 
VAL CA   C N S 352 
VAL C    C N N 353 
VAL O    O N N 354 
VAL CB   C N N 355 
VAL CG1  C N N 356 
VAL CG2  C N N 357 
VAL OXT  O N N 358 
VAL H    H N N 359 
VAL H2   H N N 360 
VAL HA   H N N 361 
VAL HB   H N N 362 
VAL HG11 H N N 363 
VAL HG12 H N N 364 
VAL HG13 H N N 365 
VAL HG21 H N N 366 
VAL HG22 H N N 367 
VAL HG23 H N N 368 
VAL HXT  H N N 369 
# 
loop_
_chem_comp_bond.comp_id 
_chem_comp_bond.atom_id_1 
_chem_comp_bond.atom_id_2 
_chem_comp_bond.value_order 
_chem_comp_bond.pdbx_aromatic_flag 
_chem_comp_bond.pdbx_stereo_config 
_chem_comp_bond.pdbx_ordinal 
ALA N   CA   sing N N 1   
ALA N   H    sing N N 2   
ALA N   H2   sing N N 3   
ALA CA  C    sing N N 4   
ALA CA  CB   sing N N 5   
ALA CA  HA   sing N N 6   
ALA C   O    doub N N 7   
ALA C   OXT  sing N N 8   
ALA CB  HB1  sing N N 9   
ALA CB  HB2  sing N N 10  
ALA CB  HB3  sing N N 11  
ALA OXT HXT  sing N N 12  
ARG N   CA   sing N N 13  
ARG N   H    sing N N 14  
ARG N   H2   sing N N 15  
ARG CA  C    sing N N 16  
ARG CA  CB   sing N N 17  
ARG CA  HA   sing N N 18  
ARG C   O    doub N N 19  
ARG C   OXT  sing N N 20  
ARG CB  CG   sing N N 21  
ARG CB  HB2  sing N N 22  
ARG CB  HB3  sing N N 23  
ARG CG  CD   sing N N 24  
ARG CG  HG2  sing N N 25  
ARG CG  HG3  sing N N 26  
ARG CD  NE   sing N N 27  
ARG CD  HD2  sing N N 28  
ARG CD  HD3  sing N N 29  
ARG NE  CZ   sing N N 30  
ARG NE  HE   sing N N 31  
ARG CZ  NH1  sing N N 32  
ARG CZ  NH2  doub N N 33  
ARG NH1 HH11 sing N N 34  
ARG NH1 HH12 sing N N 35  
ARG NH2 HH21 sing N N 36  
ARG NH2 HH22 sing N N 37  
ARG OXT HXT  sing N N 38  
ASN N   CA   sing N N 39  
ASN N   H    sing N N 40  
ASN N   H2   sing N N 41  
ASN CA  C    sing N N 42  
ASN CA  CB   sing N N 43  
ASN CA  HA   sing N N 44  
ASN C   O    doub N N 45  
ASN C   OXT  sing N N 46  
ASN CB  CG   sing N N 47  
ASN CB  HB2  sing N N 48  
ASN CB  HB3  sing N N 49  
ASN CG  OD1  doub N N 50  
ASN CG  ND2  sing N N 51  
ASN ND2 HD21 sing N N 52  
ASN ND2 HD22 sing N N 53  
ASN OXT HXT  sing N N 54  
ASP N   CA   sing N N 55  
ASP N   H    sing N N 56  
ASP N   H2   sing N N 57  
ASP CA  C    sing N N 58  
ASP CA  CB   sing N N 59  
ASP CA  HA   sing N N 60  
ASP C   O    doub N N 61  
ASP C   OXT  sing N N 62  
ASP CB  CG   sing N N 63  
ASP CB  HB2  sing N N 64  
ASP CB  HB3  sing N N 65  
ASP CG  OD1  doub N N 66  
ASP CG  OD2  sing N N 67  
ASP OD2 HD2  sing N N 68  
ASP OXT HXT  sing N N 69  
CYS N   CA   sing N N 70  
CYS N   H    sing N N 71  
CYS N   H2   sing N N 72  
CYS CA  C    sing N N 73  
CYS CA  CB   sing N N 74  
CYS CA  HA   sing N N 75  
CYS C   O    doub N N 76  
CYS C   OXT  sing N N 77  
CYS CB  SG   sing N N 78  
CYS CB  HB2  sing N N 79  
CYS CB  HB3  sing N N 80  
CYS SG  HG   sing N N 81  
CYS OXT HXT  sing N N 82  
GLN N   CA   sing N N 83  
GLN N   H    sing N N 84  
GLN N   H2   sing N N 85  
GLN CA  C    sing N N 86  
GLN CA  CB   sing N N 87  
GLN CA  HA   sing N N 88  
GLN C   O    doub N N 89  
GLN C   OXT  sing N N 90  
GLN CB  CG   sing N N 91  
GLN CB  HB2  sing N N 92  
GLN CB  HB3  sing N N 93  
GLN CG  CD   sing N N 94  
GLN CG  HG2  sing N N 95  
GLN CG  HG3  sing N N 96  
GLN CD  OE1  doub N N 97  
GLN CD  NE2  sing N N 98  
GLN NE2 HE21 sing N N 99  
GLN NE2 HE22 sing N N 100 
GLN OXT HXT  sing N N 101 
GLU N   CA   sing N N 102 
GLU N   H    sing N N 103 
GLU N   H2   sing N N 104 
GLU CA  C    sing N N 105 
GLU CA  CB   sing N N 106 
GLU CA  HA   sing N N 107 
GLU C   O    doub N N 108 
GLU C   OXT  sing N N 109 
GLU CB  CG   sing N N 110 
GLU CB  HB2  sing N N 111 
GLU CB  HB3  sing N N 112 
GLU CG  CD   sing N N 113 
GLU CG  HG2  sing N N 114 
GLU CG  HG3  sing N N 115 
GLU CD  OE1  doub N N 116 
GLU CD  OE2  sing N N 117 
GLU OE2 HE2  sing N N 118 
GLU OXT HXT  sing N N 119 
GLY N   CA   sing N N 120 
GLY N   H    sing N N 121 
GLY N   H2   sing N N 122 
GLY CA  C    sing N N 123 
GLY CA  HA2  sing N N 124 
GLY CA  HA3  sing N N 125 
GLY C   O    doub N N 126 
GLY C   OXT  sing N N 127 
GLY OXT HXT  sing N N 128 
HOH O   H1   sing N N 129 
HOH O   H2   sing N N 130 
ILE N   CA   sing N N 131 
ILE N   H    sing N N 132 
ILE N   H2   sing N N 133 
ILE CA  C    sing N N 134 
ILE CA  CB   sing N N 135 
ILE CA  HA   sing N N 136 
ILE C   O    doub N N 137 
ILE C   OXT  sing N N 138 
ILE CB  CG1  sing N N 139 
ILE CB  CG2  sing N N 140 
ILE CB  HB   sing N N 141 
ILE CG1 CD1  sing N N 142 
ILE CG1 HG12 sing N N 143 
ILE CG1 HG13 sing N N 144 
ILE CG2 HG21 sing N N 145 
ILE CG2 HG22 sing N N 146 
ILE CG2 HG23 sing N N 147 
ILE CD1 HD11 sing N N 148 
ILE CD1 HD12 sing N N 149 
ILE CD1 HD13 sing N N 150 
ILE OXT HXT  sing N N 151 
LEU N   CA   sing N N 152 
LEU N   H    sing N N 153 
LEU N   H2   sing N N 154 
LEU CA  C    sing N N 155 
LEU CA  CB   sing N N 156 
LEU CA  HA   sing N N 157 
LEU C   O    doub N N 158 
LEU C   OXT  sing N N 159 
LEU CB  CG   sing N N 160 
LEU CB  HB2  sing N N 161 
LEU CB  HB3  sing N N 162 
LEU CG  CD1  sing N N 163 
LEU CG  CD2  sing N N 164 
LEU CG  HG   sing N N 165 
LEU CD1 HD11 sing N N 166 
LEU CD1 HD12 sing N N 167 
LEU CD1 HD13 sing N N 168 
LEU CD2 HD21 sing N N 169 
LEU CD2 HD22 sing N N 170 
LEU CD2 HD23 sing N N 171 
LEU OXT HXT  sing N N 172 
LYS N   CA   sing N N 173 
LYS N   H    sing N N 174 
LYS N   H2   sing N N 175 
LYS CA  C    sing N N 176 
LYS CA  CB   sing N N 177 
LYS CA  HA   sing N N 178 
LYS C   O    doub N N 179 
LYS C   OXT  sing N N 180 
LYS CB  CG   sing N N 181 
LYS CB  HB2  sing N N 182 
LYS CB  HB3  sing N N 183 
LYS CG  CD   sing N N 184 
LYS CG  HG2  sing N N 185 
LYS CG  HG3  sing N N 186 
LYS CD  CE   sing N N 187 
LYS CD  HD2  sing N N 188 
LYS CD  HD3  sing N N 189 
LYS CE  NZ   sing N N 190 
LYS CE  HE2  sing N N 191 
LYS CE  HE3  sing N N 192 
LYS NZ  HZ1  sing N N 193 
LYS NZ  HZ2  sing N N 194 
LYS NZ  HZ3  sing N N 195 
LYS OXT HXT  sing N N 196 
MET N   CA   sing N N 197 
MET N   H    sing N N 198 
MET N   H2   sing N N 199 
MET CA  C    sing N N 200 
MET CA  CB   sing N N 201 
MET CA  HA   sing N N 202 
MET C   O    doub N N 203 
MET C   OXT  sing N N 204 
MET CB  CG   sing N N 205 
MET CB  HB2  sing N N 206 
MET CB  HB3  sing N N 207 
MET CG  SD   sing N N 208 
MET CG  HG2  sing N N 209 
MET CG  HG3  sing N N 210 
MET SD  CE   sing N N 211 
MET CE  HE1  sing N N 212 
MET CE  HE2  sing N N 213 
MET CE  HE3  sing N N 214 
MET OXT HXT  sing N N 215 
PHE N   CA   sing N N 216 
PHE N   H    sing N N 217 
PHE N   H2   sing N N 218 
PHE CA  C    sing N N 219 
PHE CA  CB   sing N N 220 
PHE CA  HA   sing N N 221 
PHE C   O    doub N N 222 
PHE C   OXT  sing N N 223 
PHE CB  CG   sing N N 224 
PHE CB  HB2  sing N N 225 
PHE CB  HB3  sing N N 226 
PHE CG  CD1  doub Y N 227 
PHE CG  CD2  sing Y N 228 
PHE CD1 CE1  sing Y N 229 
PHE CD1 HD1  sing N N 230 
PHE CD2 CE2  doub Y N 231 
PHE CD2 HD2  sing N N 232 
PHE CE1 CZ   doub Y N 233 
PHE CE1 HE1  sing N N 234 
PHE CE2 CZ   sing Y N 235 
PHE CE2 HE2  sing N N 236 
PHE CZ  HZ   sing N N 237 
PHE OXT HXT  sing N N 238 
PRO N   CA   sing N N 239 
PRO N   CD   sing N N 240 
PRO N   H    sing N N 241 
PRO CA  C    sing N N 242 
PRO CA  CB   sing N N 243 
PRO CA  HA   sing N N 244 
PRO C   O    doub N N 245 
PRO C   OXT  sing N N 246 
PRO CB  CG   sing N N 247 
PRO CB  HB2  sing N N 248 
PRO CB  HB3  sing N N 249 
PRO CG  CD   sing N N 250 
PRO CG  HG2  sing N N 251 
PRO CG  HG3  sing N N 252 
PRO CD  HD2  sing N N 253 
PRO CD  HD3  sing N N 254 
PRO OXT HXT  sing N N 255 
SER N   CA   sing N N 256 
SER N   H    sing N N 257 
SER N   H2   sing N N 258 
SER CA  C    sing N N 259 
SER CA  CB   sing N N 260 
SER CA  HA   sing N N 261 
SER C   O    doub N N 262 
SER C   OXT  sing N N 263 
SER CB  OG   sing N N 264 
SER CB  HB2  sing N N 265 
SER CB  HB3  sing N N 266 
SER OG  HG   sing N N 267 
SER OXT HXT  sing N N 268 
THR N   CA   sing N N 269 
THR N   H    sing N N 270 
THR N   H2   sing N N 271 
THR CA  C    sing N N 272 
THR CA  CB   sing N N 273 
THR CA  HA   sing N N 274 
THR C   O    doub N N 275 
THR C   OXT  sing N N 276 
THR CB  OG1  sing N N 277 
THR CB  CG2  sing N N 278 
THR CB  HB   sing N N 279 
THR OG1 HG1  sing N N 280 
THR CG2 HG21 sing N N 281 
THR CG2 HG22 sing N N 282 
THR CG2 HG23 sing N N 283 
THR OXT HXT  sing N N 284 
TRP N   CA   sing N N 285 
TRP N   H    sing N N 286 
TRP N   H2   sing N N 287 
TRP CA  C    sing N N 288 
TRP CA  CB   sing N N 289 
TRP CA  HA   sing N N 290 
TRP C   O    doub N N 291 
TRP C   OXT  sing N N 292 
TRP CB  CG   sing N N 293 
TRP CB  HB2  sing N N 294 
TRP CB  HB3  sing N N 295 
TRP CG  CD1  doub Y N 296 
TRP CG  CD2  sing Y N 297 
TRP CD1 NE1  sing Y N 298 
TRP CD1 HD1  sing N N 299 
TRP CD2 CE2  doub Y N 300 
TRP CD2 CE3  sing Y N 301 
TRP NE1 CE2  sing Y N 302 
TRP NE1 HE1  sing N N 303 
TRP CE2 CZ2  sing Y N 304 
TRP CE3 CZ3  doub Y N 305 
TRP CE3 HE3  sing N N 306 
TRP CZ2 CH2  doub Y N 307 
TRP CZ2 HZ2  sing N N 308 
TRP CZ3 CH2  sing Y N 309 
TRP CZ3 HZ3  sing N N 310 
TRP CH2 HH2  sing N N 311 
TRP OXT HXT  sing N N 312 
TYR N   CA   sing N N 313 
TYR N   H    sing N N 314 
TYR N   H2   sing N N 315 
TYR CA  C    sing N N 316 
TYR CA  CB   sing N N 317 
TYR CA  HA   sing N N 318 
TYR C   O    doub N N 319 
TYR C   OXT  sing N N 320 
TYR CB  CG   sing N N 321 
TYR CB  HB2  sing N N 322 
TYR CB  HB3  sing N N 323 
TYR CG  CD1  doub Y N 324 
TYR CG  CD2  sing Y N 325 
TYR CD1 CE1  sing Y N 326 
TYR CD1 HD1  sing N N 327 
TYR CD2 CE2  doub Y N 328 
TYR CD2 HD2  sing N N 329 
TYR CE1 CZ   doub Y N 330 
TYR CE1 HE1  sing N N 331 
TYR CE2 CZ   sing Y N 332 
TYR CE2 HE2  sing N N 333 
TYR CZ  OH   sing N N 334 
TYR OH  HH   sing N N 335 
TYR OXT HXT  sing N N 336 
VAL N   CA   sing N N 337 
VAL N   H    sing N N 338 
VAL N   H2   sing N N 339 
VAL CA  C    sing N N 340 
VAL CA  CB   sing N N 341 
VAL CA  HA   sing N N 342 
VAL C   O    doub N N 343 
VAL C   OXT  sing N N 344 
VAL CB  CG1  sing N N 345 
VAL CB  CG2  sing N N 346 
VAL CB  HB   sing N N 347 
VAL CG1 HG11 sing N N 348 
VAL CG1 HG12 sing N N 349 
VAL CG1 HG13 sing N N 350 
VAL CG2 HG21 sing N N 351 
VAL CG2 HG22 sing N N 352 
VAL CG2 HG23 sing N N 353 
VAL OXT HXT  sing N N 354 
# 
_atom_sites.entry_id                    4PTA 
_atom_sites.fract_transf_matrix[1][1]   -0.00042931 
_atom_sites.fract_transf_matrix[1][2]   0.00981636 
_atom_sites.fract_transf_matrix[1][3]   -0.00077175 
_atom_sites.fract_transf_matrix[2][1]   0.00205492 
_atom_sites.fract_transf_matrix[2][2]   -0.00066616 
_atom_sites.fract_transf_matrix[2][3]   -0.00961635 
_atom_sites.fract_transf_matrix[3][1]   -0.01556348 
_atom_sites.fract_transf_matrix[3][2]   -0.00093702 
_atom_sites.fract_transf_matrix[3][3]   -0.00326086 
_atom_sites.fract_transf_vector[1]      -0.126650 
_atom_sites.fract_transf_vector[2]      -0.056050 
_atom_sites.fract_transf_vector[3]      0.123041 
# 
loop_
_atom_type.symbol 
C 
N 
O 
S 
# 
loop_
_atom_site.group_PDB 
_atom_site.id 
_atom_site.type_symbol 
_atom_site.label_atom_id 
_atom_site.label_alt_id 
_atom_site.label_comp_id 
_atom_site.label_asym_id 
_atom_site.label_entity_id 
_atom_site.label_seq_id 
_atom_site.pdbx_PDB_ins_code 
_atom_site.Cartn_x 
_atom_site.Cartn_y 
_atom_site.Cartn_z 
_atom_site.occupancy 
_atom_site.B_iso_or_equiv 
_atom_site.pdbx_formal_charge 
_atom_site.auth_seq_id 
_atom_site.auth_comp_id 
_atom_site.auth_asym_id 
_atom_site.auth_atom_id 
_atom_site.pdbx_PDB_model_num 
ATOM   1    N N   . GLN A 1 4   ? 29.315  16.759  -7.511  1.00 49.77  ? 4   GLN D N   1 
ATOM   2    C CA  . GLN A 1 4   ? 28.106  17.190  -8.203  1.00 39.97  ? 4   GLN D CA  1 
ATOM   3    C C   . GLN A 1 4   ? 27.675  16.199  -9.284  1.00 28.69  ? 4   GLN D C   1 
ATOM   4    O O   . GLN A 1 4   ? 26.810  16.500  -10.101 1.00 32.58  ? 4   GLN D O   1 
ATOM   5    C CB  . GLN A 1 4   ? 28.294  18.593  -8.791  1.00 49.58  ? 4   GLN D CB  1 
ATOM   6    C CG  . GLN A 1 4   ? 28.420  19.703  -7.749  1.00 45.25  ? 4   GLN D CG  1 
ATOM   7    C CD  . GLN A 1 4   ? 27.105  20.027  -7.048  1.00 55.25  ? 4   GLN D CD  1 
ATOM   8    O OE1 . GLN A 1 4   ? 26.567  19.214  -6.293  1.00 56.07  ? 4   GLN D OE1 1 
ATOM   9    N NE2 . GLN A 1 4   ? 26.587  21.227  -7.290  1.00 52.97  ? 4   GLN D NE2 1 
ATOM   10   N N   . PHE A 1 5   ? 28.281  15.017  -9.288  1.00 30.92  ? 5   PHE D N   1 
ATOM   11   C CA  . PHE A 1 5   ? 27.848  13.942  -10.173 1.00 30.93  ? 5   PHE D CA  1 
ATOM   12   C C   . PHE A 1 5   ? 26.653  13.226  -9.555  1.00 33.14  ? 5   PHE D C   1 
ATOM   13   O O   . PHE A 1 5   ? 26.559  13.110  -8.332  1.00 32.11  ? 5   PHE D O   1 
ATOM   14   C CB  . PHE A 1 5   ? 28.957  12.906  -10.376 1.00 39.95  ? 5   PHE D CB  1 
ATOM   15   C CG  . PHE A 1 5   ? 30.053  13.335  -11.311 1.00 45.57  ? 5   PHE D CG  1 
ATOM   16   C CD1 . PHE A 1 5   ? 31.326  13.597  -10.827 1.00 50.94  ? 5   PHE D CD1 1 
ATOM   17   C CD2 . PHE A 1 5   ? 29.825  13.442  -12.673 1.00 44.02  ? 5   PHE D CD2 1 
ATOM   18   C CE1 . PHE A 1 5   ? 32.345  13.977  -11.680 1.00 35.02  ? 5   PHE D CE1 1 
ATOM   19   C CE2 . PHE A 1 5   ? 30.843  13.824  -13.533 1.00 49.36  ? 5   PHE D CE2 1 
ATOM   20   C CZ  . PHE A 1 5   ? 32.104  14.091  -13.034 1.00 44.61  ? 5   PHE D CZ  1 
ATOM   21   N N   . PHE A 1 6   ? 25.752  12.734  -10.400 1.00 28.48  ? 6   PHE D N   1 
ATOM   22   C CA  . PHE A 1 6   ? 24.696  11.835  -9.950  1.00 26.44  ? 6   PHE D CA  1 
ATOM   23   C C   . PHE A 1 6   ? 25.273  10.433  -9.824  1.00 31.04  ? 6   PHE D C   1 
ATOM   24   O O   . PHE A 1 6   ? 25.763  9.865   -10.798 1.00 34.24  ? 6   PHE D O   1 
ATOM   25   C CB  . PHE A 1 6   ? 23.524  11.827  -10.935 1.00 25.72  ? 6   PHE D CB  1 
ATOM   26   C CG  . PHE A 1 6   ? 22.799  13.140  -11.027 1.00 29.06  ? 6   PHE D CG  1 
ATOM   27   C CD1 . PHE A 1 6   ? 23.041  14.010  -12.076 1.00 21.27  ? 6   PHE D CD1 1 
ATOM   28   C CD2 . PHE A 1 6   ? 21.877  13.504  -10.060 1.00 22.74  ? 6   PHE D CD2 1 
ATOM   29   C CE1 . PHE A 1 6   ? 22.378  15.226  -12.158 1.00 23.70  ? 6   PHE D CE1 1 
ATOM   30   C CE2 . PHE A 1 6   ? 21.210  14.714  -10.137 1.00 30.65  ? 6   PHE D CE2 1 
ATOM   31   C CZ  . PHE A 1 6   ? 21.460  15.577  -11.188 1.00 22.09  ? 6   PHE D CZ  1 
ATOM   32   N N   . THR A 1 7   ? 25.221  9.873   -8.621  1.00 28.86  ? 7   THR D N   1 
ATOM   33   C CA  . THR A 1 7   ? 25.784  8.552   -8.384  1.00 32.01  ? 7   THR D CA  1 
ATOM   34   C C   . THR A 1 7   ? 24.688  7.499   -8.238  1.00 36.33  ? 7   THR D C   1 
ATOM   35   O O   . THR A 1 7   ? 23.587  7.794   -7.769  1.00 30.54  ? 7   THR D O   1 
ATOM   36   C CB  . THR A 1 7   ? 26.693  8.539   -7.140  1.00 31.88  ? 7   THR D CB  1 
ATOM   37   O OG1 . THR A 1 7   ? 25.904  8.735   -5.961  1.00 32.14  ? 7   THR D OG1 1 
ATOM   38   C CG2 . THR A 1 7   ? 27.741  9.640   -7.234  1.00 24.96  ? 7   THR D CG2 1 
ATOM   39   N N   . VAL A 1 8   ? 24.996  6.273   -8.651  1.00 31.21  ? 8   VAL D N   1 
ATOM   40   C CA  . VAL A 1 8   ? 24.044  5.172   -8.567  1.00 33.94  ? 8   VAL D CA  1 
ATOM   41   C C   . VAL A 1 8   ? 23.691  4.886   -7.110  1.00 33.00  ? 8   VAL D C   1 
ATOM   42   O O   . VAL A 1 8   ? 22.600  4.410   -6.800  1.00 31.71  ? 8   VAL D O   1 
ATOM   43   C CB  . VAL A 1 8   ? 24.602  3.893   -9.232  1.00 35.00  ? 8   VAL D CB  1 
ATOM   44   C CG1 . VAL A 1 8   ? 25.925  3.499   -8.605  1.00 43.51  ? 8   VAL D CG1 1 
ATOM   45   C CG2 . VAL A 1 8   ? 23.598  2.753   -9.141  1.00 38.44  ? 8   VAL D CG2 1 
ATOM   46   N N   . GLU A 1 9   ? 24.627  5.198   -6.219  1.00 33.96  ? 9   GLU D N   1 
ATOM   47   C CA  . GLU A 1 9   ? 24.457  4.968   -4.792  1.00 31.20  ? 9   GLU D CA  1 
ATOM   48   C C   . GLU A 1 9   ? 23.485  5.975   -4.184  1.00 40.65  ? 9   GLU D C   1 
ATOM   49   O O   . GLU A 1 9   ? 22.565  5.602   -3.453  1.00 36.16  ? 9   GLU D O   1 
ATOM   50   C CB  . GLU A 1 9   ? 25.813  5.055   -4.095  1.00 37.97  ? 9   GLU D CB  1 
ATOM   51   C CG  . GLU A 1 9   ? 25.806  4.643   -2.641  1.00 48.46  ? 9   GLU D CG  1 
ATOM   52   C CD  . GLU A 1 9   ? 27.199  4.329   -2.136  1.00 70.33  ? 9   GLU D CD  1 
ATOM   53   O OE1 . GLU A 1 9   ? 27.405  4.335   -0.907  1.00 72.80  ? 9   GLU D OE1 1 
ATOM   54   O OE2 . GLU A 1 9   ? 28.091  4.071   -2.976  1.00 74.53  ? 9   GLU D OE2 1 
ATOM   55   N N   . GLU A 1 10  ? 23.698  7.253   -4.489  1.00 35.26  ? 10  GLU D N   1 
ATOM   56   C CA  . GLU A 1 10  ? 22.820  8.314   -4.019  1.00 28.65  ? 10  GLU D CA  1 
ATOM   57   C C   . GLU A 1 10  ? 21.429  8.111   -4.600  1.00 34.88  ? 10  GLU D C   1 
ATOM   58   O O   . GLU A 1 10  ? 20.426  8.462   -3.982  1.00 36.47  ? 10  GLU D O   1 
ATOM   59   C CB  . GLU A 1 10  ? 23.373  9.683   -4.427  1.00 33.78  ? 10  GLU D CB  1 
ATOM   60   C CG  . GLU A 1 10  ? 22.484  10.863  -4.061  1.00 41.30  ? 10  GLU D CG  1 
ATOM   61   C CD  . GLU A 1 10  ? 22.389  11.083  -2.561  1.00 66.36  ? 10  GLU D CD  1 
ATOM   62   O OE1 . GLU A 1 10  ? 23.253  10.558  -1.823  1.00 63.53  ? 10  GLU D OE1 1 
ATOM   63   O OE2 . GLU A 1 10  ? 21.451  11.782  -2.118  1.00 60.30  ? 10  GLU D OE2 1 
ATOM   64   N N   . ASN A 1 11  ? 21.381  7.530   -5.794  1.00 27.42  ? 11  ASN D N   1 
ATOM   65   C CA  . ASN A 1 11  ? 20.122  7.257   -6.472  1.00 28.73  ? 11  ASN D CA  1 
ATOM   66   C C   . ASN A 1 11  ? 19.305  6.164   -5.785  1.00 31.80  ? 11  ASN D C   1 
ATOM   67   O O   . ASN A 1 11  ? 18.085  6.271   -5.674  1.00 35.26  ? 11  ASN D O   1 
ATOM   68   C CB  . ASN A 1 11  ? 20.374  6.887   -7.938  1.00 30.63  ? 11  ASN D CB  1 
ATOM   69   C CG  . ASN A 1 11  ? 19.098  6.846   -8.758  1.00 27.75  ? 11  ASN D CG  1 
ATOM   70   O OD1 . ASN A 1 11  ? 18.289  5.928   -8.622  1.00 28.29  ? 11  ASN D OD1 1 
ATOM   71   N ND2 . ASN A 1 11  ? 18.915  7.837   -9.621  1.00 29.03  ? 11  ASN D ND2 1 
ATOM   72   N N   . TYR A 1 12  ? 19.973  5.110   -5.330  1.00 26.96  ? 12  TYR D N   1 
ATOM   73   C CA  . TYR A 1 12  ? 19.282  4.029   -4.635  1.00 29.02  ? 12  TYR D CA  1 
ATOM   74   C C   . TYR A 1 12  ? 18.976  4.409   -3.192  1.00 32.43  ? 12  TYR D C   1 
ATOM   75   O O   . TYR A 1 12  ? 18.057  3.873   -2.574  1.00 35.18  ? 12  TYR D O   1 
ATOM   76   C CB  . TYR A 1 12  ? 20.071  2.720   -4.725  1.00 25.70  ? 12  TYR D CB  1 
ATOM   77   C CG  . TYR A 1 12  ? 19.815  1.995   -6.023  1.00 35.48  ? 12  TYR D CG  1 
ATOM   78   C CD1 . TYR A 1 12  ? 20.503  2.333   -7.179  1.00 28.79  ? 12  TYR D CD1 1 
ATOM   79   C CD2 . TYR A 1 12  ? 18.857  0.991   -6.098  1.00 41.87  ? 12  TYR D CD2 1 
ATOM   80   C CE1 . TYR A 1 12  ? 20.257  1.685   -8.373  1.00 37.27  ? 12  TYR D CE1 1 
ATOM   81   C CE2 . TYR A 1 12  ? 18.602  0.336   -7.287  1.00 45.88  ? 12  TYR D CE2 1 
ATOM   82   C CZ  . TYR A 1 12  ? 19.305  0.685   -8.422  1.00 51.45  ? 12  TYR D CZ  1 
ATOM   83   O OH  . TYR A 1 12  ? 19.053  0.032   -9.607  1.00 51.34  ? 12  TYR D OH  1 
ATOM   84   N N   . LYS A 1 13  ? 19.743  5.362   -2.675  1.00 34.22  ? 13  LYS D N   1 
ATOM   85   C CA  . LYS A 1 13  ? 19.560  5.867   -1.322  1.00 27.97  ? 13  LYS D CA  1 
ATOM   86   C C   . LYS A 1 13  ? 18.337  6.782   -1.244  1.00 34.05  ? 13  LYS D C   1 
ATOM   87   O O   . LYS A 1 13  ? 17.807  7.030   -0.162  1.00 43.23  ? 13  LYS D O   1 
ATOM   88   C CB  . LYS A 1 13  ? 20.817  6.622   -0.888  1.00 36.42  ? 13  LYS D CB  1 
ATOM   89   C CG  . LYS A 1 13  ? 20.871  6.995   0.581   1.00 41.66  ? 13  LYS D CG  1 
ATOM   90   C CD  . LYS A 1 13  ? 22.225  7.597   0.931   1.00 36.66  ? 13  LYS D CD  1 
ATOM   91   C CE  . LYS A 1 13  ? 23.356  6.650   0.547   1.00 39.88  ? 13  LYS D CE  1 
ATOM   92   N NZ  . LYS A 1 13  ? 24.693  7.193   0.899   1.00 45.01  ? 13  LYS D NZ  1 
ATOM   93   N N   . GLU A 1 14  ? 17.890  7.272   -2.398  1.00 32.84  ? 14  GLU D N   1 
ATOM   94   C CA  . GLU A 1 14  ? 16.745  8.174   -2.459  1.00 29.77  ? 14  GLU D CA  1 
ATOM   95   C C   . GLU A 1 14  ? 15.486  7.477   -2.968  1.00 34.79  ? 14  GLU D C   1 
ATOM   96   O O   . GLU A 1 14  ? 14.587  8.125   -3.510  1.00 28.60  ? 14  GLU D O   1 
ATOM   97   C CB  . GLU A 1 14  ? 17.051  9.378   -3.347  1.00 32.27  ? 14  GLU D CB  1 
ATOM   98   C CG  . GLU A 1 14  ? 18.112  10.320  -2.796  1.00 48.48  ? 14  GLU D CG  1 
ATOM   99   C CD  . GLU A 1 14  ? 18.430  11.452  -3.760  1.00 60.81  ? 14  GLU D CD  1 
ATOM   100  O OE1 . GLU A 1 14  ? 17.700  11.605  -4.765  1.00 71.00  ? 14  GLU D OE1 1 
ATOM   101  O OE2 . GLU A 1 14  ? 19.412  12.184  -3.517  1.00 59.82  ? 14  GLU D OE2 1 
ATOM   102  N N   . ARG A 1 15  ? 15.417  6.162   -2.793  1.00 32.35  ? 15  ARG D N   1 
ATOM   103  C CA  . ARG A 1 15  ? 14.222  5.422   -3.172  1.00 25.57  ? 15  ARG D CA  1 
ATOM   104  C C   . ARG A 1 15  ? 13.424  5.044   -1.927  1.00 18.93  ? 15  ARG D C   1 
ATOM   105  O O   . ARG A 1 15  ? 13.951  4.432   -1.005  1.00 28.18  ? 15  ARG D O   1 
ATOM   106  C CB  . ARG A 1 15  ? 14.585  4.194   -4.007  1.00 25.73  ? 15  ARG D CB  1 
ATOM   107  C CG  . ARG A 1 15  ? 15.347  4.538   -5.288  1.00 29.00  ? 15  ARG D CG  1 
ATOM   108  C CD  . ARG A 1 15  ? 15.580  3.312   -6.161  1.00 32.08  ? 15  ARG D CD  1 
ATOM   109  N NE  . ARG A 1 15  ? 16.426  3.624   -7.310  1.00 39.11  ? 15  ARG D NE  1 
ATOM   110  C CZ  . ARG A 1 15  ? 16.552  2.850   -8.383  1.00 41.89  ? 15  ARG D CZ  1 
ATOM   111  N NH1 . ARG A 1 15  ? 15.882  1.712   -8.468  1.00 48.85  ? 15  ARG D NH1 1 
ATOM   112  N NH2 . ARG A 1 15  ? 17.343  3.219   -9.380  1.00 43.24  ? 15  ARG D NH2 1 
ATOM   113  N N   . PHE A 1 16  ? 12.157  5.439   -1.896  1.00 22.78  ? 16  PHE D N   1 
ATOM   114  C CA  . PHE A 1 16  ? 11.323  5.241   -0.721  1.00 21.47  ? 16  PHE D CA  1 
ATOM   115  C C   . PHE A 1 16  ? 10.000  4.583   -1.084  1.00 18.74  ? 16  PHE D C   1 
ATOM   116  O O   . PHE A 1 16  ? 9.488   4.761   -2.189  1.00 28.50  ? 16  PHE D O   1 
ATOM   117  C CB  . PHE A 1 16  ? 11.046  6.585   -0.038  1.00 23.70  ? 16  PHE D CB  1 
ATOM   118  C CG  . PHE A 1 16  ? 12.264  7.449   0.125   1.00 34.29  ? 16  PHE D CG  1 
ATOM   119  C CD1 . PHE A 1 16  ? 12.671  8.296   -0.894  1.00 27.49  ? 16  PHE D CD1 1 
ATOM   120  C CD2 . PHE A 1 16  ? 12.999  7.421   1.299   1.00 31.62  ? 16  PHE D CD2 1 
ATOM   121  C CE1 . PHE A 1 16  ? 13.790  9.095   -0.745  1.00 28.38  ? 16  PHE D CE1 1 
ATOM   122  C CE2 . PHE A 1 16  ? 14.120  8.216   1.453   1.00 22.57  ? 16  PHE D CE2 1 
ATOM   123  C CZ  . PHE A 1 16  ? 14.518  9.052   0.426   1.00 27.82  ? 16  PHE D CZ  1 
ATOM   124  N N   . TYR A 1 17  ? 9.456   3.811   -0.152  1.00 22.51  ? 17  TYR D N   1 
ATOM   125  C CA  . TYR A 1 17  ? 8.068   3.387   -0.236  1.00 22.80  ? 17  TYR D CA  1 
ATOM   126  C C   . TYR A 1 17  ? 7.246   4.517   0.357   1.00 19.94  ? 17  TYR D C   1 
ATOM   127  O O   . TYR A 1 17  ? 7.708   5.212   1.260   1.00 21.82  ? 17  TYR D O   1 
ATOM   128  C CB  . TYR A 1 17  ? 7.840   2.093   0.537   1.00 17.19  ? 17  TYR D CB  1 
ATOM   129  C CG  . TYR A 1 17  ? 8.550   0.903   -0.065  1.00 24.29  ? 17  TYR D CG  1 
ATOM   130  C CD1 . TYR A 1 17  ? 9.534   0.213   0.645   1.00 19.75  ? 17  TYR D CD1 1 
ATOM   131  C CD2 . TYR A 1 17  ? 8.240   0.471   -1.349  1.00 24.46  ? 17  TYR D CD2 1 
ATOM   132  C CE1 . TYR A 1 17  ? 10.180  -0.881  0.087   1.00 17.44  ? 17  TYR D CE1 1 
ATOM   133  C CE2 . TYR A 1 17  ? 8.883   -0.612  -1.913  1.00 24.58  ? 17  TYR D CE2 1 
ATOM   134  C CZ  . TYR A 1 17  ? 9.850   -1.284  -1.196  1.00 22.66  ? 17  TYR D CZ  1 
ATOM   135  O OH  . TYR A 1 17  ? 10.480  -2.361  -1.770  1.00 28.64  ? 17  TYR D OH  1 
ATOM   136  N N   . GLN A 1 18  ? 6.041   4.721   -0.159  1.00 20.23  ? 18  GLN D N   1 
ATOM   137  C CA  . GLN A 1 18  ? 5.228   5.847   0.280   1.00 20.21  ? 18  GLN D CA  1 
ATOM   138  C C   . GLN A 1 18  ? 4.171   5.442   1.303   1.00 22.36  ? 18  GLN D C   1 
ATOM   139  O O   . GLN A 1 18  ? 3.216   4.738   0.977   1.00 26.81  ? 18  GLN D O   1 
ATOM   140  C CB  . GLN A 1 18  ? 4.586   6.540   -0.920  1.00 21.86  ? 18  GLN D CB  1 
ATOM   141  C CG  . GLN A 1 18  ? 5.585   7.258   -1.813  1.00 24.38  ? 18  GLN D CG  1 
ATOM   142  C CD  . GLN A 1 18  ? 4.911   8.055   -2.913  1.00 43.66  ? 18  GLN D CD  1 
ATOM   143  O OE1 . GLN A 1 18  ? 4.303   7.491   -3.824  1.00 41.93  ? 18  GLN D OE1 1 
ATOM   144  N NE2 . GLN A 1 18  ? 5.009   9.378   -2.831  1.00 41.82  ? 18  GLN D NE2 1 
ATOM   145  N N   . LEU A 1 19  ? 4.361   5.887   2.542   1.00 20.55  ? 19  LEU D N   1 
ATOM   146  C CA  . LEU A 1 19  ? 3.415   5.634   3.628   1.00 23.39  ? 19  LEU D CA  1 
ATOM   147  C C   . LEU A 1 19  ? 2.392   6.761   3.729   1.00 20.47  ? 19  LEU D C   1 
ATOM   148  O O   . LEU A 1 19  ? 2.734   7.879   4.092   1.00 20.90  ? 19  LEU D O   1 
ATOM   149  C CB  . LEU A 1 19  ? 4.157   5.532   4.960   1.00 29.55  ? 19  LEU D CB  1 
ATOM   150  C CG  . LEU A 1 19  ? 4.351   4.178   5.641   1.00 32.54  ? 19  LEU D CG  1 
ATOM   151  C CD1 . LEU A 1 19  ? 4.984   4.396   7.005   1.00 29.32  ? 19  LEU D CD1 1 
ATOM   152  C CD2 . LEU A 1 19  ? 3.035   3.450   5.778   1.00 24.22  ? 19  LEU D CD2 1 
ATOM   153  N N   . PRO A 1 20  ? 1.126   6.470   3.404   1.00 23.74  ? 20  PRO D N   1 
ATOM   154  C CA  . PRO A 1 20  ? 0.081   7.485   3.577   1.00 25.05  ? 20  PRO D CA  1 
ATOM   155  C C   . PRO A 1 20  ? 0.078   8.024   5.002   1.00 25.64  ? 20  PRO D C   1 
ATOM   156  O O   . PRO A 1 20  ? -0.028  7.248   5.952   1.00 22.14  ? 20  PRO D O   1 
ATOM   157  C CB  . PRO A 1 20  ? -1.204  6.699   3.313   1.00 25.58  ? 20  PRO D CB  1 
ATOM   158  C CG  . PRO A 1 20  ? -0.783  5.606   2.396   1.00 17.63  ? 20  PRO D CG  1 
ATOM   159  C CD  . PRO A 1 20  ? 0.603   5.224   2.828   1.00 19.25  ? 20  PRO D CD  1 
ATOM   160  N N   . LYS A 1 21  ? 0.202   9.339   5.145   1.00 26.46  ? 21  LYS D N   1 
ATOM   161  C CA  . LYS A 1 21  ? 0.218   9.960   6.464   1.00 28.50  ? 21  LYS D CA  1 
ATOM   162  C C   . LYS A 1 21  ? -1.132  9.816   7.161   1.00 31.00  ? 21  LYS D C   1 
ATOM   163  O O   . LYS A 1 21  ? -1.216  9.888   8.386   1.00 32.72  ? 21  LYS D O   1 
ATOM   164  C CB  . LYS A 1 21  ? 0.591   11.439  6.366   1.00 25.02  ? 21  LYS D CB  1 
ATOM   165  C CG  . LYS A 1 21  ? 2.016   11.711  5.923   1.00 22.07  ? 21  LYS D CG  1 
ATOM   166  C CD  . LYS A 1 21  ? 2.314   13.201  5.963   1.00 21.38  ? 21  LYS D CD  1 
ATOM   167  C CE  . LYS A 1 21  ? 3.650   13.520  5.335   1.00 20.15  ? 21  LYS D CE  1 
ATOM   168  N NZ  . LYS A 1 21  ? 3.943   14.975  5.451   1.00 28.19  ? 21  LYS D NZ  1 
ATOM   169  N N   . VAL A 1 22  ? -2.190  9.624   6.380   1.00 27.44  ? 22  VAL D N   1 
ATOM   170  C CA  . VAL A 1 22  ? -3.516  9.466   6.963   1.00 28.72  ? 22  VAL D CA  1 
ATOM   171  C C   . VAL A 1 22  ? -3.592  8.167   7.765   1.00 30.09  ? 22  VAL D C   1 
ATOM   172  O O   . VAL A 1 22  ? -4.440  8.023   8.641   1.00 30.96  ? 22  VAL D O   1 
ATOM   173  C CB  . VAL A 1 22  ? -4.640  9.529   5.900   1.00 23.29  ? 22  VAL D CB  1 
ATOM   174  C CG1 . VAL A 1 22  ? -4.492  8.404   4.888   1.00 28.56  ? 22  VAL D CG1 1 
ATOM   175  C CG2 . VAL A 1 22  ? -5.997  9.474   6.569   1.00 28.43  ? 22  VAL D CG2 1 
ATOM   176  N N   . PHE A 1 23  ? -2.688  7.233   7.483   1.00 24.45  ? 23  PHE D N   1 
ATOM   177  C CA  . PHE A 1 23  ? -2.614  6.000   8.262   1.00 34.03  ? 23  PHE D CA  1 
ATOM   178  C C   . PHE A 1 23  ? -2.292  6.289   9.731   1.00 30.34  ? 23  PHE D C   1 
ATOM   179  O O   . PHE A 1 23  ? -2.292  5.383   10.559  1.00 35.80  ? 23  PHE D O   1 
ATOM   180  C CB  . PHE A 1 23  ? -1.564  5.040   7.688   1.00 23.91  ? 23  PHE D CB  1 
ATOM   181  C CG  . PHE A 1 23  ? -2.007  4.311   6.449   1.00 26.27  ? 23  PHE D CG  1 
ATOM   182  C CD1 . PHE A 1 23  ? -3.234  4.577   5.869   1.00 26.71  ? 23  PHE D CD1 1 
ATOM   183  C CD2 . PHE A 1 23  ? -1.190  3.351   5.868   1.00 26.91  ? 23  PHE D CD2 1 
ATOM   184  C CE1 . PHE A 1 23  ? -3.637  3.903   4.727   1.00 28.53  ? 23  PHE D CE1 1 
ATOM   185  C CE2 . PHE A 1 23  ? -1.590  2.671   4.730   1.00 22.12  ? 23  PHE D CE2 1 
ATOM   186  C CZ  . PHE A 1 23  ? -2.813  2.949   4.158   1.00 24.18  ? 23  PHE D CZ  1 
ATOM   187  N N   . PHE A 1 24  ? -2.021  7.550   10.049  1.00 22.35  ? 24  PHE D N   1 
ATOM   188  C CA  . PHE A 1 24  ? -1.564  7.912   11.382  1.00 29.44  ? 24  PHE D CA  1 
ATOM   189  C C   . PHE A 1 24  ? -2.406  9.027   11.998  1.00 37.75  ? 24  PHE D C   1 
ATOM   190  O O   . PHE A 1 24  ? -2.029  9.619   13.007  1.00 39.40  ? 24  PHE D O   1 
ATOM   191  C CB  . PHE A 1 24  ? -0.080  8.292   11.338  1.00 27.77  ? 24  PHE D CB  1 
ATOM   192  C CG  . PHE A 1 24  ? 0.797   7.206   10.775  1.00 30.67  ? 24  PHE D CG  1 
ATOM   193  C CD1 . PHE A 1 24  ? 0.969   7.074   9.408   1.00 24.35  ? 24  PHE D CD1 1 
ATOM   194  C CD2 . PHE A 1 24  ? 1.428   6.302   11.613  1.00 24.54  ? 24  PHE D CD2 1 
ATOM   195  C CE1 . PHE A 1 24  ? 1.751   6.072   8.891   1.00 19.24  ? 24  PHE D CE1 1 
ATOM   196  C CE2 . PHE A 1 24  ? 2.216   5.301   11.100  1.00 27.14  ? 24  PHE D CE2 1 
ATOM   197  C CZ  . PHE A 1 24  ? 2.377   5.184   9.738   1.00 26.56  ? 24  PHE D CZ  1 
ATOM   198  N N   . THR A 1 25  ? -3.558  9.300   11.394  1.00 36.03  ? 25  THR D N   1 
ATOM   199  C CA  . THR A 1 25  ? -4.472  10.309  11.917  1.00 39.32  ? 25  THR D CA  1 
ATOM   200  C C   . THR A 1 25  ? -5.917  9.804   11.915  1.00 40.14  ? 25  THR D C   1 
ATOM   201  O O   . THR A 1 25  ? -6.682  10.077  12.839  1.00 44.52  ? 25  THR D O   1 
ATOM   202  C CB  . THR A 1 25  ? -4.382  11.630  11.120  1.00 39.79  ? 25  THR D CB  1 
ATOM   203  O OG1 . THR A 1 25  ? -4.653  11.378  9.738   1.00 41.27  ? 25  THR D OG1 1 
ATOM   204  C CG2 . THR A 1 25  ? -2.997  12.241  11.247  1.00 39.70  ? 25  THR D CG2 1 
ATOM   205  N N   . ASN A 1 26  ? -6.286  9.062   10.874  1.00 36.79  ? 26  ASN D N   1 
ATOM   206  C CA  . ASN A 1 26  ? -7.639  8.521   10.762  1.00 43.16  ? 26  ASN D CA  1 
ATOM   207  C C   . ASN A 1 26  ? -7.835  7.290   11.641  1.00 50.86  ? 26  ASN D C   1 
ATOM   208  O O   . ASN A 1 26  ? -7.083  6.321   11.529  1.00 47.04  ? 26  ASN D O   1 
ATOM   209  C CB  . ASN A 1 26  ? -7.964  8.179   9.308   1.00 39.07  ? 26  ASN D CB  1 
ATOM   210  C CG  . ASN A 1 26  ? -9.445  7.923   9.083   1.00 52.05  ? 26  ASN D CG  1 
ATOM   211  O OD1 . ASN A 1 26  ? -10.000 6.937   9.569   1.00 46.51  ? 26  ASN D OD1 1 
ATOM   212  N ND2 . ASN A 1 26  ? -10.089 8.809   8.329   1.00 46.61  ? 26  ASN D ND2 1 
ATOM   213  N N   . PRO A 1 27  ? -8.853  7.327   12.521  1.00 47.97  ? 27  PRO D N   1 
ATOM   214  C CA  . PRO A 1 27  ? -9.141  6.233   13.457  1.00 50.11  ? 27  PRO D CA  1 
ATOM   215  C C   . PRO A 1 27  ? -9.346  4.903   12.742  1.00 47.40  ? 27  PRO D C   1 
ATOM   216  O O   . PRO A 1 27  ? -8.948  3.861   13.264  1.00 47.97  ? 27  PRO D O   1 
ATOM   217  C CB  . PRO A 1 27  ? -10.446 6.679   14.125  1.00 40.62  ? 27  PRO D CB  1 
ATOM   218  C CG  . PRO A 1 27  ? -10.442 8.159   14.005  1.00 50.27  ? 27  PRO D CG  1 
ATOM   219  C CD  . PRO A 1 27  ? -9.787  8.451   12.683  1.00 49.52  ? 27  PRO D CD  1 
ATOM   220  N N   . ASN A 1 28  ? -9.961  4.943   11.563  1.00 35.52  ? 28  ASN D N   1 
ATOM   221  C CA  . ASN A 1 28  ? -10.144 3.737   10.767  1.00 38.28  ? 28  ASN D CA  1 
ATOM   222  C C   . ASN A 1 28  ? -8.817  3.040   10.503  1.00 39.69  ? 28  ASN D C   1 
ATOM   223  O O   . ASN A 1 28  ? -8.745  1.814   10.473  1.00 43.15  ? 28  ASN D O   1 
ATOM   224  C CB  . ASN A 1 28  ? -10.824 4.059   9.433   1.00 42.89  ? 28  ASN D CB  1 
ATOM   225  C CG  . ASN A 1 28  ? -12.327 4.211   9.561   1.00 47.98  ? 28  ASN D CG  1 
ATOM   226  O OD1 . ASN A 1 28  ? -13.043 3.232   9.770   1.00 48.30  ? 28  ASN D OD1 1 
ATOM   227  N ND2 . ASN A 1 28  ? -12.815 5.438   9.413   1.00 42.53  ? 28  ASN D ND2 1 
ATOM   228  N N   . TYR A 1 29  ? -7.765  3.834   10.324  1.00 42.36  ? 29  TYR D N   1 
ATOM   229  C CA  . TYR A 1 29  ? -6.473  3.322   9.876   1.00 38.44  ? 29  TYR D CA  1 
ATOM   230  C C   . TYR A 1 29  ? -5.455  3.147   11.001  1.00 42.60  ? 29  TYR D C   1 
ATOM   231  O O   . TYR A 1 29  ? -4.759  2.136   11.050  1.00 51.84  ? 29  TYR D O   1 
ATOM   232  C CB  . TYR A 1 29  ? -5.898  4.233   8.792   1.00 35.47  ? 29  TYR D CB  1 
ATOM   233  C CG  . TYR A 1 29  ? -6.823  4.417   7.617   1.00 35.39  ? 29  TYR D CG  1 
ATOM   234  C CD1 . TYR A 1 29  ? -7.063  5.676   7.086   1.00 31.61  ? 29  TYR D CD1 1 
ATOM   235  C CD2 . TYR A 1 29  ? -7.461  3.328   7.040   1.00 31.78  ? 29  TYR D CD2 1 
ATOM   236  C CE1 . TYR A 1 29  ? -7.913  5.845   6.012   1.00 34.89  ? 29  TYR D CE1 1 
ATOM   237  C CE2 . TYR A 1 29  ? -8.309  3.484   5.969   1.00 27.89  ? 29  TYR D CE2 1 
ATOM   238  C CZ  . TYR A 1 29  ? -8.532  4.743   5.456   1.00 34.31  ? 29  TYR D CZ  1 
ATOM   239  O OH  . TYR A 1 29  ? -9.381  4.894   4.382   1.00 34.48  ? 29  TYR D OH  1 
ATOM   240  N N   . LYS A 1 30  ? -5.355  4.136   11.884  1.00 36.13  ? 30  LYS D N   1 
ATOM   241  C CA  . LYS A 1 30  ? -4.409  4.075   12.996  1.00 46.66  ? 30  LYS D CA  1 
ATOM   242  C C   . LYS A 1 30  ? -4.397  2.687   13.620  1.00 50.56  ? 30  LYS D C   1 
ATOM   243  O O   . LYS A 1 30  ? -3.346  2.163   13.984  1.00 52.42  ? 30  LYS D O   1 
ATOM   244  C CB  . LYS A 1 30  ? -4.754  5.124   14.056  1.00 40.04  ? 30  LYS D CB  1 
ATOM   245  C CG  . LYS A 1 30  ? -3.961  6.413   13.935  1.00 35.33  ? 30  LYS D CG  1 
ATOM   246  C CD  . LYS A 1 30  ? -4.820  7.626   14.242  1.00 46.92  ? 30  LYS D CD  1 
ATOM   247  C CE  . LYS A 1 30  ? -5.553  7.473   15.562  1.00 52.32  ? 30  LYS D CE  1 
ATOM   248  N NZ  . LYS A 1 30  ? -6.488  8.606   15.804  1.00 40.29  ? 30  LYS D NZ  1 
ATOM   249  N N   . ASP A 1 31  ? -5.581  2.096   13.721  1.00 55.68  ? 31  ASP D N   1 
ATOM   250  C CA  . ASP A 1 31  ? -5.755  0.772   14.301  1.00 57.25  ? 31  ASP D CA  1 
ATOM   251  C C   . ASP A 1 31  ? -4.858  -0.273  13.635  1.00 41.57  ? 31  ASP D C   1 
ATOM   252  O O   . ASP A 1 31  ? -4.340  -1.164  14.303  1.00 56.76  ? 31  ASP D O   1 
ATOM   253  C CB  . ASP A 1 31  ? -7.222  0.353   14.180  1.00 63.86  ? 31  ASP D CB  1 
ATOM   254  C CG  . ASP A 1 31  ? -7.590  -0.765  15.130  1.00 80.55  ? 31  ASP D CG  1 
ATOM   255  O OD1 . ASP A 1 31  ? -7.238  -1.930  14.848  1.00 80.96  ? 31  ASP D OD1 1 
ATOM   256  O OD2 . ASP A 1 31  ? -8.238  -0.477  16.159  1.00 82.06  ? 31  ASP D OD2 1 
ATOM   257  N N   . LEU A 1 32  ? -4.685  -0.157  12.321  1.00 54.95  ? 32  LEU D N   1 
ATOM   258  C CA  . LEU A 1 32  ? -3.922  -1.130  11.534  1.00 50.68  ? 32  LEU D CA  1 
ATOM   259  C C   . LEU A 1 32  ? -2.556  -1.457  12.125  1.00 41.73  ? 32  LEU D C   1 
ATOM   260  O O   . LEU A 1 32  ? -1.866  -0.585  12.654  1.00 53.74  ? 32  LEU D O   1 
ATOM   261  C CB  . LEU A 1 32  ? -3.728  -0.631  10.099  1.00 39.86  ? 32  LEU D CB  1 
ATOM   262  C CG  . LEU A 1 32  ? -4.937  -0.549  9.168   1.00 40.34  ? 32  LEU D CG  1 
ATOM   263  C CD1 . LEU A 1 32  ? -4.570  0.231   7.920   1.00 30.86  ? 32  LEU D CD1 1 
ATOM   264  C CD2 . LEU A 1 32  ? -5.451  -1.939  8.807   1.00 33.72  ? 32  LEU D CD2 1 
ATOM   265  N N   . SER A 1 33  ? -2.163  -2.721  12.013  1.00 40.63  ? 33  SER D N   1 
ATOM   266  C CA  . SER A 1 33  ? -0.822  -3.136  12.397  1.00 43.54  ? 33  SER D CA  1 
ATOM   267  C C   . SER A 1 33  ? 0.189   -2.535  11.431  1.00 42.27  ? 33  SER D C   1 
ATOM   268  O O   . SER A 1 33  ? -0.084  -2.397  10.237  1.00 37.76  ? 33  SER D O   1 
ATOM   269  C CB  . SER A 1 33  ? -0.702  -4.659  12.370  1.00 29.29  ? 33  SER D CB  1 
ATOM   270  O OG  . SER A 1 33  ? -0.653  -5.137  11.038  1.00 32.08  ? 33  SER D OG  1 
ATOM   271  N N   . ASN A 1 34  ? 1.359   -2.185  11.949  1.00 38.17  ? 34  ASN D N   1 
ATOM   272  C CA  . ASN A 1 34  ? 2.430   -1.657  11.115  1.00 31.92  ? 34  ASN D CA  1 
ATOM   273  C C   . ASN A 1 34  ? 2.746   -2.569  9.927   1.00 26.64  ? 34  ASN D C   1 
ATOM   274  O O   . ASN A 1 34  ? 3.135   -2.098  8.860   1.00 35.38  ? 34  ASN D O   1 
ATOM   275  C CB  . ASN A 1 34  ? 3.683   -1.404  11.956  1.00 27.93  ? 34  ASN D CB  1 
ATOM   276  C CG  . ASN A 1 34  ? 3.494   -0.281  12.958  1.00 39.37  ? 34  ASN D CG  1 
ATOM   277  O OD1 . ASN A 1 34  ? 2.683   0.623   12.750  1.00 37.70  ? 34  ASN D OD1 1 
ATOM   278  N ND2 . ASN A 1 34  ? 4.251   -0.329  14.048  1.00 44.55  ? 34  ASN D ND2 1 
ATOM   279  N N   . ASP A 1 35  ? 2.567   -3.872  10.105  1.00 26.30  ? 35  ASP D N   1 
ATOM   280  C CA  . ASP A 1 35  ? 2.815   -4.814  9.019   1.00 39.43  ? 35  ASP D CA  1 
ATOM   281  C C   . ASP A 1 35  ? 1.891   -4.533  7.833   1.00 36.15  ? 35  ASP D C   1 
ATOM   282  O O   . ASP A 1 35  ? 2.290   -4.669  6.682   1.00 35.78  ? 35  ASP D O   1 
ATOM   283  C CB  . ASP A 1 35  ? 2.632   -6.263  9.487   1.00 42.00  ? 35  ASP D CB  1 
ATOM   284  C CG  . ASP A 1 35  ? 3.534   -6.624  10.657  1.00 57.18  ? 35  ASP D CG  1 
ATOM   285  O OD1 . ASP A 1 35  ? 4.755   -6.369  10.581  1.00 48.40  ? 35  ASP D OD1 1 
ATOM   286  O OD2 . ASP A 1 35  ? 3.014   -7.167  11.656  1.00 55.80  ? 35  ASP D OD2 1 
ATOM   287  N N   . ALA A 1 36  ? 0.651   -4.148  8.123   1.00 37.72  ? 36  ALA D N   1 
ATOM   288  C CA  . ALA A 1 36  ? -0.331  -3.873  7.076   1.00 38.37  ? 36  ALA D CA  1 
ATOM   289  C C   . ALA A 1 36  ? -0.137  -2.482  6.467   1.00 34.35  ? 36  ALA D C   1 
ATOM   290  O O   . ALA A 1 36  ? -0.275  -2.304  5.256   1.00 21.09  ? 36  ALA D O   1 
ATOM   291  C CB  . ALA A 1 36  ? -1.745  -4.034  7.612   1.00 30.40  ? 36  ALA D CB  1 
ATOM   292  N N   . LYS A 1 37  ? 0.181   -1.501  7.308   1.00 30.50  ? 37  LYS D N   1 
ATOM   293  C CA  . LYS A 1 37  ? 0.511   -0.170  6.827   1.00 24.07  ? 37  LYS D CA  1 
ATOM   294  C C   . LYS A 1 37  ? 1.691   -0.227  5.864   1.00 32.71  ? 37  LYS D C   1 
ATOM   295  O O   . LYS A 1 37  ? 1.630   0.318   4.762   1.00 35.45  ? 37  LYS D O   1 
ATOM   296  C CB  . LYS A 1 37  ? 0.840   0.758   7.989   1.00 21.81  ? 37  LYS D CB  1 
ATOM   297  C CG  . LYS A 1 37  ? -0.263  0.888   9.000   1.00 19.88  ? 37  LYS D CG  1 
ATOM   298  C CD  . LYS A 1 37  ? 0.064   1.975   9.999   1.00 34.43  ? 37  LYS D CD  1 
ATOM   299  C CE  . LYS A 1 37  ? -1.106  2.224   10.936  1.00 40.87  ? 37  LYS D CE  1 
ATOM   300  N NZ  . LYS A 1 37  ? -0.784  3.297   11.911  1.00 41.51  ? 37  LYS D NZ  1 
ATOM   301  N N   . ILE A 1 38  ? 2.765   -0.894  6.277   1.00 25.17  ? 38  ILE D N   1 
ATOM   302  C CA  . ILE A 1 38  ? 3.941   -1.021  5.424   1.00 26.61  ? 38  ILE D CA  1 
ATOM   303  C C   . ILE A 1 38  ? 3.636   -1.869  4.193   1.00 27.59  ? 38  ILE D C   1 
ATOM   304  O O   . ILE A 1 38  ? 4.125   -1.583  3.102   1.00 35.25  ? 38  ILE D O   1 
ATOM   305  C CB  . ILE A 1 38  ? 5.141   -1.618  6.183   1.00 25.71  ? 38  ILE D CB  1 
ATOM   306  C CG1 . ILE A 1 38  ? 5.649   -0.633  7.236   1.00 24.77  ? 38  ILE D CG1 1 
ATOM   307  C CG2 . ILE A 1 38  ? 6.255   -1.981  5.210   1.00 20.51  ? 38  ILE D CG2 1 
ATOM   308  C CD1 . ILE A 1 38  ? 6.481   -1.276  8.321   1.00 23.89  ? 38  ILE D CD1 1 
ATOM   309  N N   . ALA A 1 39  ? 2.831   -2.911  4.373   1.00 23.34  ? 39  ALA D N   1 
ATOM   310  C CA  . ALA A 1 39  ? 2.448   -3.781  3.263   1.00 23.74  ? 39  ALA D CA  1 
ATOM   311  C C   . ALA A 1 39  ? 1.731   -2.970  2.196   1.00 31.37  ? 39  ALA D C   1 
ATOM   312  O O   . ALA A 1 39  ? 1.958   -3.154  0.999   1.00 36.90  ? 39  ALA D O   1 
ATOM   313  C CB  . ALA A 1 39  ? 1.560   -4.919  3.751   1.00 22.58  ? 39  ALA D CB  1 
ATOM   314  N N   . TYR A 1 40  ? 0.863   -2.074  2.644   1.00 28.26  ? 40  TYR D N   1 
ATOM   315  C CA  . TYR A 1 40  ? 0.154   -1.181  1.749   1.00 26.50  ? 40  TYR D CA  1 
ATOM   316  C C   . TYR A 1 40  ? 1.154   -0.342  0.947   1.00 27.68  ? 40  TYR D C   1 
ATOM   317  O O   . TYR A 1 40  ? 1.063   -0.257  -0.278  1.00 25.55  ? 40  TYR D O   1 
ATOM   318  C CB  . TYR A 1 40  ? -0.795  -0.285  2.548   1.00 24.86  ? 40  TYR D CB  1 
ATOM   319  C CG  . TYR A 1 40  ? -1.599  0.654   1.691   1.00 29.05  ? 40  TYR D CG  1 
ATOM   320  C CD1 . TYR A 1 40  ? -2.856  0.295   1.216   1.00 26.65  ? 40  TYR D CD1 1 
ATOM   321  C CD2 . TYR A 1 40  ? -1.097  1.900   1.343   1.00 31.68  ? 40  TYR D CD2 1 
ATOM   322  C CE1 . TYR A 1 40  ? -3.592  1.161   0.424   1.00 30.00  ? 40  TYR D CE1 1 
ATOM   323  C CE2 . TYR A 1 40  ? -1.819  2.764   0.551   1.00 33.25  ? 40  TYR D CE2 1 
ATOM   324  C CZ  . TYR A 1 40  ? -3.065  2.396   0.097   1.00 33.31  ? 40  TYR D CZ  1 
ATOM   325  O OH  . TYR A 1 40  ? -3.776  3.274   -0.686  1.00 26.10  ? 40  TYR D OH  1 
ATOM   326  N N   . ALA A 1 41  ? 2.113   0.264   1.644   1.00 26.20  ? 41  ALA D N   1 
ATOM   327  C CA  . ALA A 1 41  ? 3.138   1.087   1.003   1.00 25.99  ? 41  ALA D CA  1 
ATOM   328  C C   . ALA A 1 41  ? 3.939   0.308   -0.033  1.00 23.46  ? 41  ALA D C   1 
ATOM   329  O O   . ALA A 1 41  ? 4.211   0.817   -1.120  1.00 25.86  ? 41  ALA D O   1 
ATOM   330  C CB  . ALA A 1 41  ? 4.070   1.695   2.049   1.00 18.95  ? 41  ALA D CB  1 
ATOM   331  N N   . ILE A 1 42  ? 4.323   -0.918  0.312   1.00 22.31  ? 42  ILE D N   1 
ATOM   332  C CA  . ILE A 1 42  ? 5.079   -1.766  -0.605  1.00 30.93  ? 42  ILE D CA  1 
ATOM   333  C C   . ILE A 1 42  ? 4.272   -2.086  -1.865  1.00 27.70  ? 42  ILE D C   1 
ATOM   334  O O   . ILE A 1 42  ? 4.773   -1.955  -2.979  1.00 34.62  ? 42  ILE D O   1 
ATOM   335  C CB  . ILE A 1 42  ? 5.556   -3.080  0.072   1.00 31.78  ? 42  ILE D CB  1 
ATOM   336  C CG1 . ILE A 1 42  ? 6.612   -2.779  1.139   1.00 34.11  ? 42  ILE D CG1 1 
ATOM   337  C CG2 . ILE A 1 42  ? 6.114   -4.050  -0.962  1.00 25.42  ? 42  ILE D CG2 1 
ATOM   338  C CD1 . ILE A 1 42  ? 7.301   -4.013  1.696   1.00 43.72  ? 42  ILE D CD1 1 
ATOM   339  N N   . LEU A 1 43  ? 3.022   -2.498  -1.681  1.00 25.75  ? 43  LEU D N   1 
ATOM   340  C CA  . LEU A 1 43  ? 2.150   -2.826  -2.802  1.00 28.31  ? 43  LEU D CA  1 
ATOM   341  C C   . LEU A 1 43  ? 1.864   -1.599  -3.668  1.00 27.05  ? 43  LEU D C   1 
ATOM   342  O O   . LEU A 1 43  ? 1.795   -1.689  -4.894  1.00 22.30  ? 43  LEU D O   1 
ATOM   343  C CB  . LEU A 1 43  ? 0.844   -3.435  -2.287  1.00 36.02  ? 43  LEU D CB  1 
ATOM   344  C CG  . LEU A 1 43  ? 0.618   -4.936  -2.485  1.00 34.95  ? 43  LEU D CG  1 
ATOM   345  C CD1 . LEU A 1 43  ? 1.886   -5.648  -2.934  1.00 28.12  ? 43  LEU D CD1 1 
ATOM   346  C CD2 . LEU A 1 43  ? 0.068   -5.551  -1.212  1.00 25.02  ? 43  LEU D CD2 1 
ATOM   347  N N   . ARG A 1 44  ? 1.693   -0.453  -3.020  1.00 29.01  ? 44  ARG D N   1 
ATOM   348  C CA  . ARG A 1 44  ? 1.441   0.795   -3.723  1.00 23.88  ? 44  ARG D CA  1 
ATOM   349  C C   . ARG A 1 44  ? 2.539   1.062   -4.745  1.00 31.97  ? 44  ARG D C   1 
ATOM   350  O O   . ARG A 1 44  ? 2.282   1.539   -5.850  1.00 30.11  ? 44  ARG D O   1 
ATOM   351  C CB  . ARG A 1 44  ? 1.388   1.949   -2.728  1.00 23.37  ? 44  ARG D CB  1 
ATOM   352  C CG  . ARG A 1 44  ? 0.908   3.234   -3.343  1.00 32.82  ? 44  ARG D CG  1 
ATOM   353  C CD  . ARG A 1 44  ? 1.164   4.430   -2.454  1.00 37.17  ? 44  ARG D CD  1 
ATOM   354  N NE  . ARG A 1 44  ? 0.331   5.551   -2.876  1.00 42.09  ? 44  ARG D NE  1 
ATOM   355  C CZ  . ARG A 1 44  ? 0.632   6.373   -3.875  1.00 41.11  ? 44  ARG D CZ  1 
ATOM   356  N NH1 . ARG A 1 44  ? -0.198  7.359   -4.193  1.00 45.00  ? 44  ARG D NH1 1 
ATOM   357  N NH2 . ARG A 1 44  ? 1.759   6.207   -4.555  1.00 33.80  ? 44  ARG D NH2 1 
ATOM   358  N N   . ASP A 1 45  ? 3.771   0.753   -4.358  1.00 26.95  ? 45  ASP D N   1 
ATOM   359  C CA  . ASP A 1 45  ? 4.918   0.973   -5.214  1.00 22.73  ? 45  ASP D CA  1 
ATOM   360  C C   . ASP A 1 45  ? 4.862   0.128   -6.487  1.00 26.70  ? 45  ASP D C   1 
ATOM   361  O O   . ASP A 1 45  ? 5.523   0.450   -7.472  1.00 32.79  ? 45  ASP D O   1 
ATOM   362  C CB  . ASP A 1 45  ? 6.207   0.687   -4.437  1.00 34.32  ? 45  ASP D CB  1 
ATOM   363  C CG  . ASP A 1 45  ? 7.439   1.262   -5.115  1.00 39.44  ? 45  ASP D CG  1 
ATOM   364  O OD1 . ASP A 1 45  ? 7.361   2.394   -5.643  1.00 36.69  ? 45  ASP D OD1 1 
ATOM   365  O OD2 . ASP A 1 45  ? 8.482   0.577   -5.123  1.00 39.57  ? 45  ASP D OD2 1 
ATOM   366  N N   . ARG A 1 46  ? 4.070   -0.944  -6.469  1.00 39.78  ? 46  ARG D N   1 
ATOM   367  C CA  . ARG A 1 46  ? 4.000   -1.883  -7.592  1.00 26.61  ? 46  ARG D CA  1 
ATOM   368  C C   . ARG A 1 46  ? 3.041   -1.445  -8.705  1.00 32.72  ? 46  ARG D C   1 
ATOM   369  O O   . ARG A 1 46  ? 2.960   -2.100  -9.746  1.00 38.41  ? 46  ARG D O   1 
ATOM   370  C CB  . ARG A 1 46  ? 3.582   -3.280  -7.117  1.00 32.90  ? 46  ARG D CB  1 
ATOM   371  C CG  . ARG A 1 46  ? 4.063   -3.687  -5.727  1.00 43.74  ? 46  ARG D CG  1 
ATOM   372  C CD  . ARG A 1 46  ? 5.417   -4.372  -5.773  1.00 45.78  ? 46  ARG D CD  1 
ATOM   373  N NE  . ARG A 1 46  ? 5.470   -5.412  -6.797  1.00 50.12  ? 46  ARG D NE  1 
ATOM   374  C CZ  . ARG A 1 46  ? 6.532   -6.176  -7.033  1.00 49.06  ? 46  ARG D CZ  1 
ATOM   375  N NH1 . ARG A 1 46  ? 7.634   -6.023  -6.312  1.00 44.49  ? 46  ARG D NH1 1 
ATOM   376  N NH2 . ARG A 1 46  ? 6.494   -7.095  -7.990  1.00 45.74  ? 46  ARG D NH2 1 
ATOM   377  N N   . LEU A 1 47  ? 2.310   -0.357  -8.492  1.00 25.82  ? 47  LEU D N   1 
ATOM   378  C CA  . LEU A 1 47  ? 1.295   0.064   -9.458  1.00 31.61  ? 47  LEU D CA  1 
ATOM   379  C C   . LEU A 1 47  ? 1.844   0.176   -10.878 1.00 30.16  ? 47  LEU D C   1 
ATOM   380  O O   . LEU A 1 47  ? 1.203   -0.252  -11.839 1.00 35.66  ? 47  LEU D O   1 
ATOM   381  C CB  . LEU A 1 47  ? 0.644   1.385   -9.037  1.00 30.45  ? 47  LEU D CB  1 
ATOM   382  C CG  . LEU A 1 47  ? -0.263  1.314   -7.810  1.00 28.21  ? 47  LEU D CG  1 
ATOM   383  C CD1 . LEU A 1 47  ? -0.920  2.659   -7.545  1.00 27.89  ? 47  LEU D CD1 1 
ATOM   384  C CD2 . LEU A 1 47  ? -1.304  0.231   -7.992  1.00 25.05  ? 47  LEU D CD2 1 
ATOM   385  N N   . GLN A 1 48  ? 3.029   0.761   -11.000 1.00 31.38  ? 48  GLN D N   1 
ATOM   386  C CA  . GLN A 1 48  ? 3.651   0.982   -12.297 1.00 32.90  ? 48  GLN D CA  1 
ATOM   387  C C   . GLN A 1 48  ? 3.975   -0.345  -12.980 1.00 35.16  ? 48  GLN D C   1 
ATOM   388  O O   . GLN A 1 48  ? 3.877   -0.467  -14.201 1.00 35.52  ? 48  GLN D O   1 
ATOM   389  C CB  . GLN A 1 48  ? 4.927   1.804   -12.127 1.00 42.97  ? 48  GLN D CB  1 
ATOM   390  C CG  . GLN A 1 48  ? 5.145   2.848   -13.204 1.00 40.56  ? 48  GLN D CG  1 
ATOM   391  C CD  . GLN A 1 48  ? 4.891   4.257   -12.702 1.00 52.75  ? 48  GLN D CD  1 
ATOM   392  O OE1 . GLN A 1 48  ? 3.864   4.536   -12.084 1.00 53.70  ? 48  GLN D OE1 1 
ATOM   393  N NE2 . GLN A 1 48  ? 5.840   5.151   -12.954 1.00 65.83  ? 48  GLN D NE2 1 
ATOM   394  N N   . LEU A 1 49  ? 4.378   -1.333  -12.190 1.00 34.96  ? 49  LEU D N   1 
ATOM   395  C CA  . LEU A 1 49  ? 4.591   -2.672  -12.718 1.00 41.21  ? 49  LEU D CA  1 
ATOM   396  C C   . LEU A 1 49  ? 3.300   -3.180  -13.351 1.00 47.14  ? 49  LEU D C   1 
ATOM   397  O O   . LEU A 1 49  ? 3.283   -3.555  -14.520 1.00 44.66  ? 49  LEU D O   1 
ATOM   398  C CB  . LEU A 1 49  ? 5.050   -3.628  -11.614 1.00 35.15  ? 49  LEU D CB  1 
ATOM   399  C CG  . LEU A 1 49  ? 6.516   -3.584  -11.186 1.00 47.20  ? 49  LEU D CG  1 
ATOM   400  C CD1 . LEU A 1 49  ? 6.725   -4.380  -9.909  1.00 45.59  ? 49  LEU D CD1 1 
ATOM   401  C CD2 . LEU A 1 49  ? 7.412   -4.101  -12.298 1.00 52.35  ? 49  LEU D CD2 1 
ATOM   402  N N   . SER A 1 50  ? 2.218   -3.181  -12.577 1.00 39.32  ? 50  SER D N   1 
ATOM   403  C CA  . SER A 1 50  ? 0.944   -3.715  -13.045 1.00 42.13  ? 50  SER D CA  1 
ATOM   404  C C   . SER A 1 50  ? 0.552   -3.135  -14.398 1.00 46.30  ? 50  SER D C   1 
ATOM   405  O O   . SER A 1 50  ? 0.040   -3.846  -15.258 1.00 46.82  ? 50  SER D O   1 
ATOM   406  C CB  . SER A 1 50  ? -0.159  -3.474  -12.014 1.00 43.34  ? 50  SER D CB  1 
ATOM   407  O OG  . SER A 1 50  ? 0.133   -4.136  -10.796 1.00 52.50  ? 50  SER D OG  1 
ATOM   408  N N   . ILE A 1 51  ? 0.797   -1.842  -14.582 1.00 40.02  ? 51  ILE D N   1 
ATOM   409  C CA  . ILE A 1 51  ? 0.525   -1.188  -15.858 1.00 47.39  ? 51  ILE D CA  1 
ATOM   410  C C   . ILE A 1 51  ? 1.323   -1.852  -16.980 1.00 47.65  ? 51  ILE D C   1 
ATOM   411  O O   . ILE A 1 51  ? 0.810   -2.068  -18.079 1.00 51.52  ? 51  ILE D O   1 
ATOM   412  C CB  . ILE A 1 51  ? 0.860   0.315   -15.800 1.00 45.63  ? 51  ILE D CB  1 
ATOM   413  C CG1 . ILE A 1 51  ? 0.022   1.002   -14.721 1.00 43.30  ? 51  ILE D CG1 1 
ATOM   414  C CG2 . ILE A 1 51  ? 0.633   0.966   -17.156 1.00 37.49  ? 51  ILE D CG2 1 
ATOM   415  C CD1 . ILE A 1 51  ? 0.344   2.473   -14.545 1.00 34.46  ? 51  ILE D CD1 1 
ATOM   416  N N   . LYS A 1 52  ? 2.578   -2.177  -16.690 1.00 46.06  ? 52  LYS D N   1 
ATOM   417  C CA  . LYS A 1 52  ? 3.441   -2.866  -17.644 1.00 53.49  ? 52  LYS D CA  1 
ATOM   418  C C   . LYS A 1 52  ? 2.935   -4.277  -17.927 1.00 50.05  ? 52  LYS D C   1 
ATOM   419  O O   . LYS A 1 52  ? 2.853   -4.694  -19.082 1.00 58.89  ? 52  LYS D O   1 
ATOM   420  C CB  . LYS A 1 52  ? 4.878   -2.915  -17.124 1.00 46.06  ? 52  LYS D CB  1 
ATOM   421  C CG  . LYS A 1 52  ? 5.788   -3.839  -17.909 1.00 59.65  ? 52  LYS D CG  1 
ATOM   422  C CD  . LYS A 1 52  ? 7.093   -4.054  -17.167 1.00 78.34  ? 52  LYS D CD  1 
ATOM   423  C CE  . LYS A 1 52  ? 7.882   -5.206  -17.755 1.00 71.31  ? 52  LYS D CE  1 
ATOM   424  N NZ  . LYS A 1 52  ? 8.981   -5.623  -16.839 1.00 69.64  ? 52  LYS D NZ  1 
ATOM   425  N N   . ASN A 1 53  ? 2.594   -5.009  -16.869 1.00 45.75  ? 53  ASN D N   1 
ATOM   426  C CA  . ASN A 1 53  ? 1.989   -6.329  -17.013 1.00 48.19  ? 53  ASN D CA  1 
ATOM   427  C C   . ASN A 1 53  ? 0.587   -6.223  -17.608 1.00 49.35  ? 53  ASN D C   1 
ATOM   428  O O   . ASN A 1 53  ? -0.130  -7.216  -17.720 1.00 48.80  ? 53  ASN D O   1 
ATOM   429  C CB  . ASN A 1 53  ? 1.922   -7.052  -15.665 1.00 49.18  ? 53  ASN D CB  1 
ATOM   430  C CG  . ASN A 1 53  ? 3.288   -7.257  -15.042 1.00 57.04  ? 53  ASN D CG  1 
ATOM   431  O OD1 . ASN A 1 53  ? 4.315   -7.121  -15.708 1.00 58.54  ? 53  ASN D OD1 1 
ATOM   432  N ND2 . ASN A 1 53  ? 3.306   -7.593  -13.754 1.00 57.05  ? 53  ASN D ND2 1 
ATOM   433  N N   . ASN A 1 54  ? 0.207   -5.006  -17.978 1.00 52.16  ? 54  ASN D N   1 
ATOM   434  C CA  . ASN A 1 54  ? -1.116  -4.730  -18.523 1.00 54.11  ? 54  ASN D CA  1 
ATOM   435  C C   . ASN A 1 54  ? -2.244  -5.207  -17.602 1.00 62.31  ? 54  ASN D C   1 
ATOM   436  O O   . ASN A 1 54  ? -3.340  -5.535  -18.056 1.00 47.72  ? 54  ASN D O   1 
ATOM   437  C CB  . ASN A 1 54  ? -1.257  -5.330  -19.923 1.00 55.06  ? 54  ASN D CB  1 
ATOM   438  C CG  . ASN A 1 54  ? -2.306  -4.619  -20.757 1.00 76.46  ? 54  ASN D CG  1 
ATOM   439  O OD1 . ASN A 1 54  ? -2.051  -3.550  -21.315 1.00 71.29  ? 54  ASN D OD1 1 
ATOM   440  N ND2 . ASN A 1 54  ? -3.491  -5.212  -20.849 1.00 75.02  ? 54  ASN D ND2 1 
ATOM   441  N N   . TRP A 1 55  ? -1.959  -5.237  -16.303 1.00 60.03  ? 55  TRP D N   1 
ATOM   442  C CA  . TRP A 1 55  ? -2.958  -5.573  -15.300 1.00 43.25  ? 55  TRP D CA  1 
ATOM   443  C C   . TRP A 1 55  ? -3.903  -4.402  -15.088 1.00 45.47  ? 55  TRP D C   1 
ATOM   444  O O   . TRP A 1 55  ? -3.987  -3.845  -13.994 1.00 45.29  ? 55  TRP D O   1 
ATOM   445  C CB  . TRP A 1 55  ? -2.284  -5.950  -13.983 1.00 41.93  ? 55  TRP D CB  1 
ATOM   446  C CG  . TRP A 1 55  ? -1.489  -7.206  -14.071 1.00 48.98  ? 55  TRP D CG  1 
ATOM   447  C CD1 . TRP A 1 55  ? -1.419  -8.055  -15.134 1.00 47.57  ? 55  TRP D CD1 1 
ATOM   448  C CD2 . TRP A 1 55  ? -0.640  -7.760  -13.057 1.00 52.58  ? 55  TRP D CD2 1 
ATOM   449  N NE1 . TRP A 1 55  ? -0.583  -9.106  -14.847 1.00 57.95  ? 55  TRP D NE1 1 
ATOM   450  C CE2 . TRP A 1 55  ? -0.092  -8.946  -13.578 1.00 51.99  ? 55  TRP D CE2 1 
ATOM   451  C CE3 . TRP A 1 55  ? -0.295  -7.365  -11.762 1.00 49.20  ? 55  TRP D CE3 1 
ATOM   452  C CZ2 . TRP A 1 55  ? 0.786   -9.744  -12.849 1.00 51.91  ? 55  TRP D CZ2 1 
ATOM   453  C CZ3 . TRP A 1 55  ? 0.577   -8.161  -11.039 1.00 58.00  ? 55  TRP D CZ3 1 
ATOM   454  C CH2 . TRP A 1 55  ? 1.106   -9.335  -11.584 1.00 62.02  ? 55  TRP D CH2 1 
ATOM   455  N N   . ILE A 1 56  ? -4.604  -4.036  -16.153 1.00 41.68  ? 56  ILE D N   1 
ATOM   456  C CA  . ILE A 1 56  ? -5.570  -2.950  -16.117 1.00 42.37  ? 56  ILE D CA  1 
ATOM   457  C C   . ILE A 1 56  ? -6.926  -3.479  -16.579 1.00 53.09  ? 56  ILE D C   1 
ATOM   458  O O   . ILE A 1 56  ? -7.030  -4.078  -17.651 1.00 52.27  ? 56  ILE D O   1 
ATOM   459  C CB  . ILE A 1 56  ? -5.129  -1.802  -17.046 1.00 40.06  ? 56  ILE D CB  1 
ATOM   460  C CG1 . ILE A 1 56  ? -3.747  -1.287  -16.640 1.00 44.86  ? 56  ILE D CG1 1 
ATOM   461  C CG2 . ILE A 1 56  ? -6.152  -0.679  -17.041 1.00 44.55  ? 56  ILE D CG2 1 
ATOM   462  C CD1 . ILE A 1 56  ? -3.146  -0.305  -17.627 1.00 52.59  ? 56  ILE D CD1 1 
ATOM   463  N N   . ASP A 1 57  ? -7.963  -3.269  -15.775 1.00 51.61  ? 57  ASP D N   1 
ATOM   464  C CA  . ASP A 1 57  ? -9.293  -3.746  -16.142 1.00 42.45  ? 57  ASP D CA  1 
ATOM   465  C C   . ASP A 1 57  ? -9.964  -2.853  -17.187 1.00 47.67  ? 57  ASP D C   1 
ATOM   466  O O   . ASP A 1 57  ? -9.353  -1.922  -17.710 1.00 44.22  ? 57  ASP D O   1 
ATOM   467  C CB  . ASP A 1 57  ? -10.187 -3.939  -14.905 1.00 41.06  ? 57  ASP D CB  1 
ATOM   468  C CG  . ASP A 1 57  ? -10.686 -2.630  -14.319 1.00 41.26  ? 57  ASP D CG  1 
ATOM   469  O OD1 . ASP A 1 57  ? -11.023 -2.613  -13.116 1.00 37.77  ? 57  ASP D OD1 1 
ATOM   470  O OD2 . ASP A 1 57  ? -10.754 -1.625  -15.053 1.00 37.86  ? 57  ASP D OD2 1 
ATOM   471  N N   . THR A 1 58  ? -11.228 -3.147  -17.477 1.00 65.57  ? 58  THR D N   1 
ATOM   472  C CA  . THR A 1 58  ? -11.964 -2.494  -18.558 1.00 60.36  ? 58  THR D CA  1 
ATOM   473  C C   . THR A 1 58  ? -12.188 -1.006  -18.318 1.00 53.18  ? 58  THR D C   1 
ATOM   474  O O   . THR A 1 58  ? -12.349 -0.233  -19.264 1.00 50.43  ? 58  THR D O   1 
ATOM   475  C CB  . THR A 1 58  ? -13.345 -3.143  -18.754 1.00 60.51  ? 58  THR D CB  1 
ATOM   476  O OG1 . THR A 1 58  ? -13.257 -4.549  -18.495 1.00 49.88  ? 58  THR D OG1 1 
ATOM   477  C CG2 . THR A 1 58  ? -13.846 -2.905  -20.170 1.00 62.02  ? 58  THR D CG2 1 
ATOM   478  N N   . GLU A 1 59  ? -12.214 -0.615  -17.051 1.00 50.37  ? 59  GLU D N   1 
ATOM   479  C CA  . GLU A 1 59  ? -12.498 0.765   -16.678 1.00 51.00  ? 59  GLU D CA  1 
ATOM   480  C C   . GLU A 1 59  ? -11.220 1.546   -16.400 1.00 50.53  ? 59  GLU D C   1 
ATOM   481  O O   . GLU A 1 59  ? -11.265 2.726   -16.051 1.00 46.60  ? 59  GLU D O   1 
ATOM   482  C CB  . GLU A 1 59  ? -13.415 0.799   -15.459 1.00 55.63  ? 59  GLU D CB  1 
ATOM   483  C CG  . GLU A 1 59  ? -14.758 0.134   -15.695 1.00 66.30  ? 59  GLU D CG  1 
ATOM   484  C CD  . GLU A 1 59  ? -15.919 1.030   -15.320 1.00 82.39  ? 59  GLU D CD  1 
ATOM   485  O OE1 . GLU A 1 59  ? -15.809 1.760   -14.311 1.00 82.28  ? 59  GLU D OE1 1 
ATOM   486  O OE2 . GLU A 1 59  ? -16.940 1.011   -16.040 1.00 92.33  ? 59  GLU D OE2 1 
ATOM   487  N N   . GLY A 1 60  ? -10.081 0.880   -16.560 1.00 52.91  ? 60  GLY D N   1 
ATOM   488  C CA  . GLY A 1 60  ? -8.792  1.522   -16.385 1.00 53.25  ? 60  GLY D CA  1 
ATOM   489  C C   . GLY A 1 60  ? -8.198  1.348   -15.000 1.00 43.70  ? 60  GLY D C   1 
ATOM   490  O O   . GLY A 1 60  ? -7.119  1.867   -14.715 1.00 44.04  ? 60  GLY D O   1 
ATOM   491  N N   . ASN A 1 61  ? -8.904  0.622   -14.137 1.00 37.65  ? 61  ASN D N   1 
ATOM   492  C CA  . ASN A 1 61  ? -8.419  0.356   -12.787 1.00 33.29  ? 61  ASN D CA  1 
ATOM   493  C C   . ASN A 1 61  ? -7.226  -0.595  -12.793 1.00 36.53  ? 61  ASN D C   1 
ATOM   494  O O   . ASN A 1 61  ? -7.196  -1.554  -13.563 1.00 42.08  ? 61  ASN D O   1 
ATOM   495  C CB  . ASN A 1 61  ? -9.538  -0.214  -11.911 1.00 34.73  ? 61  ASN D CB  1 
ATOM   496  C CG  . ASN A 1 61  ? -10.760 0.685   -11.860 1.00 42.36  ? 61  ASN D CG  1 
ATOM   497  O OD1 . ASN A 1 61  ? -10.657 1.907   -11.976 1.00 42.75  ? 61  ASN D OD1 1 
ATOM   498  N ND2 . ASN A 1 61  ? -11.929 0.082   -11.686 1.00 50.46  ? 61  ASN D ND2 1 
ATOM   499  N N   . ILE A 1 62  ? -6.247  -0.324  -11.933 1.00 25.99  ? 62  ILE D N   1 
ATOM   500  C CA  . ILE A 1 62  ? -5.036  -1.135  -11.853 1.00 25.14  ? 62  ILE D CA  1 
ATOM   501  C C   . ILE A 1 62  ? -5.164  -2.208  -10.775 1.00 31.40  ? 62  ILE D C   1 
ATOM   502  O O   . ILE A 1 62  ? -5.542  -1.911  -9.643  1.00 34.89  ? 62  ILE D O   1 
ATOM   503  C CB  . ILE A 1 62  ? -3.799  -0.258  -11.554 1.00 30.50  ? 62  ILE D CB  1 
ATOM   504  C CG1 . ILE A 1 62  ? -3.740  0.924   -12.526 1.00 32.10  ? 62  ILE D CG1 1 
ATOM   505  C CG2 . ILE A 1 62  ? -2.520  -1.085  -11.618 1.00 21.44  ? 62  ILE D CG2 1 
ATOM   506  C CD1 . ILE A 1 62  ? -2.696  1.954   -12.173 1.00 26.87  ? 62  ILE D CD1 1 
ATOM   507  N N   . TYR A 1 63  ? -4.852  -3.454  -11.124 1.00 29.96  ? 63  TYR D N   1 
ATOM   508  C CA  . TYR A 1 63  ? -4.990  -4.559  -10.172 1.00 40.93  ? 63  TYR D CA  1 
ATOM   509  C C   . TYR A 1 63  ? -3.722  -5.401  -10.036 1.00 41.89  ? 63  TYR D C   1 
ATOM   510  O O   . TYR A 1 63  ? -2.723  -5.150  -10.708 1.00 40.39  ? 63  TYR D O   1 
ATOM   511  C CB  . TYR A 1 63  ? -6.187  -5.453  -10.528 1.00 36.68  ? 63  TYR D CB  1 
ATOM   512  C CG  . TYR A 1 63  ? -6.145  -6.041  -11.924 1.00 40.17  ? 63  TYR D CG  1 
ATOM   513  C CD1 . TYR A 1 63  ? -5.341  -7.137  -12.216 1.00 36.87  ? 63  TYR D CD1 1 
ATOM   514  C CD2 . TYR A 1 63  ? -6.925  -5.509  -12.944 1.00 43.06  ? 63  TYR D CD2 1 
ATOM   515  C CE1 . TYR A 1 63  ? -5.302  -7.675  -13.490 1.00 39.06  ? 63  TYR D CE1 1 
ATOM   516  C CE2 . TYR A 1 63  ? -6.895  -6.042  -14.219 1.00 31.52  ? 63  TYR D CE2 1 
ATOM   517  C CZ  . TYR A 1 63  ? -6.081  -7.124  -14.486 1.00 38.47  ? 63  TYR D CZ  1 
ATOM   518  O OH  . TYR A 1 63  ? -6.047  -7.658  -15.754 1.00 45.66  ? 63  TYR D OH  1 
ATOM   519  N N   . PHE A 1 64  ? -3.770  -6.395  -9.152  1.00 45.04  ? 64  PHE D N   1 
ATOM   520  C CA  . PHE A 1 64  ? -2.636  -7.285  -8.934  1.00 48.35  ? 64  PHE D CA  1 
ATOM   521  C C   . PHE A 1 64  ? -3.015  -8.752  -9.122  1.00 55.04  ? 64  PHE D C   1 
ATOM   522  O O   . PHE A 1 64  ? -4.108  -9.175  -8.748  1.00 53.14  ? 64  PHE D O   1 
ATOM   523  C CB  . PHE A 1 64  ? -2.043  -7.084  -7.535  1.00 43.45  ? 64  PHE D CB  1 
ATOM   524  C CG  . PHE A 1 64  ? -1.444  -5.725  -7.316  1.00 49.40  ? 64  PHE D CG  1 
ATOM   525  C CD1 . PHE A 1 64  ? -1.915  -4.902  -6.307  1.00 48.49  ? 64  PHE D CD1 1 
ATOM   526  C CD2 . PHE A 1 64  ? -0.415  -5.268  -8.120  1.00 50.00  ? 64  PHE D CD2 1 
ATOM   527  C CE1 . PHE A 1 64  ? -1.368  -3.654  -6.102  1.00 42.21  ? 64  PHE D CE1 1 
ATOM   528  C CE2 . PHE A 1 64  ? 0.134   -4.018  -7.919  1.00 48.12  ? 64  PHE D CE2 1 
ATOM   529  C CZ  . PHE A 1 64  ? -0.344  -3.212  -6.910  1.00 39.81  ? 64  PHE D CZ  1 
ATOM   530  N N   . ILE A 1 65  ? -2.099  -9.517  -9.705  1.00 56.53  ? 65  ILE D N   1 
ATOM   531  C CA  . ILE A 1 65  ? -2.250  -10.961 -9.818  1.00 50.67  ? 65  ILE D CA  1 
ATOM   532  C C   . ILE A 1 65  ? -1.103  -11.630 -9.076  1.00 45.64  ? 65  ILE D C   1 
ATOM   533  O O   . ILE A 1 65  ? -0.073  -11.954 -9.667  1.00 53.50  ? 65  ILE D O   1 
ATOM   534  C CB  . ILE A 1 65  ? -2.245  -11.420 -11.287 1.00 55.44  ? 65  ILE D CB  1 
ATOM   535  C CG1 . ILE A 1 65  ? -3.385  -10.751 -12.054 1.00 57.79  ? 65  ILE D CG1 1 
ATOM   536  C CG2 . ILE A 1 65  ? -2.363  -12.932 -11.375 1.00 53.92  ? 65  ILE D CG2 1 
ATOM   537  C CD1 . ILE A 1 65  ? -3.557  -11.257 -13.469 1.00 57.79  ? 65  ILE D CD1 1 
ATOM   538  N N   . TYR A 1 66  ? -1.282  -11.827 -7.775  1.00 50.68  ? 66  TYR D N   1 
ATOM   539  C CA  . TYR A 1 66  ? -0.220  -12.356 -6.928  1.00 56.40  ? 66  TYR D CA  1 
ATOM   540  C C   . TYR A 1 66  ? -0.677  -13.581 -6.138  1.00 64.01  ? 66  TYR D C   1 
ATOM   541  O O   . TYR A 1 66  ? -1.755  -13.580 -5.541  1.00 65.91  ? 66  TYR D O   1 
ATOM   542  C CB  . TYR A 1 66  ? 0.285   -11.269 -5.974  1.00 57.72  ? 66  TYR D CB  1 
ATOM   543  C CG  . TYR A 1 66  ? 1.063   -10.160 -6.652  1.00 56.33  ? 66  TYR D CG  1 
ATOM   544  C CD1 . TYR A 1 66  ? 0.997   -8.853  -6.187  1.00 55.46  ? 66  TYR D CD1 1 
ATOM   545  C CD2 . TYR A 1 66  ? 1.874   -10.423 -7.749  1.00 56.07  ? 66  TYR D CD2 1 
ATOM   546  C CE1 . TYR A 1 66  ? 1.712   -7.837  -6.800  1.00 57.04  ? 66  TYR D CE1 1 
ATOM   547  C CE2 . TYR A 1 66  ? 2.590   -9.414  -8.369  1.00 56.77  ? 66  TYR D CE2 1 
ATOM   548  C CZ  . TYR A 1 66  ? 2.506   -8.125  -7.890  1.00 59.50  ? 66  TYR D CZ  1 
ATOM   549  O OH  . TYR A 1 66  ? 3.217   -7.120  -8.505  1.00 62.91  ? 66  TYR D OH  1 
ATOM   550  N N   . THR A 1 67  ? 0.147   -14.625 -6.143  1.00 62.31  ? 67  THR D N   1 
ATOM   551  C CA  . THR A 1 67  ? -0.148  -15.837 -5.388  1.00 64.94  ? 67  THR D CA  1 
ATOM   552  C C   . THR A 1 67  ? 0.186   -15.631 -3.917  1.00 66.12  ? 67  THR D C   1 
ATOM   553  O O   . THR A 1 67  ? 0.641   -14.559 -3.519  1.00 74.72  ? 67  THR D O   1 
ATOM   554  C CB  . THR A 1 67  ? 0.668   -17.036 -5.900  1.00 65.57  ? 67  THR D CB  1 
ATOM   555  O OG1 . THR A 1 67  ? 2.006   -16.956 -5.396  1.00 63.33  ? 67  THR D OG1 1 
ATOM   556  C CG2 . THR A 1 67  ? 0.694   -17.064 -7.424  1.00 59.83  ? 67  THR D CG2 1 
ATOM   557  N N   . VAL A 1 68  ? -0.034  -16.662 -3.110  1.00 70.43  ? 68  VAL D N   1 
ATOM   558  C CA  . VAL A 1 68  ? 0.300   -16.589 -1.695  1.00 77.36  ? 68  VAL D CA  1 
ATOM   559  C C   . VAL A 1 68  ? 1.812   -16.483 -1.528  1.00 72.14  ? 68  VAL D C   1 
ATOM   560  O O   . VAL A 1 68  ? 2.299   -15.898 -0.561  1.00 76.70  ? 68  VAL D O   1 
ATOM   561  C CB  . VAL A 1 68  ? -0.204  -17.822 -0.926  1.00 84.08  ? 68  VAL D CB  1 
ATOM   562  C CG1 . VAL A 1 68  ? -0.286  -17.519 0.564   1.00 76.88  ? 68  VAL D CG1 1 
ATOM   563  C CG2 . VAL A 1 68  ? -1.561  -18.262 -1.460  1.00 84.17  ? 68  VAL D CG2 1 
ATOM   564  N N   . ALA A 1 69  ? 2.548   -17.048 -2.483  1.00 70.34  ? 69  ALA D N   1 
ATOM   565  C CA  . ALA A 1 69  ? 4.008   -17.056 -2.434  1.00 71.95  ? 69  ALA D CA  1 
ATOM   566  C C   . ALA A 1 69  ? 4.599   -15.734 -2.919  1.00 67.14  ? 69  ALA D C   1 
ATOM   567  O O   . ALA A 1 69  ? 5.594   -15.258 -2.374  1.00 61.86  ? 69  ALA D O   1 
ATOM   568  C CB  . ALA A 1 69  ? 4.567   -18.223 -3.241  1.00 64.96  ? 69  ALA D CB  1 
ATOM   569  N N   . ASP A 1 70  ? 3.989   -15.157 -3.952  1.00 66.73  ? 70  ASP D N   1 
ATOM   570  C CA  . ASP A 1 70  ? 4.405   -13.851 -4.459  1.00 68.90  ? 70  ASP D CA  1 
ATOM   571  C C   . ASP A 1 70  ? 4.409   -12.826 -3.337  1.00 59.10  ? 70  ASP D C   1 
ATOM   572  O O   . ASP A 1 70  ? 5.438   -12.232 -3.025  1.00 58.33  ? 70  ASP D O   1 
ATOM   573  C CB  . ASP A 1 70  ? 3.470   -13.376 -5.571  1.00 63.01  ? 70  ASP D CB  1 
ATOM   574  C CG  . ASP A 1 70  ? 3.609   -14.190 -6.838  1.00 72.99  ? 70  ASP D CG  1 
ATOM   575  O OD1 . ASP A 1 70  ? 4.719   -14.697 -7.104  1.00 80.05  ? 70  ASP D OD1 1 
ATOM   576  O OD2 . ASP A 1 70  ? 2.605   -14.321 -7.571  1.00 72.70  ? 70  ASP D OD2 1 
ATOM   577  N N   . LEU A 1 71  ? 3.246   -12.618 -2.736  1.00 49.75  ? 71  LEU D N   1 
ATOM   578  C CA  . LEU A 1 71  ? 3.132   -11.689 -1.628  1.00 50.07  ? 71  LEU D CA  1 
ATOM   579  C C   . LEU A 1 71  ? 4.101   -12.088 -0.524  1.00 51.55  ? 71  LEU D C   1 
ATOM   580  O O   . LEU A 1 71  ? 4.634   -11.238 0.187   1.00 53.69  ? 71  LEU D O   1 
ATOM   581  C CB  . LEU A 1 71  ? 1.696   -11.657 -1.105  1.00 54.81  ? 71  LEU D CB  1 
ATOM   582  C CG  . LEU A 1 71  ? 0.652   -11.129 -2.093  1.00 50.08  ? 71  LEU D CG  1 
ATOM   583  C CD1 . LEU A 1 71  ? -0.740  -11.227 -1.503  1.00 50.54  ? 71  LEU D CD1 1 
ATOM   584  C CD2 . LEU A 1 71  ? 0.968   -9.695  -2.488  1.00 43.07  ? 71  LEU D CD2 1 
ATOM   585  N N   . GLU A 1 72  ? 4.336   -13.388 -0.397  1.00 56.62  ? 72  GLU D N   1 
ATOM   586  C CA  . GLU A 1 72  ? 5.235   -13.905 0.629   1.00 61.40  ? 72  GLU D CA  1 
ATOM   587  C C   . GLU A 1 72  ? 6.649   -13.355 0.453   1.00 57.37  ? 72  GLU D C   1 
ATOM   588  O O   . GLU A 1 72  ? 7.280   -12.925 1.420   1.00 50.70  ? 72  GLU D O   1 
ATOM   589  C CB  . GLU A 1 72  ? 5.241   -15.435 0.613   1.00 58.62  ? 72  GLU D CB  1 
ATOM   590  C CG  . GLU A 1 72  ? 5.096   -16.057 1.987   1.00 65.90  ? 72  GLU D CG  1 
ATOM   591  C CD  . GLU A 1 72  ? 4.588   -17.485 1.939   1.00 79.25  ? 72  GLU D CD  1 
ATOM   592  O OE1 . GLU A 1 72  ? 4.988   -18.237 1.022   1.00 75.05  ? 72  GLU D OE1 1 
ATOM   593  O OE2 . GLU A 1 72  ? 3.781   -17.851 2.820   1.00 74.07  ? 72  GLU D OE2 1 
ATOM   594  N N   . VAL A 1 73  ? 7.140   -13.366 -0.784  1.00 47.39  ? 73  VAL D N   1 
ATOM   595  C CA  . VAL A 1 73  ? 8.459   -12.821 -1.084  1.00 50.58  ? 73  VAL D CA  1 
ATOM   596  C C   . VAL A 1 73  ? 8.421   -11.298 -1.155  1.00 54.37  ? 73  VAL D C   1 
ATOM   597  O O   . VAL A 1 73  ? 9.335   -10.623 -0.681  1.00 52.99  ? 73  VAL D O   1 
ATOM   598  C CB  . VAL A 1 73  ? 9.027   -13.380 -2.409  1.00 58.15  ? 73  VAL D CB  1 
ATOM   599  C CG1 . VAL A 1 73  ? 7.999   -13.283 -3.522  1.00 42.47  ? 73  VAL D CG1 1 
ATOM   600  C CG2 . VAL A 1 73  ? 10.306  -12.645 -2.796  1.00 56.02  ? 73  VAL D CG2 1 
ATOM   601  N N   . ILE A 1 74  ? 7.352   -10.766 -1.743  1.00 49.37  ? 74  ILE D N   1 
ATOM   602  C CA  . ILE A 1 74  ? 7.193   -9.327  -1.920  1.00 43.44  ? 74  ILE D CA  1 
ATOM   603  C C   . ILE A 1 74  ? 7.159   -8.578  -0.594  1.00 47.81  ? 74  ILE D C   1 
ATOM   604  O O   . ILE A 1 74  ? 7.758   -7.508  -0.460  1.00 44.21  ? 74  ILE D O   1 
ATOM   605  C CB  . ILE A 1 74  ? 5.910   -8.993  -2.711  1.00 52.32  ? 74  ILE D CB  1 
ATOM   606  C CG1 . ILE A 1 74  ? 6.071   -9.387  -4.178  1.00 38.63  ? 74  ILE D CG1 1 
ATOM   607  C CG2 . ILE A 1 74  ? 5.577   -7.511  -2.599  1.00 44.90  ? 74  ILE D CG2 1 
ATOM   608  C CD1 . ILE A 1 74  ? 4.828   -9.146  -5.007  1.00 46.50  ? 74  ILE D CD1 1 
ATOM   609  N N   . LEU A 1 75  ? 6.451   -9.136  0.383   1.00 32.68  ? 75  LEU D N   1 
ATOM   610  C CA  . LEU A 1 75  ? 6.331   -8.488  1.684   1.00 43.31  ? 75  LEU D CA  1 
ATOM   611  C C   . LEU A 1 75  ? 7.294   -9.109  2.689   1.00 49.74  ? 75  LEU D C   1 
ATOM   612  O O   . LEU A 1 75  ? 7.371   -8.676  3.842   1.00 47.87  ? 75  LEU D O   1 
ATOM   613  C CB  . LEU A 1 75  ? 4.891   -8.566  2.199   1.00 44.56  ? 75  LEU D CB  1 
ATOM   614  C CG  . LEU A 1 75  ? 3.806   -8.153  1.201   1.00 49.41  ? 75  LEU D CG  1 
ATOM   615  C CD1 . LEU A 1 75  ? 2.430   -8.212  1.846   1.00 40.09  ? 75  LEU D CD1 1 
ATOM   616  C CD2 . LEU A 1 75  ? 4.079   -6.767  0.649   1.00 39.89  ? 75  LEU D CD2 1 
ATOM   617  N N   . ASN A 1 76  ? 8.030   -10.122 2.236   1.00 50.61  ? 76  ASN D N   1 
ATOM   618  C CA  . ASN A 1 76  ? 8.942   -10.871 3.092   1.00 40.73  ? 76  ASN D CA  1 
ATOM   619  C C   . ASN A 1 76  ? 8.301   -11.277 4.413   1.00 46.99  ? 76  ASN D C   1 
ATOM   620  O O   . ASN A 1 76  ? 8.693   -10.803 5.479   1.00 52.03  ? 76  ASN D O   1 
ATOM   621  C CB  . ASN A 1 76  ? 10.219  -10.079 3.361   1.00 44.82  ? 76  ASN D CB  1 
ATOM   622  C CG  . ASN A 1 76  ? 11.337  -10.952 3.892   1.00 46.70  ? 76  ASN D CG  1 
ATOM   623  O OD1 . ASN A 1 76  ? 11.635  -12.005 3.327   1.00 54.91  ? 76  ASN D OD1 1 
ATOM   624  N ND2 . ASN A 1 76  ? 11.948  -10.533 4.993   1.00 56.22  ? 76  ASN D ND2 1 
ATOM   625  N N   . CYS A 1 77  ? 7.306   -12.152 4.335   1.00 41.80  ? 77  CYS D N   1 
ATOM   626  C CA  . CYS A 1 77  ? 6.652   -12.662 5.529   1.00 46.87  ? 77  CYS D CA  1 
ATOM   627  C C   . CYS A 1 77  ? 5.917   -13.955 5.204   1.00 48.92  ? 77  CYS D C   1 
ATOM   628  O O   . CYS A 1 77  ? 5.737   -14.295 4.037   1.00 50.27  ? 77  CYS D O   1 
ATOM   629  C CB  . CYS A 1 77  ? 5.695   -11.620 6.108   1.00 50.65  ? 77  CYS D CB  1 
ATOM   630  S SG  . CYS A 1 77  ? 4.391   -11.106 4.978   1.00 66.04  ? 77  CYS D SG  1 
ATOM   631  N N   . GLY A 1 78  ? 5.501   -14.675 6.241   1.00 46.92  ? 78  GLY D N   1 
ATOM   632  C CA  . GLY A 1 78  ? 4.835   -15.952 6.062   1.00 58.43  ? 78  GLY D CA  1 
ATOM   633  C C   . GLY A 1 78  ? 3.365   -15.817 5.718   1.00 58.73  ? 78  GLY D C   1 
ATOM   634  O O   . GLY A 1 78  ? 2.757   -14.775 5.966   1.00 57.33  ? 78  GLY D O   1 
ATOM   635  N N   . ASN A 1 79  ? 2.793   -16.878 5.154   1.00 50.70  ? 79  ASN D N   1 
ATOM   636  C CA  . ASN A 1 79  ? 1.382   -16.883 4.773   1.00 62.02  ? 79  ASN D CA  1 
ATOM   637  C C   . ASN A 1 79  ? 0.431   -16.648 5.949   1.00 58.08  ? 79  ASN D C   1 
ATOM   638  O O   . ASN A 1 79  ? -0.709  -16.226 5.759   1.00 49.39  ? 79  ASN D O   1 
ATOM   639  C CB  . ASN A 1 79  ? 1.019   -18.161 4.005   1.00 67.21  ? 79  ASN D CB  1 
ATOM   640  C CG  . ASN A 1 79  ? 1.667   -19.402 4.587   1.00 68.25  ? 79  ASN D CG  1 
ATOM   641  O OD1 . ASN A 1 79  ? 1.739   -19.566 5.804   1.00 71.61  ? 79  ASN D OD1 1 
ATOM   642  N ND2 . ASN A 1 79  ? 2.151   -20.282 3.715   1.00 56.09  ? 79  ASN D ND2 1 
ATOM   643  N N   . LYS A 1 80  ? 0.905   -16.916 7.160   1.00 62.91  ? 80  LYS D N   1 
ATOM   644  C CA  . LYS A 1 80  ? 0.138   -16.610 8.361   1.00 63.94  ? 80  LYS D CA  1 
ATOM   645  C C   . LYS A 1 80  ? -0.045  -15.103 8.480   1.00 58.37  ? 80  LYS D C   1 
ATOM   646  O O   . LYS A 1 80  ? -1.143  -14.615 8.744   1.00 65.97  ? 80  LYS D O   1 
ATOM   647  C CB  . LYS A 1 80  ? 0.855   -17.145 9.603   1.00 72.56  ? 80  LYS D CB  1 
ATOM   648  C CG  . LYS A 1 80  ? 0.157   -18.314 10.288  1.00 77.28  ? 80  LYS D CG  1 
ATOM   649  C CD  . LYS A 1 80  ? -0.962  -17.846 11.207  1.00 82.48  ? 80  LYS D CD  1 
ATOM   650  C CE  . LYS A 1 80  ? -1.491  -18.994 12.056  1.00 97.59  ? 80  LYS D CE  1 
ATOM   651  N NZ  . LYS A 1 80  ? -2.477  -18.538 13.078  1.00 96.75  ? 80  LYS D NZ  1 
ATOM   652  N N   . LYS A 1 81  ? 1.044   -14.372 8.271   1.00 60.26  ? 81  LYS D N   1 
ATOM   653  C CA  . LYS A 1 81  ? 1.037   -12.922 8.405   1.00 53.39  ? 81  LYS D CA  1 
ATOM   654  C C   . LYS A 1 81  ? 0.271   -12.235 7.275   1.00 48.72  ? 81  LYS D C   1 
ATOM   655  O O   . LYS A 1 81  ? -0.509  -11.318 7.527   1.00 45.19  ? 81  LYS D O   1 
ATOM   656  C CB  . LYS A 1 81  ? 2.468   -12.384 8.487   1.00 52.23  ? 81  LYS D CB  1 
ATOM   657  C CG  . LYS A 1 81  ? 2.562   -10.943 8.957   1.00 56.83  ? 81  LYS D CG  1 
ATOM   658  C CD  . LYS A 1 81  ? 3.980   -10.592 9.363   1.00 61.03  ? 81  LYS D CD  1 
ATOM   659  C CE  . LYS A 1 81  ? 4.445   -11.454 10.526  1.00 73.09  ? 81  LYS D CE  1 
ATOM   660  N NZ  . LYS A 1 81  ? 5.844   -11.136 10.937  1.00 69.70  ? 81  LYS D NZ  1 
ATOM   661  N N   . ILE A 1 82  ? 0.487   -12.672 6.037   1.00 41.18  ? 82  ILE D N   1 
ATOM   662  C CA  . ILE A 1 82  ? -0.182  -12.041 4.903   1.00 42.88  ? 82  ILE D CA  1 
ATOM   663  C C   . ILE A 1 82  ? -1.694  -12.208 4.997   1.00 52.91  ? 82  ILE D C   1 
ATOM   664  O O   . ILE A 1 82  ? -2.449  -11.319 4.602   1.00 54.89  ? 82  ILE D O   1 
ATOM   665  C CB  . ILE A 1 82  ? 0.324   -12.561 3.538   1.00 46.80  ? 82  ILE D CB  1 
ATOM   666  C CG1 . ILE A 1 82  ? -0.842  -13.087 2.694   1.00 42.88  ? 82  ILE D CG1 1 
ATOM   667  C CG2 . ILE A 1 82  ? 1.389   -13.620 3.721   1.00 50.23  ? 82  ILE D CG2 1 
ATOM   668  C CD1 . ILE A 1 82  ? -0.432  -13.557 1.317   1.00 54.53  ? 82  ILE D CD1 1 
ATOM   669  N N   . THR A 1 83  ? -2.128  -13.349 5.521   1.00 60.18  ? 83  THR D N   1 
ATOM   670  C CA  . THR A 1 83  ? -3.542  -13.582 5.781   1.00 47.09  ? 83  THR D CA  1 
ATOM   671  C C   . THR A 1 83  ? -4.086  -12.478 6.681   1.00 47.52  ? 83  THR D C   1 
ATOM   672  O O   . THR A 1 83  ? -5.106  -11.855 6.376   1.00 42.35  ? 83  THR D O   1 
ATOM   673  C CB  . THR A 1 83  ? -3.768  -14.962 6.428   1.00 52.68  ? 83  THR D CB  1 
ATOM   674  O OG1 . THR A 1 83  ? -3.857  -15.959 5.402   1.00 51.59  ? 83  THR D OG1 1 
ATOM   675  C CG2 . THR A 1 83  ? -5.049  -14.975 7.247   1.00 51.61  ? 83  THR D CG2 1 
ATOM   676  N N   . LYS A 1 84  ? -3.389  -12.231 7.785   1.00 31.05  ? 84  LYS D N   1 
ATOM   677  C CA  . LYS A 1 84  ? -3.742  -11.141 8.683   1.00 43.08  ? 84  LYS D CA  1 
ATOM   678  C C   . LYS A 1 84  ? -3.705  -9.795  7.958   1.00 54.44  ? 84  LYS D C   1 
ATOM   679  O O   . LYS A 1 84  ? -4.523  -8.911  8.229   1.00 51.48  ? 84  LYS D O   1 
ATOM   680  C CB  . LYS A 1 84  ? -2.796  -11.117 9.887   1.00 35.12  ? 84  LYS D CB  1 
ATOM   681  C CG  . LYS A 1 84  ? -2.922  -9.876  10.754  1.00 39.39  ? 84  LYS D CG  1 
ATOM   682  C CD  . LYS A 1 84  ? -1.740  -9.739  11.697  1.00 45.14  ? 84  LYS D CD  1 
ATOM   683  C CE  . LYS A 1 84  ? -1.681  -8.344  12.307  1.00 54.53  ? 84  LYS D CE  1 
ATOM   684  N NZ  . LYS A 1 84  ? -0.406  -8.105  13.052  1.00 58.42  ? 84  LYS D NZ  1 
ATOM   685  N N   . ILE A 1 85  ? -2.753  -9.647  7.038   1.00 46.56  ? 85  ILE D N   1 
ATOM   686  C CA  . ILE A 1 85  ? -2.568  -8.394  6.308   1.00 46.41  ? 85  ILE D CA  1 
ATOM   687  C C   . ILE A 1 85  ? -3.742  -8.085  5.389   1.00 33.89  ? 85  ILE D C   1 
ATOM   688  O O   . ILE A 1 85  ? -4.326  -7.005  5.461   1.00 31.40  ? 85  ILE D O   1 
ATOM   689  C CB  . ILE A 1 85  ? -1.274  -8.408  5.473   1.00 39.46  ? 85  ILE D CB  1 
ATOM   690  C CG1 . ILE A 1 85  ? -0.050  -8.339  6.385   1.00 39.14  ? 85  ILE D CG1 1 
ATOM   691  C CG2 . ILE A 1 85  ? -1.265  -7.249  4.485   1.00 36.15  ? 85  ILE D CG2 1 
ATOM   692  C CD1 . ILE A 1 85  ? 1.256   -8.524  5.655   1.00 39.44  ? 85  ILE D CD1 1 
ATOM   693  N N   . LYS A 1 86  ? -4.075  -9.034  4.520   1.00 28.89  ? 86  LYS D N   1 
ATOM   694  C CA  . LYS A 1 86  ? -5.202  -8.871  3.613   1.00 38.31  ? 86  LYS D CA  1 
ATOM   695  C C   . LYS A 1 86  ? -6.475  -8.576  4.388   1.00 50.14  ? 86  LYS D C   1 
ATOM   696  O O   . LYS A 1 86  ? -7.164  -7.594  4.116   1.00 55.13  ? 86  LYS D O   1 
ATOM   697  C CB  . LYS A 1 86  ? -5.411  -10.130 2.781   1.00 30.25  ? 86  LYS D CB  1 
ATOM   698  C CG  . LYS A 1 86  ? -4.247  -10.499 1.892   1.00 36.61  ? 86  LYS D CG  1 
ATOM   699  C CD  . LYS A 1 86  ? -4.638  -11.649 0.988   1.00 47.33  ? 86  LYS D CD  1 
ATOM   700  C CE  . LYS A 1 86  ? -3.495  -12.066 0.091   1.00 63.58  ? 86  LYS D CE  1 
ATOM   701  N NZ  . LYS A 1 86  ? -3.896  -13.144 -0.860  1.00 64.04  ? 86  LYS D NZ  1 
ATOM   702  N N   . LYS A 1 87  ? -6.785  -9.434  5.356   1.00 42.88  ? 87  LYS D N   1 
ATOM   703  C CA  . LYS A 1 87  ? -8.001  -9.287  6.142   1.00 44.88  ? 87  LYS D CA  1 
ATOM   704  C C   . LYS A 1 87  ? -8.067  -7.916  6.795   1.00 38.30  ? 87  LYS D C   1 
ATOM   705  O O   . LYS A 1 87  ? -9.141  -7.323  6.912   1.00 37.49  ? 87  LYS D O   1 
ATOM   706  C CB  . LYS A 1 87  ? -8.099  -10.385 7.204   1.00 61.15  ? 87  LYS D CB  1 
ATOM   707  C CG  . LYS A 1 87  ? -8.395  -11.762 6.631   1.00 73.33  ? 87  LYS D CG  1 
ATOM   708  C CD  . LYS A 1 87  ? -8.476  -12.824 7.713   1.00 78.05  ? 87  LYS D CD  1 
ATOM   709  C CE  . LYS A 1 87  ? -8.666  -14.203 7.100   1.00 65.76  ? 87  LYS D CE  1 
ATOM   710  N NZ  . LYS A 1 87  ? -8.597  -15.290 8.111   1.00 58.08  ? 87  LYS D NZ  1 
ATOM   711  N N   . GLU A 1 88  ? -6.912  -7.418  7.218   1.00 34.41  ? 88  GLU D N   1 
ATOM   712  C CA  . GLU A 1 88  ? -6.835  -6.111  7.860   1.00 34.30  ? 88  GLU D CA  1 
ATOM   713  C C   . GLU A 1 88  ? -7.117  -4.982  6.877   1.00 33.70  ? 88  GLU D C   1 
ATOM   714  O O   . GLU A 1 88  ? -7.859  -4.055  7.190   1.00 39.47  ? 88  GLU D O   1 
ATOM   715  C CB  . GLU A 1 88  ? -5.465  -5.913  8.501   1.00 33.95  ? 88  GLU D CB  1 
ATOM   716  C CG  . GLU A 1 88  ? -5.499  -5.865  10.010  1.00 37.54  ? 88  GLU D CG  1 
ATOM   717  C CD  . GLU A 1 88  ? -4.122  -5.699  10.612  1.00 48.48  ? 88  GLU D CD  1 
ATOM   718  O OE1 . GLU A 1 88  ? -3.150  -6.219  10.023  1.00 52.85  ? 88  GLU D OE1 1 
ATOM   719  O OE2 . GLU A 1 88  ? -4.012  -5.046  11.671  1.00 57.72  ? 88  GLU D OE2 1 
ATOM   720  N N   . LEU A 1 89  ? -6.519  -5.066  5.692   1.00 30.24  ? 89  LEU D N   1 
ATOM   721  C CA  . LEU A 1 89  ? -6.668  -4.014  4.694   1.00 34.04  ? 89  LEU D CA  1 
ATOM   722  C C   . LEU A 1 89  ? -8.080  -3.993  4.114   1.00 35.90  ? 89  LEU D C   1 
ATOM   723  O O   . LEU A 1 89  ? -8.632  -2.924  3.863   1.00 34.00  ? 89  LEU D O   1 
ATOM   724  C CB  . LEU A 1 89  ? -5.624  -4.150  3.579   1.00 30.35  ? 89  LEU D CB  1 
ATOM   725  C CG  . LEU A 1 89  ? -4.141  -4.063  3.967   1.00 29.84  ? 89  LEU D CG  1 
ATOM   726  C CD1 . LEU A 1 89  ? -3.253  -4.287  2.743   1.00 24.52  ? 89  LEU D CD1 1 
ATOM   727  C CD2 . LEU A 1 89  ? -3.803  -2.741  4.643   1.00 11.83  ? 89  LEU D CD2 1 
ATOM   728  N N   . GLU A 1 90  ? -8.663  -5.172  3.913   1.00 37.15  ? 90  GLU D N   1 
ATOM   729  C CA  . GLU A 1 90  ? -10.030 -5.281  3.399   1.00 39.76  ? 90  GLU D CA  1 
ATOM   730  C C   . GLU A 1 90  ? -11.056 -4.736  4.389   1.00 31.19  ? 90  GLU D C   1 
ATOM   731  O O   . GLU A 1 90  ? -12.013 -4.067  4.004   1.00 34.61  ? 90  GLU D O   1 
ATOM   732  C CB  . GLU A 1 90  ? -10.358 -6.732  3.038   1.00 36.37  ? 90  GLU D CB  1 
ATOM   733  C CG  . GLU A 1 90  ? -9.541  -7.274  1.877   1.00 57.78  ? 90  GLU D CG  1 
ATOM   734  C CD  . GLU A 1 90  ? -9.829  -8.733  1.583   1.00 69.73  ? 90  GLU D CD  1 
ATOM   735  O OE1 . GLU A 1 90  ? -10.167 -9.048  0.422   1.00 75.38  ? 90  GLU D OE1 1 
ATOM   736  O OE2 . GLU A 1 90  ? -9.708  -9.565  2.507   1.00 74.92  ? 90  GLU D OE2 1 
ATOM   737  N N   . ASN A 1 91  ? -10.842 -5.025  5.666   1.00 36.02  ? 91  ASN D N   1 
ATOM   738  C CA  . ASN A 1 91  ? -11.718 -4.556  6.728   1.00 31.50  ? 91  ASN D CA  1 
ATOM   739  C C   . ASN A 1 91  ? -11.854 -3.034  6.735   1.00 33.58  ? 91  ASN D C   1 
ATOM   740  O O   . ASN A 1 91  ? -12.851 -2.496  7.216   1.00 40.20  ? 91  ASN D O   1 
ATOM   741  C CB  . ASN A 1 91  ? -11.211 -5.062  8.084   1.00 37.40  ? 91  ASN D CB  1 
ATOM   742  C CG  . ASN A 1 91  ? -12.159 -4.738  9.227   1.00 45.09  ? 91  ASN D CG  1 
ATOM   743  O OD1 . ASN A 1 91  ? -13.197 -5.378  9.388   1.00 60.44  ? 91  ASN D OD1 1 
ATOM   744  N ND2 . ASN A 1 91  ? -11.797 -3.749  10.035  1.00 45.60  ? 91  ASN D ND2 1 
ATOM   745  N N   . VAL A 1 92  ? -10.852 -2.346  6.194   1.00 39.63  ? 92  VAL D N   1 
ATOM   746  C CA  . VAL A 1 92  ? -10.859 -0.884  6.144   1.00 30.07  ? 92  VAL D CA  1 
ATOM   747  C C   . VAL A 1 92  ? -10.996 -0.347  4.720   1.00 28.08  ? 92  VAL D C   1 
ATOM   748  O O   . VAL A 1 92  ? -10.752 0.834   4.468   1.00 38.85  ? 92  VAL D O   1 
ATOM   749  C CB  . VAL A 1 92  ? -9.600  -0.283  6.807   1.00 33.29  ? 92  VAL D CB  1 
ATOM   750  C CG1 . VAL A 1 92  ? -9.720  -0.334  8.317   1.00 33.57  ? 92  VAL D CG1 1 
ATOM   751  C CG2 . VAL A 1 92  ? -8.346  -1.009  6.336   1.00 33.34  ? 92  VAL D CG2 1 
ATOM   752  N N   . ASP A 1 93  ? -11.385 -1.221  3.796   1.00 28.96  ? 93  ASP D N   1 
ATOM   753  C CA  . ASP A 1 93  ? -11.604 -0.840  2.400   1.00 37.47  ? 93  ASP D CA  1 
ATOM   754  C C   . ASP A 1 93  ? -10.346 -0.298  1.723   1.00 39.75  ? 93  ASP D C   1 
ATOM   755  O O   . ASP A 1 93  ? -10.420 0.589   0.873   1.00 43.26  ? 93  ASP D O   1 
ATOM   756  C CB  . ASP A 1 93  ? -12.741 0.181   2.289   1.00 45.18  ? 93  ASP D CB  1 
ATOM   757  C CG  . ASP A 1 93  ? -14.088 -0.400  2.679   1.00 49.39  ? 93  ASP D CG  1 
ATOM   758  O OD1 . ASP A 1 93  ? -14.354 -1.573  2.339   1.00 48.71  ? 93  ASP D OD1 1 
ATOM   759  O OD2 . ASP A 1 93  ? -14.877 0.316   3.329   1.00 48.10  ? 93  ASP D OD2 1 
ATOM   760  N N   . LEU A 1 94  ? -9.195  -0.838  2.105   1.00 36.85  ? 94  LEU D N   1 
ATOM   761  C CA  . LEU A 1 94  ? -7.924  -0.442  1.513   1.00 27.34  ? 94  LEU D CA  1 
ATOM   762  C C   . LEU A 1 94  ? -7.512  -1.461  0.459   1.00 27.90  ? 94  LEU D C   1 
ATOM   763  O O   . LEU A 1 94  ? -6.567  -1.244  -0.293  1.00 23.13  ? 94  LEU D O   1 
ATOM   764  C CB  . LEU A 1 94  ? -6.851  -0.339  2.594   1.00 23.08  ? 94  LEU D CB  1 
ATOM   765  C CG  . LEU A 1 94  ? -6.224  1.027   2.870   1.00 26.67  ? 94  LEU D CG  1 
ATOM   766  C CD1 . LEU A 1 94  ? -7.202  2.167   2.638   1.00 25.32  ? 94  LEU D CD1 1 
ATOM   767  C CD2 . LEU A 1 94  ? -5.666  1.061   4.288   1.00 30.97  ? 94  LEU D CD2 1 
ATOM   768  N N   . LEU A 1 95  ? -8.239  -2.573  0.410   1.00 34.17  ? 95  LEU D N   1 
ATOM   769  C CA  . LEU A 1 95  ? -7.951  -3.646  -0.536  1.00 39.99  ? 95  LEU D CA  1 
ATOM   770  C C   . LEU A 1 95  ? -9.241  -4.359  -0.933  1.00 34.38  ? 95  LEU D C   1 
ATOM   771  O O   . LEU A 1 95  ? -10.150 -4.514  -0.117  1.00 43.24  ? 95  LEU D O   1 
ATOM   772  C CB  . LEU A 1 95  ? -6.955  -4.638  0.082   1.00 35.09  ? 95  LEU D CB  1 
ATOM   773  C CG  . LEU A 1 95  ? -6.249  -5.681  -0.793  1.00 34.30  ? 95  LEU D CG  1 
ATOM   774  C CD1 . LEU A 1 95  ? -5.168  -6.387  0.008   1.00 45.07  ? 95  LEU D CD1 1 
ATOM   775  C CD2 . LEU A 1 95  ? -7.214  -6.699  -1.363  1.00 52.46  ? 95  LEU D CD2 1 
ATOM   776  N N   . ILE A 1 96  ? -9.321  -4.786  -2.188  1.00 37.10  ? 96  ILE D N   1 
ATOM   777  C CA  . ILE A 1 96  ? -10.442 -5.595  -2.652  1.00 42.24  ? 96  ILE D CA  1 
ATOM   778  C C   . ILE A 1 96  ? -9.944  -6.871  -3.318  1.00 48.62  ? 96  ILE D C   1 
ATOM   779  O O   . ILE A 1 96  ? -9.217  -6.817  -4.309  1.00 45.01  ? 96  ILE D O   1 
ATOM   780  C CB  . ILE A 1 96  ? -11.327 -4.833  -3.656  1.00 44.85  ? 96  ILE D CB  1 
ATOM   781  C CG1 . ILE A 1 96  ? -12.054 -3.683  -2.962  1.00 52.41  ? 96  ILE D CG1 1 
ATOM   782  C CG2 . ILE A 1 96  ? -12.336 -5.771  -4.293  1.00 45.08  ? 96  ILE D CG2 1 
ATOM   783  C CD1 . ILE A 1 96  ? -13.029 -2.951  -3.862  1.00 57.55  ? 96  ILE D CD1 1 
ATOM   784  N N   . GLN A 1 97  ? -10.330 -8.018  -2.769  1.00 69.98  ? 97  GLN D N   1 
ATOM   785  C CA  . GLN A 1 97  ? -10.012 -9.299  -3.390  1.00 63.39  ? 97  GLN D CA  1 
ATOM   786  C C   . GLN A 1 97  ? -11.192 -9.806  -4.213  1.00 63.20  ? 97  GLN D C   1 
ATOM   787  O O   . GLN A 1 97  ? -11.940 -10.672 -3.765  1.00 76.88  ? 97  GLN D O   1 
ATOM   788  C CB  . GLN A 1 97  ? -9.620  -10.344 -2.338  1.00 57.78  ? 97  GLN D CB  1 
ATOM   789  C CG  . GLN A 1 97  ? -8.271  -10.096 -1.682  1.00 67.81  ? 97  GLN D CG  1 
ATOM   790  C CD  . GLN A 1 97  ? -7.821  -11.245 -0.793  1.00 68.99  ? 97  GLN D CD  1 
ATOM   791  O OE1 . GLN A 1 97  ? -6.888  -11.978 -1.129  1.00 53.64  ? 97  GLN D OE1 1 
ATOM   792  N NE2 . GLN A 1 97  ? -8.477  -11.400 0.353   1.00 62.15  ? 97  GLN D NE2 1 
ATOM   793  N N   . LYS A 1 98  ? -11.367 -9.252  -5.409  1.00 56.69  ? 98  LYS D N   1 
ATOM   794  C CA  . LYS A 1 98  ? -12.386 -9.745  -6.325  1.00 57.17  ? 98  LYS D CA  1 
ATOM   795  C C   . LYS A 1 98  ? -11.893 -11.016 -7.005  1.00 70.74  ? 98  LYS D C   1 
ATOM   796  O O   . LYS A 1 98  ? -11.398 -10.979 -8.134  1.00 64.73  ? 98  LYS D O   1 
ATOM   797  C CB  . LYS A 1 98  ? -12.761 -8.689  -7.371  1.00 64.16  ? 98  LYS D CB  1 
ATOM   798  C CG  . LYS A 1 98  ? -13.790 -7.662  -6.896  1.00 62.38  ? 98  LYS D CG  1 
ATOM   799  C CD  . LYS A 1 98  ? -14.425 -6.933  -8.075  1.00 57.75  ? 98  LYS D CD  1 
ATOM   800  C CE  . LYS A 1 98  ? -15.505 -5.949  -7.631  1.00 68.76  ? 98  LYS D CE  1 
ATOM   801  N NZ  . LYS A 1 98  ? -14.955 -4.641  -7.167  1.00 39.44  ? 98  LYS D NZ  1 
ATOM   802  N N   . ARG A 1 99  ? -12.031 -12.135 -6.299  1.00 78.57  ? 99  ARG D N   1 
ATOM   803  C CA  . ARG A 1 99  ? -11.615 -13.443 -6.795  1.00 81.37  ? 99  ARG D CA  1 
ATOM   804  C C   . ARG A 1 99  ? -12.018 -13.666 -8.250  1.00 74.27  ? 99  ARG D C   1 
ATOM   805  O O   . ARG A 1 99  ? -11.948 -14.786 -8.759  1.00 54.24  ? 99  ARG D O   1 
ATOM   806  C CB  . ARG A 1 99  ? -12.188 -14.546 -5.911  1.00 77.11  ? 99  ARG D CB  1 
ATOM   807  N N   . PRO A 1 105 ? -4.901  -17.592 -9.016  1.00 84.70  ? 105 PRO D N   1 
ATOM   808  C CA  . PRO A 1 105 ? -5.154  -16.577 -10.044 1.00 82.24  ? 105 PRO D CA  1 
ATOM   809  C C   . PRO A 1 105 ? -5.927  -15.379 -9.493  1.00 67.76  ? 105 PRO D C   1 
ATOM   810  O O   . PRO A 1 105 ? -6.605  -14.694 -10.257 1.00 64.94  ? 105 PRO D O   1 
ATOM   811  C CB  . PRO A 1 105 ? -6.021  -17.323 -11.066 1.00 87.35  ? 105 PRO D CB  1 
ATOM   812  C CG  . PRO A 1 105 ? -5.773  -18.778 -10.809 1.00 69.89  ? 105 PRO D CG  1 
ATOM   813  C CD  . PRO A 1 105 ? -5.536  -18.881 -9.339  1.00 75.95  ? 105 PRO D CD  1 
ATOM   814  N N   . ASN A 1 106 ? -5.824  -15.136 -8.189  1.00 59.65  ? 106 ASN D N   1 
ATOM   815  C CA  . ASN A 1 106 ? -6.579  -14.068 -7.533  1.00 63.69  ? 106 ASN D CA  1 
ATOM   816  C C   . ASN A 1 106 ? -6.325  -12.679 -8.121  1.00 69.40  ? 106 ASN D C   1 
ATOM   817  O O   . ASN A 1 106 ? -5.254  -12.409 -8.663  1.00 72.21  ? 106 ASN D O   1 
ATOM   818  C CB  . ASN A 1 106 ? -6.252  -14.021 -6.039  1.00 67.44  ? 106 ASN D CB  1 
ATOM   819  C CG  . ASN A 1 106 ? -7.433  -14.413 -5.172  1.00 73.02  ? 106 ASN D CG  1 
ATOM   820  O OD1 . ASN A 1 106 ? -8.572  -14.040 -5.453  1.00 79.32  ? 106 ASN D OD1 1 
ATOM   821  N ND2 . ASN A 1 106 ? -7.163  -15.168 -4.113  1.00 87.67  ? 106 ASN D ND2 1 
ATOM   822  N N   . LEU A 1 107 ? -7.320  -11.802 -8.006  1.00 50.45  ? 107 LEU D N   1 
ATOM   823  C CA  . LEU A 1 107 ? -7.147  -10.395 -8.354  1.00 44.97  ? 107 LEU D CA  1 
ATOM   824  C C   . LEU A 1 107 ? -7.249  -9.503  -7.121  1.00 54.90  ? 107 LEU D C   1 
ATOM   825  O O   . LEU A 1 107 ? -8.223  -9.570  -6.369  1.00 56.59  ? 107 LEU D O   1 
ATOM   826  C CB  . LEU A 1 107 ? -8.162  -9.943  -9.406  1.00 42.61  ? 107 LEU D CB  1 
ATOM   827  C CG  . LEU A 1 107 ? -7.948  -10.416 -10.845 1.00 57.71  ? 107 LEU D CG  1 
ATOM   828  C CD1 . LEU A 1 107 ? -8.462  -9.367  -11.821 1.00 38.99  ? 107 LEU D CD1 1 
ATOM   829  C CD2 . LEU A 1 107 ? -6.483  -10.708 -11.105 1.00 55.54  ? 107 LEU D CD2 1 
ATOM   830  N N   . LEU A 1 108 ? -6.234  -8.669  -6.922  1.00 48.42  ? 108 LEU D N   1 
ATOM   831  C CA  . LEU A 1 108 ? -6.220  -7.722  -5.816  1.00 42.22  ? 108 LEU D CA  1 
ATOM   832  C C   . LEU A 1 108 ? -6.326  -6.302  -6.353  1.00 45.37  ? 108 LEU D C   1 
ATOM   833  O O   . LEU A 1 108 ? -5.632  -5.937  -7.301  1.00 48.26  ? 108 LEU D O   1 
ATOM   834  C CB  . LEU A 1 108 ? -4.933  -7.873  -5.010  1.00 46.64  ? 108 LEU D CB  1 
ATOM   835  C CG  . LEU A 1 108 ? -4.646  -9.271  -4.468  1.00 50.84  ? 108 LEU D CG  1 
ATOM   836  C CD1 . LEU A 1 108 ? -3.162  -9.456  -4.198  1.00 61.37  ? 108 LEU D CD1 1 
ATOM   837  C CD2 . LEU A 1 108 ? -5.457  -9.518  -3.218  1.00 54.51  ? 108 LEU D CD2 1 
ATOM   838  N N   . TYR A 1 109 ? -7.210  -5.512  -5.754  1.00 45.66  ? 109 TYR D N   1 
ATOM   839  C CA  . TYR A 1 109 ? -7.326  -4.096  -6.076  1.00 39.05  ? 109 TYR D CA  1 
ATOM   840  C C   . TYR A 1 109 ? -6.908  -3.286  -4.863  1.00 36.99  ? 109 TYR D C   1 
ATOM   841  O O   . TYR A 1 109 ? -7.576  -3.326  -3.833  1.00 36.02  ? 109 TYR D O   1 
ATOM   842  C CB  . TYR A 1 109 ? -8.770  -3.727  -6.439  1.00 47.50  ? 109 TYR D CB  1 
ATOM   843  C CG  . TYR A 1 109 ? -9.187  -4.036  -7.863  1.00 45.32  ? 109 TYR D CG  1 
ATOM   844  C CD1 . TYR A 1 109 ? -10.019 -5.113  -8.143  1.00 59.92  ? 109 TYR D CD1 1 
ATOM   845  C CD2 . TYR A 1 109 ? -8.772  -3.238  -8.922  1.00 40.99  ? 109 TYR D CD2 1 
ATOM   846  C CE1 . TYR A 1 109 ? -10.414 -5.396  -9.439  1.00 51.26  ? 109 TYR D CE1 1 
ATOM   847  C CE2 . TYR A 1 109 ? -9.158  -3.515  -10.222 1.00 43.29  ? 109 TYR D CE2 1 
ATOM   848  C CZ  . TYR A 1 109 ? -9.979  -4.597  -10.473 1.00 54.47  ? 109 TYR D CZ  1 
ATOM   849  O OH  . TYR A 1 109 ? -10.371 -4.881  -11.762 1.00 59.46  ? 109 TYR D OH  1 
ATOM   850  N N   . LEU A 1 110 ? -5.798  -2.563  -4.973  1.00 31.30  ? 110 LEU D N   1 
ATOM   851  C CA  . LEU A 1 110 ? -5.448  -1.592  -3.947  1.00 26.07  ? 110 LEU D CA  1 
ATOM   852  C C   . LEU A 1 110 ? -6.389  -0.401  -4.074  1.00 28.98  ? 110 LEU D C   1 
ATOM   853  O O   . LEU A 1 110 ? -6.756  0.004   -5.183  1.00 24.84  ? 110 LEU D O   1 
ATOM   854  C CB  . LEU A 1 110 ? -3.996  -1.126  -4.081  1.00 29.14  ? 110 LEU D CB  1 
ATOM   855  C CG  . LEU A 1 110 ? -3.014  -1.502  -2.969  1.00 30.25  ? 110 LEU D CG  1 
ATOM   856  C CD1 . LEU A 1 110 ? -1.867  -0.517  -2.947  1.00 31.99  ? 110 LEU D CD1 1 
ATOM   857  C CD2 . LEU A 1 110 ? -3.699  -1.528  -1.621  1.00 31.59  ? 110 LEU D CD2 1 
ATOM   858  N N   . LEU A 1 111 ? -6.787  0.153   -2.940  1.00 19.82  ? 111 LEU D N   1 
ATOM   859  C CA  . LEU A 1 111 ? -7.624  1.337   -2.948  1.00 26.67  ? 111 LEU D CA  1 
ATOM   860  C C   . LEU A 1 111 ? -6.921  2.462   -2.202  1.00 29.39  ? 111 LEU D C   1 
ATOM   861  O O   . LEU A 1 111 ? -6.161  2.220   -1.262  1.00 22.94  ? 111 LEU D O   1 
ATOM   862  C CB  . LEU A 1 111 ? -8.979  1.034   -2.312  1.00 31.53  ? 111 LEU D CB  1 
ATOM   863  C CG  . LEU A 1 111 ? -9.705  -0.185  -2.891  1.00 35.09  ? 111 LEU D CG  1 
ATOM   864  C CD1 . LEU A 1 111 ? -10.975 -0.493  -2.112  1.00 34.19  ? 111 LEU D CD1 1 
ATOM   865  C CD2 . LEU A 1 111 ? -10.009 0.016   -4.363  1.00 27.80  ? 111 LEU D CD2 1 
ATOM   866  N N   . LYS A 1 112 ? -7.159  3.695   -2.630  1.00 25.58  ? 112 LYS D N   1 
ATOM   867  C CA  . LYS A 1 112 ? -6.600  4.841   -1.938  1.00 30.49  ? 112 LYS D CA  1 
ATOM   868  C C   . LYS A 1 112 ? -7.427  5.113   -0.693  1.00 28.91  ? 112 LYS D C   1 
ATOM   869  O O   . LYS A 1 112 ? -8.616  4.804   -0.654  1.00 39.82  ? 112 LYS D O   1 
ATOM   870  C CB  . LYS A 1 112 ? -6.556  6.064   -2.854  1.00 30.39  ? 112 LYS D CB  1 
ATOM   871  C CG  . LYS A 1 112 ? -7.475  5.968   -4.053  1.00 45.14  ? 112 LYS D CG  1 
ATOM   872  C CD  . LYS A 1 112 ? -7.443  7.236   -4.888  1.00 50.77  ? 112 LYS D CD  1 
ATOM   873  C CE  . LYS A 1 112 ? -6.107  7.427   -5.571  1.00 37.28  ? 112 LYS D CE  1 
ATOM   874  N NZ  . LYS A 1 112 ? -6.146  8.582   -6.511  1.00 45.40  ? 112 LYS D NZ  1 
ATOM   875  N N   . PRO A 1 113 ? -6.796  5.678   0.339   1.00 30.90  ? 113 PRO D N   1 
ATOM   876  C CA  . PRO A 1 113 ? -7.461  5.919   1.620   1.00 26.49  ? 113 PRO D CA  1 
ATOM   877  C C   . PRO A 1 113 ? -8.488  7.041   1.550   1.00 35.48  ? 113 PRO D C   1 
ATOM   878  O O   . PRO A 1 113 ? -8.543  7.789   0.573   1.00 36.53  ? 113 PRO D O   1 
ATOM   879  C CB  . PRO A 1 113 ? -6.309  6.332   2.533   1.00 34.92  ? 113 PRO D CB  1 
ATOM   880  C CG  . PRO A 1 113 ? -5.292  6.920   1.607   1.00 28.97  ? 113 PRO D CG  1 
ATOM   881  C CD  . PRO A 1 113 ? -5.395  6.142   0.336   1.00 22.63  ? 113 PRO D CD  1 
ATOM   882  N N   . ALA A 1 114 ? -9.299  7.150   2.594   1.00 35.42  ? 114 ALA D N   1 
ATOM   883  C CA  . ALA A 1 114 ? -10.243 8.245   2.705   1.00 34.86  ? 114 ALA D CA  1 
ATOM   884  C C   . ALA A 1 114 ? -9.613  9.405   3.466   1.00 35.48  ? 114 ALA D C   1 
ATOM   885  O O   . ALA A 1 114 ? -8.628  9.232   4.185   1.00 39.66  ? 114 ALA D O   1 
ATOM   886  C CB  . ALA A 1 114 ? -11.515 7.778   3.392   1.00 30.81  ? 114 ALA D CB  1 
ATOM   887  N N   . ILE A 1 115 ? -10.181 10.589  3.294   1.00 41.85  ? 115 ILE D N   1 
ATOM   888  C CA  . ILE A 1 115 ? -9.719  11.770  4.001   1.00 39.17  ? 115 ILE D CA  1 
ATOM   889  C C   . ILE A 1 115 ? -10.928 12.508  4.549   1.00 46.39  ? 115 ILE D C   1 
ATOM   890  O O   . ILE A 1 115 ? -11.958 12.601  3.881   1.00 54.35  ? 115 ILE D O   1 
ATOM   891  C CB  . ILE A 1 115 ? -8.921  12.705  3.076   1.00 42.00  ? 115 ILE D CB  1 
ATOM   892  C CG1 . ILE A 1 115 ? -7.616  12.040  2.643   1.00 41.00  ? 115 ILE D CG1 1 
ATOM   893  C CG2 . ILE A 1 115 ? -8.627  14.028  3.771   1.00 34.68  ? 115 ILE D CG2 1 
ATOM   894  C CD1 . ILE A 1 115 ? -6.566  11.994  3.730   1.00 33.73  ? 115 ILE D CD1 1 
ATOM   895  N N   . THR A 1 116 ? -10.806 13.010  5.772   1.00 36.25  ? 116 THR D N   1 
ATOM   896  C CA  . THR A 1 116 ? -11.873 13.779  6.397   1.00 39.39  ? 116 THR D CA  1 
ATOM   897  C C   . THR A 1 116 ? -11.335 15.129  6.830   1.00 47.27  ? 116 THR D C   1 
ATOM   898  O O   . THR A 1 116 ? -10.124 15.307  6.955   1.00 40.97  ? 116 THR D O   1 
ATOM   899  C CB  . THR A 1 116 ? -12.433 13.075  7.639   1.00 45.32  ? 116 THR D CB  1 
ATOM   900  O OG1 . THR A 1 116 ? -11.436 13.056  8.672   1.00 49.55  ? 116 THR D OG1 1 
ATOM   901  C CG2 . THR A 1 116 ? -12.868 11.649  7.302   1.00 29.74  ? 116 THR D CG2 1 
ATOM   902  N N   . LYS A 1 117 ? -12.239 16.077  7.061   1.00 47.75  ? 117 LYS D N   1 
ATOM   903  C CA  . LYS A 1 117 ? -11.849 17.396  7.543   1.00 51.16  ? 117 LYS D CA  1 
ATOM   904  C C   . LYS A 1 117 ? -10.949 17.288  8.772   1.00 47.17  ? 117 LYS D C   1 
ATOM   905  O O   . LYS A 1 117 ? -10.067 18.119  8.979   1.00 40.09  ? 117 LYS D O   1 
ATOM   906  C CB  . LYS A 1 117 ? -13.083 18.240  7.871   1.00 55.47  ? 117 LYS D CB  1 
ATOM   907  C CG  . LYS A 1 117 ? -13.949 18.591  6.671   1.00 74.27  ? 117 LYS D CG  1 
ATOM   908  C CD  . LYS A 1 117 ? -15.055 19.560  7.070   1.00 91.32  ? 117 LYS D CD  1 
ATOM   909  C CE  . LYS A 1 117 ? -15.970 19.890  5.901   1.00 94.94  ? 117 LYS D CE  1 
ATOM   910  N NZ  . LYS A 1 117 ? -17.004 20.894  6.282   1.00 78.08  ? 117 LYS D NZ  1 
ATOM   911  N N   . ASN A 1 118 ? -11.171 16.260  9.588   1.00 50.91  ? 118 ASN D N   1 
ATOM   912  C CA  . ASN A 1 118 ? -10.350 16.057  10.774  1.00 44.22  ? 118 ASN D CA  1 
ATOM   913  C C   . ASN A 1 118 ? -8.963  15.549  10.410  1.00 52.29  ? 118 ASN D C   1 
ATOM   914  O O   . ASN A 1 118 ? -7.967  16.009  10.964  1.00 51.49  ? 118 ASN D O   1 
ATOM   915  C CB  . ASN A 1 118 ? -11.029 15.110  11.764  1.00 57.16  ? 118 ASN D CB  1 
ATOM   916  C CG  . ASN A 1 118 ? -10.317 15.065  13.108  1.00 66.79  ? 118 ASN D CG  1 
ATOM   917  O OD1 . ASN A 1 118 ? -10.440 15.984  13.922  1.00 66.55  ? 118 ASN D OD1 1 
ATOM   918  N ND2 . ASN A 1 118 ? -9.565  13.994  13.346  1.00 55.57  ? 118 ASN D ND2 1 
ATOM   919  N N   . ASP A 1 119 ? -8.901  14.603  9.475   1.00 46.59  ? 119 ASP D N   1 
ATOM   920  C CA  . ASP A 1 119 ? -7.620  14.133  8.961   1.00 43.69  ? 119 ASP D CA  1 
ATOM   921  C C   . ASP A 1 119 ? -6.781  15.323  8.519   1.00 49.11  ? 119 ASP D C   1 
ATOM   922  O O   . ASP A 1 119 ? -5.621  15.459  8.905   1.00 42.26  ? 119 ASP D O   1 
ATOM   923  C CB  . ASP A 1 119 ? -7.823  13.169  7.791   1.00 38.90  ? 119 ASP D CB  1 
ATOM   924  C CG  . ASP A 1 119 ? -8.371  11.828  8.230   1.00 48.03  ? 119 ASP D CG  1 
ATOM   925  O OD1 . ASP A 1 119 ? -7.927  11.326  9.283   1.00 49.95  ? 119 ASP D OD1 1 
ATOM   926  O OD2 . ASP A 1 119 ? -9.245  11.277  7.526   1.00 41.72  ? 119 ASP D OD2 1 
ATOM   927  N N   . ILE A 1 120 ? -7.381  16.187  7.708   1.00 41.45  ? 120 ILE D N   1 
ATOM   928  C CA  . ILE A 1 120 ? -6.723  17.407  7.270   1.00 47.45  ? 120 ILE D CA  1 
ATOM   929  C C   . ILE A 1 120 ? -6.186  18.195  8.467   1.00 51.73  ? 120 ILE D C   1 
ATOM   930  O O   . ILE A 1 120 ? -4.988  18.470  8.551   1.00 55.90  ? 120 ILE D O   1 
ATOM   931  C CB  . ILE A 1 120 ? -7.676  18.275  6.424   1.00 46.94  ? 120 ILE D CB  1 
ATOM   932  C CG1 . ILE A 1 120 ? -8.027  17.545  5.123   1.00 44.31  ? 120 ILE D CG1 1 
ATOM   933  C CG2 . ILE A 1 120 ? -7.057  19.639  6.139   1.00 38.15  ? 120 ILE D CG2 1 
ATOM   934  C CD1 . ILE A 1 120 ? -9.173  18.166  4.345   1.00 45.65  ? 120 ILE D CD1 1 
ATOM   935  N N   . TYR A 1 121 ? -7.072  18.537  9.399   1.00 43.48  ? 121 TYR D N   1 
ATOM   936  C CA  . TYR A 1 121 ? -6.682  19.262  10.604  1.00 56.55  ? 121 TYR D CA  1 
ATOM   937  C C   . TYR A 1 121 ? -5.518  18.580  11.322  1.00 61.77  ? 121 TYR D C   1 
ATOM   938  O O   . TYR A 1 121 ? -4.500  19.209  11.621  1.00 52.44  ? 121 TYR D O   1 
ATOM   939  C CB  . TYR A 1 121 ? -7.878  19.405  11.546  1.00 53.48  ? 121 TYR D CB  1 
ATOM   940  C CG  . TYR A 1 121 ? -7.523  19.951  12.910  1.00 67.83  ? 121 TYR D CG  1 
ATOM   941  C CD1 . TYR A 1 121 ? -7.068  21.253  13.062  1.00 70.04  ? 121 TYR D CD1 1 
ATOM   942  C CD2 . TYR A 1 121 ? -7.652  19.165  14.049  1.00 65.93  ? 121 TYR D CD2 1 
ATOM   943  C CE1 . TYR A 1 121 ? -6.744  21.758  14.307  1.00 82.76  ? 121 TYR D CE1 1 
ATOM   944  C CE2 . TYR A 1 121 ? -7.331  19.661  15.300  1.00 76.80  ? 121 TYR D CE2 1 
ATOM   945  C CZ  . TYR A 1 121 ? -6.878  20.958  15.423  1.00 88.84  ? 121 TYR D CZ  1 
ATOM   946  O OH  . TYR A 1 121 ? -6.556  21.459  16.665  1.00 105.21 ? 121 TYR D OH  1 
ATOM   947  N N   . GLU A 1 122 ? -5.679  17.288  11.592  1.00 50.96  ? 122 GLU D N   1 
ATOM   948  C CA  . GLU A 1 122 ? -4.638  16.486  12.222  1.00 50.29  ? 122 GLU D CA  1 
ATOM   949  C C   . GLU A 1 122 ? -3.340  16.469  11.415  1.00 62.70  ? 122 GLU D C   1 
ATOM   950  O O   . GLU A 1 122 ? -2.257  16.668  11.969  1.00 63.55  ? 122 GLU D O   1 
ATOM   951  C CB  . GLU A 1 122 ? -5.135  15.059  12.449  1.00 45.36  ? 122 GLU D CB  1 
ATOM   952  C CG  . GLU A 1 122 ? -5.962  14.909  13.704  1.00 65.48  ? 122 GLU D CG  1 
ATOM   953  C CD  . GLU A 1 122 ? -5.203  15.356  14.935  1.00 68.03  ? 122 GLU D CD  1 
ATOM   954  O OE1 . GLU A 1 122 ? -4.096  14.827  15.178  1.00 59.26  ? 122 GLU D OE1 1 
ATOM   955  O OE2 . GLU A 1 122 ? -5.706  16.245  15.650  1.00 72.49  ? 122 GLU D OE2 1 
ATOM   956  N N   . ILE A 1 123 ? -3.451  16.226  10.112  1.00 49.88  ? 123 ILE D N   1 
ATOM   957  C CA  . ILE A 1 123 ? -2.277  16.178  9.247   1.00 51.18  ? 123 ILE D CA  1 
ATOM   958  C C   . ILE A 1 123 ? -1.513  17.503  9.261   1.00 54.99  ? 123 ILE D C   1 
ATOM   959  O O   . ILE A 1 123 ? -0.291  17.522  9.125   1.00 50.75  ? 123 ILE D O   1 
ATOM   960  C CB  . ILE A 1 123 ? -2.639  15.772  7.801   1.00 55.46  ? 123 ILE D CB  1 
ATOM   961  C CG1 . ILE A 1 123 ? -3.113  14.317  7.759   1.00 48.51  ? 123 ILE D CG1 1 
ATOM   962  C CG2 . ILE A 1 123 ? -1.444  15.948  6.877   1.00 46.22  ? 123 ILE D CG2 1 
ATOM   963  C CD1 . ILE A 1 123 ? -3.550  13.851  6.387   1.00 42.25  ? 123 ILE D CD1 1 
ATOM   964  N N   . ASP A 1 124 ? -2.233  18.607  9.435   1.00 60.59  ? 124 ASP D N   1 
ATOM   965  C CA  . ASP A 1 124 ? -1.590  19.909  9.590   1.00 63.19  ? 124 ASP D CA  1 
ATOM   966  C C   . ASP A 1 124 ? -0.805  19.957  10.894  1.00 58.67  ? 124 ASP D C   1 
ATOM   967  O O   . ASP A 1 124 ? 0.351   20.373  10.922  1.00 51.22  ? 124 ASP D O   1 
ATOM   968  C CB  . ASP A 1 124 ? -2.620  21.040  9.576   1.00 59.53  ? 124 ASP D CB  1 
ATOM   969  C CG  . ASP A 1 124 ? -3.250  21.245  8.214   1.00 66.54  ? 124 ASP D CG  1 
ATOM   970  O OD1 . ASP A 1 124 ? -2.548  21.720  7.297   1.00 77.41  ? 124 ASP D OD1 1 
ATOM   971  O OD2 . ASP A 1 124 ? -4.452  20.949  8.066   1.00 75.10  ? 124 ASP D OD2 1 
ATOM   972  N N   . LYS A 1 125 ? -1.445  19.535  11.977  1.00 59.43  ? 125 LYS D N   1 
ATOM   973  C CA  . LYS A 1 125 ? -0.803  19.548  13.281  1.00 66.74  ? 125 LYS D CA  1 
ATOM   974  C C   . LYS A 1 125 ? 0.426   18.638  13.273  1.00 64.06  ? 125 LYS D C   1 
ATOM   975  O O   . LYS A 1 125 ? 1.449   18.952  13.882  1.00 68.80  ? 125 LYS D O   1 
ATOM   976  C CB  . LYS A 1 125 ? -1.794  19.129  14.372  1.00 62.78  ? 125 LYS D CB  1 
ATOM   977  C CG  . LYS A 1 125 ? -1.770  20.007  15.624  1.00 84.97  ? 125 LYS D CG  1 
ATOM   978  C CD  . LYS A 1 125 ? -2.528  21.325  15.439  1.00 90.43  ? 125 LYS D CD  1 
ATOM   979  C CE  . LYS A 1 125 ? -1.801  22.292  14.513  1.00 92.48  ? 125 LYS D CE  1 
ATOM   980  N NZ  . LYS A 1 125 ? -0.402  22.559  14.955  1.00 80.73  ? 125 LYS D NZ  1 
ATOM   981  N N   . ALA A 1 126 ? 0.319   17.523  12.558  1.00 57.85  ? 126 ALA D N   1 
ATOM   982  C CA  . ALA A 1 126 ? 1.400   16.548  12.471  1.00 45.56  ? 126 ALA D CA  1 
ATOM   983  C C   . ALA A 1 126 ? 2.568   17.039  11.614  1.00 50.67  ? 126 ALA D C   1 
ATOM   984  O O   . ALA A 1 126 ? 3.694   16.567  11.764  1.00 59.03  ? 126 ALA D O   1 
ATOM   985  C CB  . ALA A 1 126 ? 0.871   15.224  11.938  1.00 39.87  ? 126 ALA D CB  1 
ATOM   986  N N   . GLU A 1 127 ? 2.298   17.981  10.716  1.00 56.63  ? 127 GLU D N   1 
ATOM   987  C CA  . GLU A 1 127 ? 3.325   18.489  9.810   1.00 53.85  ? 127 GLU D CA  1 
ATOM   988  C C   . GLU A 1 127 ? 3.946   19.797  10.289  1.00 53.88  ? 127 GLU D C   1 
ATOM   989  O O   . GLU A 1 127 ? 4.845   20.332  9.641   1.00 59.17  ? 127 GLU D O   1 
ATOM   990  C CB  . GLU A 1 127 ? 2.754   18.701  8.407   1.00 43.26  ? 127 GLU D CB  1 
ATOM   991  C CG  . GLU A 1 127 ? 2.489   17.433  7.617   1.00 47.81  ? 127 GLU D CG  1 
ATOM   992  C CD  . GLU A 1 127 ? 1.936   17.733  6.236   1.00 49.97  ? 127 GLU D CD  1 
ATOM   993  O OE1 . GLU A 1 127 ? 1.615   18.911  5.974   1.00 48.43  ? 127 GLU D OE1 1 
ATOM   994  O OE2 . GLU A 1 127 ? 1.825   16.799  5.414   1.00 46.12  ? 127 GLU D OE2 1 
ATOM   995  N N   . ASN A 1 128 ? 3.464   20.316  11.414  1.00 59.54  ? 128 ASN D N   1 
ATOM   996  C CA  . ASN A 1 128 ? 3.943   21.603  11.914  1.00 64.61  ? 128 ASN D CA  1 
ATOM   997  C C   . ASN A 1 128 ? 4.528   21.548  13.324  1.00 70.16  ? 128 ASN D C   1 
ATOM   998  O O   . ASN A 1 128 ? 4.486   20.509  13.984  1.00 63.93  ? 128 ASN D O   1 
ATOM   999  C CB  . ASN A 1 128 ? 2.839   22.660  11.829  1.00 68.65  ? 128 ASN D CB  1 
ATOM   1000 C CG  . ASN A 1 128 ? 2.575   23.112  10.405  1.00 72.25  ? 128 ASN D CG  1 
ATOM   1001 O OD1 . ASN A 1 128 ? 3.242   24.013  9.894   1.00 69.50  ? 128 ASN D OD1 1 
ATOM   1002 N ND2 . ASN A 1 128 ? 1.601   22.485  9.755   1.00 73.81  ? 128 ASN D ND2 1 
ATOM   1003 N N   . GLU A 1 129 ? 5.080   22.678  13.763  1.00 79.04  ? 129 GLU D N   1 
ATOM   1004 C CA  . GLU A 1 129 ? 5.703   22.807  15.081  1.00 77.80  ? 129 GLU D CA  1 
ATOM   1005 C C   . GLU A 1 129 ? 4.950   22.047  16.171  1.00 70.45  ? 129 GLU D C   1 
ATOM   1006 O O   . GLU A 1 129 ? 3.720   22.013  16.180  1.00 60.09  ? 129 GLU D O   1 
ATOM   1007 C CB  . GLU A 1 129 ? 5.802   24.286  15.474  1.00 84.34  ? 129 GLU D CB  1 
ATOM   1008 C CG  . GLU A 1 129 ? 7.220   24.809  15.659  1.00 85.91  ? 129 GLU D CG  1 
ATOM   1009 C CD  . GLU A 1 129 ? 7.951   25.004  14.346  1.00 88.29  ? 129 GLU D CD  1 
ATOM   1010 O OE1 . GLU A 1 129 ? 8.280   23.993  13.690  1.00 88.34  ? 129 GLU D OE1 1 
ATOM   1011 O OE2 . GLU A 1 129 ? 8.198   26.171  13.969  1.00 79.12  ? 129 GLU D OE2 1 
HETATM 1012 O O   . HOH B 2 .   ? -6.850  0.013   -7.537  1.00 28.31  ? 201 HOH D O   1 
HETATM 1013 O O   . HOH B 2 .   ? 4.932   2.822   -1.982  1.00 22.72  ? 202 HOH D O   1 
HETATM 1014 O O   . HOH B 2 .   ? -5.829  -3.355  13.311  1.00 44.43  ? 203 HOH D O   1 
HETATM 1015 O O   . HOH B 2 .   ? 18.293  8.849   1.913   1.00 33.85  ? 204 HOH D O   1 
HETATM 1016 O O   . HOH B 2 .   ? 16.473  8.758   4.156   1.00 22.96  ? 205 HOH D O   1 
HETATM 1017 O O   . HOH B 2 .   ? -10.871 3.429   0.547   1.00 39.04  ? 206 HOH D O   1 
HETATM 1018 O O   . HOH B 2 .   ? 4.115   4.725   -4.639  1.00 23.66  ? 207 HOH D O   1 
HETATM 1019 O O   . HOH B 2 .   ? 1.325   -2.457  14.821  1.00 42.71  ? 208 HOH D O   1 
HETATM 1020 O O   . HOH B 2 .   ? -8.471  -3.571  10.057  1.00 26.62  ? 209 HOH D O   1 
HETATM 1021 O O   . HOH B 2 .   ? -4.178  -2.349  -7.241  1.00 34.63  ? 210 HOH D O   1 
HETATM 1022 O O   . HOH B 2 .   ? 17.182  1.428   -11.718 1.00 40.89  ? 211 HOH D O   1 
HETATM 1023 O O   . HOH B 2 .   ? 24.719  11.888  -6.242  1.00 35.86  ? 212 HOH D O   1 
HETATM 1024 O O   . HOH B 2 .   ? 13.135  -3.396  -0.979  1.00 41.16  ? 213 HOH D O   1 
HETATM 1025 O O   . HOH B 2 .   ? 26.382  4.903   1.176   1.00 41.13  ? 214 HOH D O   1 
HETATM 1026 O O   . HOH B 2 .   ? 17.298  14.159  -5.363  1.00 39.84  ? 215 HOH D O   1 
HETATM 1027 O O   . HOH B 2 .   ? 27.444  16.861  -5.137  1.00 40.44  ? 216 HOH D O   1 
HETATM 1028 O O   . HOH B 2 .   ? 27.540  4.638   2.974   1.00 42.67  ? 217 HOH D O   1 
HETATM 1029 O O   . HOH B 2 .   ? -15.009 1.658   -11.887 1.00 39.87  ? 218 HOH D O   1 
HETATM 1030 O O   . HOH B 2 .   ? 16.929  3.218   -0.428  1.00 27.28  ? 219 HOH D O   1 
HETATM 1031 O O   . HOH B 2 .   ? 19.517  14.787  -6.383  1.00 46.26  ? 220 HOH D O   1 
HETATM 1032 O O   . HOH B 2 .   ? -12.694 4.186   -11.814 1.00 45.48  ? 221 HOH D O   1 
HETATM 1033 O O   . HOH B 2 .   ? 32.031  16.913  -7.462  1.00 44.46  ? 222 HOH D O   1 
HETATM 1034 O O   . HOH B 2 .   ? -8.913  -13.613 -11.482 1.00 49.20  ? 223 HOH D O   1 
HETATM 1035 O O   . HOH B 2 .   ? 3.159   17.359  2.652   1.00 36.84  ? 224 HOH D O   1 
HETATM 1036 O O   . HOH B 2 .   ? 3.988   10.778  -5.018  1.00 46.49  ? 225 HOH D O   1 
HETATM 1037 O O   . HOH B 2 .   ? 3.829   2.884   -8.626  1.00 41.33  ? 226 HOH D O   1 
HETATM 1038 O O   . HOH B 2 .   ? 8.128   -1.803  -5.747  1.00 51.13  ? 227 HOH D O   1 
HETATM 1039 O O   . HOH B 2 .   ? -14.491 10.729  4.162   1.00 41.68  ? 228 HOH D O   1 
HETATM 1040 O O   . HOH B 2 .   ? 6.181   11.211  -0.994  1.00 44.87  ? 229 HOH D O   1 
HETATM 1041 O O   . HOH B 2 .   ? 7.353   -3.279  -3.794  1.00 49.44  ? 230 HOH D O   1 
HETATM 1042 O O   . HOH B 2 .   ? -3.973  12.244  15.370  1.00 55.83  ? 231 HOH D O   1 
HETATM 1043 O O   . HOH B 2 .   ? -9.603  12.038  12.015  1.00 53.39  ? 232 HOH D O   1 
# 
